data_8VSD
#
_entry.id   8VSD
#
loop_
_entity.id
_entity.type
_entity.pdbx_description
1 polymer 'Transforming growth factor beta activator LRRC32'
2 polymer 'Integrin alpha-V heavy chain'
3 polymer 'Integrin beta-8'
4 polymer 'Transforming growth factor beta-1 proprotein'
5 branched alpha-D-mannopyranose-(1-2)-alpha-D-mannopyranose-(1-3)-[alpha-D-mannopyranose-(1-6)]beta-D-mannopyranose-(1-4)-2-acetamido-2-deoxy-beta-D-glucopyranose-(1-4)-2-acetamido-2-deoxy-beta-D-glucopyranose
6 branched 2-acetamido-2-deoxy-beta-D-glucopyranose-(1-4)-2-acetamido-2-deoxy-beta-D-glucopyranose
7 non-polymer 2-acetamido-2-deoxy-beta-D-glucopyranose
8 non-polymer 'CALCIUM ION'
9 non-polymer 'MAGNESIUM ION'
#
loop_
_entity_poly.entity_id
_entity_poly.type
_entity_poly.pdbx_seq_one_letter_code
_entity_poly.pdbx_strand_id
1 'polypeptide(L)'
;CKMVDKKVSCQVLGLLQVPSVLPPDTETLDLSGNQLRSILASPLGFYTALRHLDLSTNEISFLQPGAFQALTHLEHLSLA
HNRLAMATALSAGGLGPLPRVTSLDLSGNSLYSGLLERLLGEAPSLHTLSLAENSLTRLTRHTFRDMPALEQLDLHSNVL
MDIEDGAFEGLPRLTHLNLSRNSLTCISDFSLQQLRVLDLSCNSIEAFQTASQPQAEFQLTWLDLRENKLLHFPDLAALP
RLIYLNLSNNLIRLPTGPPQDSKGIHAPSEGWSALPLSAPSGNASGRPLSQLLNLDLSYNEIELIPDSFLEHLTSLCFLN
LSRNCLRTFEARRLGSLPCLMLLDLSHNALETLELGARALGSLRTLLLQGNALRDLPPYTFANLASLQRLNLQGNRVSPC
GGPDEPGPSGCVAFSGITSLRSLSLVDNEIELLRAGAFLHTPLTELDLSSNPGLEVATGALGGLEASLEVLALQGNGLMV
LQVDLPCFICLKRLNLAENRLSHLPAWTQAVSLEVLDLRNNSFSLLPGSAMGGLETSLRRLYLQGNPLSCCGNGWLAAQL
HQGRVD
;
I
2 'polypeptide(L)'
;FNLDVDSPAEYSGPEGSYFGFAVDFFVPSASSRMFLLVGAPKANTTQPGIVEGGQVLKCDWSSTRRCQPIEFDATGNRDY
AKDDPLEFKSHQWFGASVRSKQDKILACAPLYHWRTEMKQEREPVGTCFLQDGTKTVEYAPCRSQDIDADGQGFCQGGFS
IDFTKADRVLLGGPGSFYWQGQLISDQVAEIVSKYDPNVYSIKYNNQLATRTAQAIFDDSYLGYSVAVGDFNGDGIDDFV
SGVPRAARTLGMVYIYDGKNMSSLYNFTGEQMAAYFGFSVAATDINGDDYADVFIGAPLFMDRGSDGKLQEVGQVSVSLQ
RASGDFQTTKLNGFEVFARFGSAIAPLGDLDQDGFNDIAIAAPYGGEDKKGIVYIFNGRSTGLNAVPSQILEGQWAARSM
PPSFGYSMKGATDIDKNGYPDLIVGAFGVDRAILYRARPVITVNAGLEVYPSILNQDNKTCSLPGTALKVSCFNVRFCLK
ADGKGVLPRKLNFQVELLLDKLKQKGAIRRALFLYSRSPSHSKNMTISRGGLMQCEELIAYLRDESEFRDKLTPITIFME
YRLDYRTAADTTGLQPILNQFTPANISRQAHIL
;
A
3 'polypeptide(L)'
;INTQVTPGEVSIQLRPGAEANFMLKVHPLKKYPVDLYYLVDVSASMHNNIEKLNSVGNDLSRKMAFFSRDFRLGFGSYVD
KTVSPYISIHPERIHNQCSDYNLDCMPPHGYIHVLSLTENITEFEKAVHRQKISGNIDTPEGGFDAMLQAAVCESHIGWR
KEAKRLLLVMTDQTSHLALDSKLAGIVVPNDGNCHLKNNVYVKSTTMEHPSLGQLSEKLIDNNINVIFAVQGKQFHWYKD
LLPLLPGTIAGEIESKAANLNNLVVEAYQKLISEVKVQVENQVQGIYFNITAICPDGSRKPGMEGCRNVTSNDEVLFNVT
VTMKKCDVTGGKNYAIIKPIGFNETAKIHIHRNC
;
B
4 'polypeptide(L)'
;LSTCKTIDMELVKRKRIEAIRGQILSKLRLASPPSQGEVPPGPLPEAVLALYNSTRDRVAGESAEPEPEPEADYYAKEVT
RVLMVETHNEIYDKFKQSTHSIYMFFNTSELREAVPEPVLLSRAELRLLRLKLKVEQHVELYQKYSNNSWRYLSNRLLAP
SDSPEWLSFDVTGVVRQWLSRGGEIEGFRLSAHCSCDSRDNTLQVDINGFTTGRRGDLATIHGMNRPFLLLMATPLERAQ
HLQSSRHRRALDTNYCFSSTEKNCCVRQLYIDFRKDLGWKWIHEPKGYHANFCLGPCPYIWSLDTQYSKVLALYNQHNPG
ASAAPCCVPQALEPLPIVYYVGRKPKVEQLSNMIVRSCKCS
;
E,F
#
loop_
_chem_comp.id
_chem_comp.type
_chem_comp.name
_chem_comp.formula
BMA D-saccharide, beta linking beta-D-mannopyranose 'C6 H12 O6'
CA non-polymer 'CALCIUM ION' 'Ca 2'
MAN D-saccharide, alpha linking alpha-D-mannopyranose 'C6 H12 O6'
MG non-polymer 'MAGNESIUM ION' 'Mg 2'
NAG D-saccharide, beta linking 2-acetamido-2-deoxy-beta-D-glucopyranose 'C8 H15 N O6'
#
# COMPACT_ATOMS: atom_id res chain seq x y z
N CYS A 1 82.51 -30.67 7.38
CA CYS A 1 82.02 -29.92 8.53
C CYS A 1 83.12 -29.79 9.58
N LYS A 2 83.16 -28.64 10.25
CA LYS A 2 84.22 -28.37 11.23
C LYS A 2 84.24 -29.44 12.30
N MET A 3 85.45 -29.94 12.60
CA MET A 3 85.60 -31.11 13.44
C MET A 3 86.50 -30.79 14.63
N VAL A 4 85.96 -30.96 15.83
CA VAL A 4 86.71 -30.90 17.07
C VAL A 4 86.41 -32.16 17.87
N ASP A 5 86.92 -32.21 19.10
CA ASP A 5 86.76 -33.42 19.91
C ASP A 5 85.28 -33.69 20.17
N LYS A 6 84.75 -34.71 19.49
CA LYS A 6 83.39 -35.21 19.65
C LYS A 6 82.32 -34.16 19.34
N LYS A 7 82.67 -33.14 18.56
CA LYS A 7 81.67 -32.18 18.08
C LYS A 7 81.86 -31.98 16.58
N VAL A 8 80.77 -32.10 15.83
CA VAL A 8 80.77 -31.84 14.40
C VAL A 8 79.88 -30.63 14.18
N SER A 9 80.48 -29.44 14.17
CA SER A 9 79.74 -28.20 13.95
C SER A 9 79.65 -27.97 12.44
N CYS A 10 78.58 -28.47 11.84
CA CYS A 10 78.36 -28.22 10.43
C CYS A 10 78.06 -26.74 10.19
N GLN A 11 78.50 -26.24 9.05
CA GLN A 11 78.44 -24.82 8.76
C GLN A 11 76.99 -24.36 8.61
N VAL A 12 76.82 -23.06 8.37
CA VAL A 12 75.50 -22.45 8.45
C VAL A 12 74.67 -22.69 7.19
N LEU A 13 75.29 -23.03 6.06
CA LEU A 13 74.55 -23.18 4.82
C LEU A 13 75.29 -24.13 3.90
N GLY A 14 74.71 -24.35 2.71
CA GLY A 14 75.38 -25.10 1.67
C GLY A 14 75.34 -26.60 1.77
N LEU A 15 74.47 -27.15 2.62
CA LEU A 15 74.33 -28.60 2.77
C LEU A 15 72.93 -29.02 2.35
N LEU A 16 72.83 -30.12 1.62
CA LEU A 16 71.56 -30.65 1.16
C LEU A 16 71.28 -32.05 1.69
N GLN A 17 72.29 -32.77 2.16
CA GLN A 17 72.08 -34.09 2.74
C GLN A 17 73.00 -34.26 3.93
N VAL A 18 72.60 -35.13 4.85
CA VAL A 18 73.38 -35.42 6.05
C VAL A 18 74.70 -36.06 5.63
N PRO A 19 75.84 -35.56 6.10
CA PRO A 19 77.12 -36.18 5.74
C PRO A 19 77.22 -37.59 6.29
N SER A 20 77.84 -38.47 5.50
CA SER A 20 77.90 -39.89 5.80
C SER A 20 79.32 -40.40 6.02
N VAL A 21 80.34 -39.55 5.87
CA VAL A 21 81.72 -40.00 5.94
C VAL A 21 82.35 -39.68 7.30
N LEU A 22 81.59 -39.09 8.22
CA LEU A 22 82.13 -38.75 9.52
C LEU A 22 81.93 -39.89 10.50
N PRO A 23 82.81 -40.03 11.49
CA PRO A 23 82.81 -41.22 12.34
C PRO A 23 81.88 -41.06 13.53
N PRO A 24 81.36 -42.18 14.06
CA PRO A 24 80.38 -42.10 15.16
C PRO A 24 80.98 -41.76 16.52
N ASP A 25 82.28 -41.50 16.60
CA ASP A 25 82.89 -41.11 17.86
C ASP A 25 82.42 -39.75 18.36
N THR A 26 81.83 -38.93 17.50
CA THR A 26 81.29 -37.66 17.92
C THR A 26 80.10 -37.86 18.85
N GLU A 27 79.85 -36.86 19.70
CA GLU A 27 78.74 -36.91 20.63
C GLU A 27 77.75 -35.77 20.48
N THR A 28 78.14 -34.66 19.86
CA THR A 28 77.26 -33.51 19.67
C THR A 28 77.25 -33.16 18.19
N LEU A 29 76.05 -33.09 17.61
CA LEU A 29 75.91 -32.85 16.18
C LEU A 29 75.00 -31.66 15.94
N ASP A 30 75.34 -30.85 14.94
CA ASP A 30 74.59 -29.66 14.58
C ASP A 30 74.35 -29.65 13.08
N LEU A 31 73.11 -29.39 12.67
CA LEU A 31 72.72 -29.27 11.27
C LEU A 31 71.78 -28.10 11.07
N SER A 32 72.10 -26.96 11.67
CA SER A 32 71.23 -25.79 11.62
C SER A 32 71.54 -24.94 10.39
N GLY A 33 70.48 -24.45 9.75
CA GLY A 33 70.60 -23.53 8.65
C GLY A 33 70.85 -24.16 7.29
N ASN A 34 70.90 -25.47 7.20
CA ASN A 34 71.22 -26.14 5.95
C ASN A 34 69.95 -26.31 5.12
N GLN A 35 70.03 -27.12 4.05
CA GLN A 35 68.89 -27.32 3.17
C GLN A 35 68.49 -28.78 3.10
N LEU A 36 68.42 -29.44 4.25
CA LEU A 36 67.97 -30.82 4.32
C LEU A 36 66.46 -30.90 4.10
N ARG A 37 66.03 -31.76 3.18
CA ARG A 37 64.63 -31.87 2.84
C ARG A 37 63.90 -32.96 3.60
N SER A 38 64.57 -34.08 3.91
CA SER A 38 63.95 -35.14 4.69
C SER A 38 65.04 -35.93 5.38
N ILE A 39 64.66 -36.66 6.42
CA ILE A 39 65.59 -37.42 7.25
C ILE A 39 65.35 -38.90 7.01
N LEU A 40 66.34 -39.57 6.44
CA LEU A 40 66.29 -41.01 6.23
C LEU A 40 66.92 -41.74 7.40
N ALA A 41 66.45 -42.96 7.65
CA ALA A 41 66.92 -43.73 8.79
C ALA A 41 68.36 -44.22 8.62
N SER A 42 68.79 -44.50 7.38
CA SER A 42 70.08 -45.14 7.17
C SER A 42 71.26 -44.26 7.58
N PRO A 43 71.48 -43.09 6.98
CA PRO A 43 72.66 -42.30 7.37
C PRO A 43 72.60 -41.81 8.81
N LEU A 44 71.40 -41.61 9.35
CA LEU A 44 71.28 -41.12 10.72
C LEU A 44 71.54 -42.19 11.76
N GLY A 45 71.07 -43.42 11.52
CA GLY A 45 71.28 -44.50 12.47
C GLY A 45 72.73 -44.93 12.59
N PHE A 46 73.57 -44.51 11.65
CA PHE A 46 74.99 -44.84 11.71
C PHE A 46 75.62 -44.28 12.98
N TYR A 47 75.30 -43.04 13.34
CA TYR A 47 75.79 -42.43 14.56
C TYR A 47 75.00 -43.01 15.73
N THR A 48 75.70 -43.49 16.75
CA THR A 48 75.03 -44.04 17.93
C THR A 48 75.05 -43.06 19.10
N ALA A 49 76.25 -42.68 19.54
CA ALA A 49 76.39 -41.83 20.72
C ALA A 49 76.18 -40.37 20.33
N LEU A 50 74.93 -39.93 20.41
CA LEU A 50 74.59 -38.52 20.21
C LEU A 50 73.86 -37.99 21.44
N ARG A 51 74.22 -36.78 21.83
CA ARG A 51 73.56 -36.09 22.93
C ARG A 51 72.97 -34.74 22.55
N HIS A 52 73.27 -34.25 21.35
CA HIS A 52 72.65 -33.04 20.81
C HIS A 52 72.41 -33.27 19.33
N LEU A 53 71.21 -32.93 18.86
CA LEU A 53 70.87 -33.03 17.45
C LEU A 53 70.07 -31.79 17.09
N ASP A 54 70.77 -30.74 16.64
CA ASP A 54 70.15 -29.46 16.34
C ASP A 54 69.82 -29.43 14.85
N LEU A 55 68.55 -29.70 14.53
CA LEU A 55 68.07 -29.70 13.15
C LEU A 55 67.23 -28.46 12.86
N SER A 56 67.62 -27.32 13.41
CA SER A 56 66.87 -26.09 13.18
C SER A 56 67.06 -25.59 11.75
N THR A 57 66.08 -24.84 11.28
CA THR A 57 66.15 -24.09 10.03
C THR A 57 66.55 -24.99 8.86
N ASN A 58 65.65 -25.91 8.52
CA ASN A 58 65.82 -26.77 7.36
C ASN A 58 64.49 -26.82 6.61
N GLU A 59 64.41 -27.73 5.65
CA GLU A 59 63.18 -28.00 4.91
C GLU A 59 62.67 -29.41 5.17
N ILE A 60 62.83 -29.87 6.41
CA ILE A 60 62.44 -31.24 6.76
C ILE A 60 60.93 -31.36 6.72
N SER A 61 60.44 -32.37 5.99
CA SER A 61 59.01 -32.60 5.91
C SER A 61 58.58 -34.05 6.09
N PHE A 62 59.47 -35.03 5.90
CA PHE A 62 59.10 -36.42 6.03
C PHE A 62 60.16 -37.14 6.84
N LEU A 63 59.71 -37.94 7.81
CA LEU A 63 60.59 -38.62 8.75
C LEU A 63 60.31 -40.11 8.74
N GLN A 64 61.37 -40.91 8.69
CA GLN A 64 61.21 -42.35 8.84
C GLN A 64 60.57 -42.65 10.20
N PRO A 65 59.60 -43.56 10.24
CA PRO A 65 58.94 -43.87 11.53
C PRO A 65 59.90 -44.36 12.59
N GLY A 66 60.99 -45.03 12.21
CA GLY A 66 61.96 -45.50 13.18
C GLY A 66 63.29 -44.76 13.12
N ALA A 67 63.28 -43.53 12.60
CA ALA A 67 64.52 -42.80 12.40
C ALA A 67 65.22 -42.49 13.72
N PHE A 68 64.53 -41.79 14.62
CA PHE A 68 65.13 -41.34 15.87
C PHE A 68 65.11 -42.40 16.97
N GLN A 69 64.45 -43.53 16.76
CA GLN A 69 64.33 -44.53 17.81
C GLN A 69 65.64 -45.26 18.08
N ALA A 70 66.48 -45.44 17.08
CA ALA A 70 67.71 -46.20 17.24
C ALA A 70 68.79 -45.45 18.00
N LEU A 71 68.60 -44.16 18.28
CA LEU A 71 69.61 -43.35 18.95
C LEU A 71 69.41 -43.50 20.46
N THR A 72 70.24 -44.31 21.09
CA THR A 72 70.03 -44.67 22.49
C THR A 72 70.22 -43.48 23.42
N HIS A 73 71.22 -42.64 23.15
CA HIS A 73 71.65 -41.63 24.10
C HIS A 73 71.13 -40.22 23.75
N LEU A 74 70.19 -40.11 22.81
CA LEU A 74 69.71 -38.80 22.38
C LEU A 74 69.08 -38.03 23.54
N GLU A 75 69.72 -36.94 23.97
CA GLU A 75 69.26 -36.18 25.11
C GLU A 75 68.73 -34.80 24.76
N HIS A 76 68.87 -34.37 23.51
CA HIS A 76 68.34 -33.10 23.05
C HIS A 76 67.95 -33.26 21.58
N LEU A 77 66.89 -32.56 21.17
CA LEU A 77 66.45 -32.64 19.79
C LEU A 77 65.67 -31.37 19.47
N SER A 78 66.23 -30.53 18.60
CA SER A 78 65.61 -29.28 18.21
C SER A 78 65.16 -29.40 16.76
N LEU A 79 63.87 -29.20 16.52
CA LEU A 79 63.32 -29.21 15.18
C LEU A 79 62.60 -27.90 14.87
N ALA A 80 63.10 -26.80 15.42
CA ALA A 80 62.48 -25.50 15.20
C ALA A 80 62.68 -25.04 13.76
N HIS A 81 61.67 -24.33 13.25
CA HIS A 81 61.72 -23.72 11.92
C HIS A 81 61.93 -24.79 10.83
N ASN A 82 60.94 -25.66 10.69
CA ASN A 82 60.95 -26.71 9.69
C ASN A 82 59.58 -26.77 9.02
N ARG A 83 59.36 -27.83 8.25
CA ARG A 83 58.12 -27.98 7.50
C ARG A 83 57.44 -29.30 7.82
N LEU A 84 57.30 -29.61 9.12
CA LEU A 84 56.73 -30.88 9.52
C LEU A 84 55.24 -30.98 9.20
N ALA A 85 54.57 -29.84 9.00
CA ALA A 85 53.14 -29.84 8.72
C ALA A 85 52.79 -30.54 7.41
N MET A 86 53.72 -30.62 6.46
CA MET A 86 53.45 -31.23 5.17
C MET A 86 53.35 -32.75 5.25
N ALA A 87 53.84 -33.36 6.32
CA ALA A 87 53.82 -34.82 6.45
C ALA A 87 52.39 -35.34 6.51
N SER A 91 55.80 -39.75 7.36
CA SER A 91 54.36 -39.54 7.58
C SER A 91 53.96 -40.02 8.96
N ALA A 92 53.27 -41.16 9.01
CA ALA A 92 52.78 -41.71 10.26
C ALA A 92 53.93 -42.08 11.18
N GLY A 93 53.62 -42.21 12.46
CA GLY A 93 54.62 -42.50 13.47
C GLY A 93 55.45 -41.31 13.88
N GLY A 94 56.00 -40.61 12.89
CA GLY A 94 56.79 -39.41 13.17
C GLY A 94 57.95 -39.74 14.08
N LEU A 95 57.94 -39.16 15.28
CA LEU A 95 58.95 -39.48 16.27
C LEU A 95 58.59 -40.76 17.00
N GLY A 96 59.48 -41.73 16.97
CA GLY A 96 59.28 -42.97 17.69
C GLY A 96 59.37 -42.74 19.17
N PRO A 97 59.02 -43.76 19.97
CA PRO A 97 59.12 -43.60 21.42
C PRO A 97 60.54 -43.28 21.85
N LEU A 98 60.76 -42.07 22.35
CA LEU A 98 62.10 -41.60 22.66
C LEU A 98 62.56 -42.18 23.99
N PRO A 99 63.74 -42.80 24.02
CA PRO A 99 64.16 -43.47 25.28
C PRO A 99 64.37 -42.50 26.43
N ARG A 100 65.23 -41.49 26.26
CA ARG A 100 65.52 -40.55 27.35
C ARG A 100 65.81 -39.18 26.73
N VAL A 101 64.78 -38.36 26.60
CA VAL A 101 64.90 -37.02 26.02
C VAL A 101 64.43 -36.01 27.06
N THR A 102 65.26 -35.00 27.32
CA THR A 102 64.94 -33.99 28.29
C THR A 102 64.70 -32.61 27.68
N SER A 103 64.65 -32.51 26.36
CA SER A 103 64.34 -31.24 25.69
C SER A 103 63.90 -31.54 24.28
N LEU A 104 62.64 -31.23 23.96
CA LEU A 104 62.11 -31.40 22.61
C LEU A 104 61.58 -30.06 22.14
N ASP A 105 62.08 -29.59 21.01
CA ASP A 105 61.73 -28.29 20.47
C ASP A 105 61.08 -28.47 19.11
N LEU A 106 59.84 -28.01 18.98
CA LEU A 106 59.09 -28.09 17.73
C LEU A 106 58.53 -26.73 17.36
N SER A 107 59.28 -25.68 17.65
CA SER A 107 58.81 -24.33 17.40
C SER A 107 58.70 -24.05 15.90
N GLY A 108 57.69 -23.27 15.54
CA GLY A 108 57.58 -22.74 14.18
C GLY A 108 57.52 -23.78 13.08
N ASN A 109 56.77 -24.86 13.29
CA ASN A 109 56.60 -25.89 12.28
C ASN A 109 55.19 -25.87 11.67
N SER A 110 54.45 -24.80 11.89
CA SER A 110 53.09 -24.65 11.35
C SER A 110 52.22 -25.85 11.73
N LEU A 111 52.37 -26.30 12.97
CA LEU A 111 51.67 -27.50 13.42
C LEU A 111 50.17 -27.26 13.50
N TYR A 112 49.43 -28.37 13.57
CA TYR A 112 47.98 -28.38 13.46
C TYR A 112 47.38 -29.24 14.56
N SER A 113 46.18 -28.87 15.00
CA SER A 113 45.50 -29.65 16.01
C SER A 113 45.17 -31.03 15.47
N GLY A 114 45.68 -32.06 16.14
CA GLY A 114 45.54 -33.43 15.70
C GLY A 114 46.75 -33.95 14.94
N LEU A 115 47.67 -33.08 14.55
CA LEU A 115 48.90 -33.56 13.94
C LEU A 115 49.88 -34.05 14.99
N LEU A 116 49.99 -33.33 16.11
CA LEU A 116 50.91 -33.73 17.16
C LEU A 116 50.51 -35.07 17.77
N GLU A 117 49.21 -35.31 17.96
CA GLU A 117 48.77 -36.55 18.58
C GLU A 117 49.16 -37.75 17.74
N ARG A 118 49.24 -37.59 16.42
CA ARG A 118 49.75 -38.63 15.55
C ARG A 118 51.26 -38.57 15.40
N LEU A 119 51.89 -37.47 15.80
CA LEU A 119 53.33 -37.29 15.71
C LEU A 119 54.04 -37.49 17.04
N LEU A 120 53.51 -36.92 18.11
CA LEU A 120 54.14 -37.01 19.41
C LEU A 120 53.99 -38.41 20.00
N GLY A 121 55.09 -38.93 20.55
CA GLY A 121 55.08 -40.23 21.19
C GLY A 121 55.45 -40.10 22.65
N GLU A 122 55.34 -41.24 23.35
CA GLU A 122 55.62 -41.24 24.78
C GLU A 122 57.11 -40.97 25.04
N ALA A 123 57.37 -40.03 25.93
CA ALA A 123 58.74 -39.63 26.29
C ALA A 123 58.82 -39.64 27.81
N PRO A 124 59.12 -40.79 28.41
CA PRO A 124 59.00 -40.92 29.87
C PRO A 124 59.96 -40.05 30.66
N SER A 125 60.81 -39.26 30.01
CA SER A 125 61.71 -38.36 30.72
C SER A 125 61.71 -36.96 30.14
N LEU A 126 60.67 -36.61 29.38
CA LEU A 126 60.58 -35.27 28.81
C LEU A 126 60.47 -34.23 29.92
N HIS A 127 61.16 -33.11 29.74
CA HIS A 127 61.25 -32.13 30.81
C HIS A 127 60.93 -30.72 30.34
N THR A 128 61.05 -30.47 29.03
CA THR A 128 60.82 -29.13 28.51
C THR A 128 60.30 -29.25 27.09
N LEU A 129 59.01 -29.01 26.90
CA LEU A 129 58.37 -29.09 25.61
C LEU A 129 58.10 -27.67 25.11
N SER A 130 58.34 -27.44 23.82
CA SER A 130 58.14 -26.13 23.22
C SER A 130 57.37 -26.30 21.92
N LEU A 131 56.21 -25.66 21.83
CA LEU A 131 55.40 -25.67 20.62
C LEU A 131 55.07 -24.26 20.18
N ALA A 132 55.93 -23.31 20.50
CA ALA A 132 55.69 -21.91 20.20
C ALA A 132 55.77 -21.65 18.70
N GLU A 133 55.11 -20.57 18.27
CA GLU A 133 55.08 -20.12 16.89
C GLU A 133 54.47 -21.15 15.95
N ASN A 134 53.64 -22.05 16.48
CA ASN A 134 52.92 -23.02 15.70
C ASN A 134 51.51 -22.50 15.40
N SER A 135 50.66 -23.37 14.89
CA SER A 135 49.29 -23.01 14.57
C SER A 135 48.29 -23.93 15.27
N LEU A 136 48.56 -24.28 16.52
CA LEU A 136 47.63 -25.07 17.31
C LEU A 136 46.35 -24.29 17.58
N THR A 137 45.24 -25.01 17.71
CA THR A 137 43.93 -24.39 17.86
C THR A 137 43.09 -24.94 19.00
N ARG A 138 43.36 -26.15 19.49
CA ARG A 138 42.59 -26.70 20.59
C ARG A 138 43.49 -27.53 21.49
N LEU A 139 43.08 -27.68 22.74
CA LEU A 139 43.73 -28.54 23.73
C LEU A 139 42.66 -29.43 24.35
N THR A 140 42.46 -30.61 23.77
CA THR A 140 41.51 -31.58 24.30
C THR A 140 42.24 -32.62 25.14
N ARG A 141 41.45 -33.50 25.76
CA ARG A 141 42.00 -34.45 26.72
C ARG A 141 43.02 -35.40 26.11
N HIS A 142 43.01 -35.57 24.78
CA HIS A 142 43.92 -36.48 24.12
C HIS A 142 45.12 -35.78 23.49
N THR A 143 45.23 -34.47 23.62
CA THR A 143 46.34 -33.75 22.99
C THR A 143 47.67 -34.08 23.66
N PHE A 144 47.72 -34.02 24.99
CA PHE A 144 48.92 -34.34 25.74
C PHE A 144 48.69 -35.63 26.51
N ARG A 145 49.55 -36.62 26.29
CA ARG A 145 49.41 -37.89 26.99
C ARG A 145 50.77 -38.55 27.13
N ASP A 146 50.90 -39.37 28.18
CA ASP A 146 52.08 -40.20 28.40
C ASP A 146 53.36 -39.36 28.46
N MET A 147 53.41 -38.47 29.44
CA MET A 147 54.62 -37.74 29.77
C MET A 147 54.54 -37.21 31.19
N PRO A 148 54.68 -38.09 32.20
CA PRO A 148 54.50 -37.65 33.59
C PRO A 148 55.67 -36.87 34.16
N ALA A 149 56.63 -36.43 33.34
CA ALA A 149 57.76 -35.67 33.83
C ALA A 149 57.83 -34.27 33.23
N LEU A 150 56.81 -33.84 32.50
CA LEU A 150 56.85 -32.54 31.85
C LEU A 150 56.80 -31.42 32.90
N GLU A 151 57.66 -30.42 32.74
CA GLU A 151 57.75 -29.34 33.70
C GLU A 151 57.78 -27.94 33.11
N GLN A 152 57.93 -27.80 31.79
CA GLN A 152 57.98 -26.47 31.17
C GLN A 152 57.35 -26.58 29.78
N LEU A 153 56.16 -26.03 29.63
CA LEU A 153 55.42 -26.08 28.37
C LEU A 153 55.30 -24.68 27.80
N ASP A 154 55.72 -24.53 26.55
CA ASP A 154 55.77 -23.24 25.89
C ASP A 154 54.77 -23.24 24.74
N LEU A 155 53.82 -22.30 24.78
CA LEU A 155 52.74 -22.30 23.79
C LEU A 155 52.41 -20.91 23.26
N HIS A 156 53.35 -19.96 23.32
CA HIS A 156 53.06 -18.64 22.81
C HIS A 156 53.03 -18.63 21.28
N SER A 157 52.26 -17.70 20.73
CA SER A 157 52.10 -17.46 19.29
C SER A 157 51.29 -18.54 18.59
N ASN A 158 50.46 -19.30 19.30
CA ASN A 158 49.54 -20.23 18.67
C ASN A 158 48.19 -19.54 18.44
N VAL A 159 47.18 -20.31 18.06
CA VAL A 159 45.86 -19.75 17.84
C VAL A 159 44.89 -20.48 18.76
N LEU A 160 45.37 -20.86 19.95
CA LEU A 160 44.51 -21.50 20.93
C LEU A 160 43.32 -20.63 21.27
N MET A 161 42.12 -21.13 20.98
CA MET A 161 40.90 -20.44 21.33
C MET A 161 40.03 -21.19 22.33
N ASP A 162 40.28 -22.48 22.54
CA ASP A 162 39.44 -23.29 23.41
C ASP A 162 40.29 -24.34 24.10
N ILE A 163 39.96 -24.60 25.36
CA ILE A 163 40.64 -25.60 26.17
C ILE A 163 39.57 -26.45 26.85
N GLU A 164 39.63 -27.76 26.65
CA GLU A 164 38.66 -28.66 27.25
C GLU A 164 38.95 -28.85 28.74
N ASP A 165 38.17 -29.73 29.37
CA ASP A 165 38.21 -29.87 30.82
C ASP A 165 39.56 -30.36 31.30
N GLY A 166 39.93 -31.58 30.92
CA GLY A 166 41.11 -32.21 31.48
C GLY A 166 42.31 -32.28 30.55
N ALA A 167 42.59 -31.20 29.83
CA ALA A 167 43.71 -31.22 28.88
C ALA A 167 45.06 -31.34 29.57
N PHE A 168 45.14 -30.98 30.85
CA PHE A 168 46.39 -31.05 31.61
C PHE A 168 46.32 -32.09 32.72
N GLU A 169 45.45 -33.10 32.56
CA GLU A 169 45.38 -34.15 33.55
C GLU A 169 46.56 -35.10 33.48
N GLY A 170 47.15 -35.25 32.29
CA GLY A 170 48.24 -36.20 32.11
C GLY A 170 49.62 -35.62 32.38
N LEU A 171 49.66 -34.45 33.01
CA LEU A 171 50.92 -33.79 33.37
C LEU A 171 50.89 -33.45 34.84
N PRO A 172 51.11 -34.44 35.71
CA PRO A 172 50.96 -34.20 37.15
C PRO A 172 52.03 -33.32 37.77
N ARG A 173 53.11 -33.02 37.05
CA ARG A 173 54.23 -32.26 37.60
C ARG A 173 54.57 -31.06 36.73
N LEU A 174 53.56 -30.35 36.24
CA LEU A 174 53.77 -29.14 35.46
C LEU A 174 53.92 -27.95 36.38
N THR A 175 54.94 -27.12 36.13
CA THR A 175 55.18 -25.98 37.00
C THR A 175 55.25 -24.66 36.24
N HIS A 176 55.79 -24.68 35.03
CA HIS A 176 55.94 -23.47 34.22
C HIS A 176 55.14 -23.62 32.94
N LEU A 177 54.15 -22.75 32.77
CA LEU A 177 53.25 -22.79 31.62
C LEU A 177 53.21 -21.41 30.99
N ASN A 178 53.07 -21.37 29.67
CA ASN A 178 53.22 -20.13 28.92
C ASN A 178 52.20 -20.11 27.78
N LEU A 179 51.20 -19.26 27.89
CA LEU A 179 50.15 -19.12 26.90
C LEU A 179 50.08 -17.69 26.37
N SER A 180 51.22 -17.04 26.21
CA SER A 180 51.22 -15.67 25.73
C SER A 180 50.80 -15.60 24.27
N ARG A 181 50.34 -14.42 23.87
CA ARG A 181 50.06 -14.08 22.48
C ARG A 181 49.09 -15.05 21.81
N ASN A 182 48.34 -15.82 22.59
CA ASN A 182 47.33 -16.71 22.05
C ASN A 182 46.02 -15.95 21.90
N SER A 183 44.94 -16.69 21.65
CA SER A 183 43.65 -16.07 21.33
C SER A 183 42.53 -16.57 22.24
N LEU A 184 42.86 -16.96 23.47
CA LEU A 184 41.84 -17.34 24.43
C LEU A 184 40.93 -16.17 24.73
N THR A 185 39.71 -16.49 25.20
CA THR A 185 38.71 -15.46 25.45
C THR A 185 38.03 -15.57 26.81
N CYS A 186 38.06 -16.72 27.46
CA CYS A 186 37.47 -16.84 28.79
C CYS A 186 38.08 -18.04 29.49
N ILE A 187 38.13 -17.97 30.81
CA ILE A 187 38.63 -19.06 31.64
C ILE A 187 37.62 -19.31 32.75
N SER A 188 37.08 -20.53 32.80
CA SER A 188 35.99 -20.83 33.72
C SER A 188 36.47 -21.22 35.11
N ASP A 189 37.58 -21.94 35.21
CA ASP A 189 38.08 -22.37 36.52
C ASP A 189 39.57 -22.64 36.41
N PHE A 190 40.12 -23.28 37.44
CA PHE A 190 41.55 -23.54 37.53
C PHE A 190 41.71 -24.83 38.33
N SER A 191 42.28 -25.86 37.71
CA SER A 191 42.48 -27.14 38.36
C SER A 191 43.92 -27.63 38.17
N LEU A 192 44.86 -26.71 38.11
CA LEU A 192 46.28 -27.03 37.98
C LEU A 192 46.96 -26.66 39.30
N GLN A 193 47.08 -27.66 40.18
CA GLN A 193 47.56 -27.39 41.54
C GLN A 193 49.01 -26.93 41.56
N GLN A 194 49.89 -27.68 40.88
CA GLN A 194 51.32 -27.46 41.06
C GLN A 194 51.88 -26.31 40.22
N LEU A 195 51.07 -25.70 39.36
CA LEU A 195 51.59 -24.67 38.48
C LEU A 195 52.13 -23.50 39.29
N ARG A 196 53.24 -22.93 38.83
CA ARG A 196 53.91 -21.88 39.60
C ARG A 196 54.21 -20.65 38.75
N VAL A 197 54.30 -20.81 37.43
CA VAL A 197 54.49 -19.70 36.52
C VAL A 197 53.45 -19.82 35.43
N LEU A 198 52.46 -18.93 35.43
CA LEU A 198 51.42 -18.91 34.42
C LEU A 198 51.52 -17.59 33.68
N ASP A 199 51.52 -17.65 32.34
CA ASP A 199 51.68 -16.46 31.52
C ASP A 199 50.53 -16.41 30.52
N LEU A 200 49.49 -15.65 30.85
CA LEU A 200 48.34 -15.45 29.98
C LEU A 200 48.36 -14.06 29.34
N SER A 201 49.54 -13.51 29.12
CA SER A 201 49.65 -12.16 28.58
C SER A 201 49.19 -12.11 27.13
N CYS A 202 48.92 -10.88 26.67
CA CYS A 202 48.64 -10.57 25.26
C CYS A 202 47.54 -11.46 24.66
N ASN A 203 46.69 -12.03 25.50
CA ASN A 203 45.55 -12.79 25.03
C ASN A 203 44.37 -11.84 24.78
N SER A 204 43.19 -12.40 24.57
CA SER A 204 41.96 -11.63 24.47
C SER A 204 40.98 -12.01 25.57
N ILE A 205 41.50 -12.39 26.73
CA ILE A 205 40.67 -12.85 27.84
C ILE A 205 39.75 -11.72 28.29
N GLU A 206 38.53 -12.08 28.68
CA GLU A 206 37.55 -11.11 29.15
C GLU A 206 37.22 -11.26 30.62
N ALA A 207 37.31 -12.47 31.17
CA ALA A 207 37.09 -12.69 32.58
C ALA A 207 38.00 -13.81 33.05
N PHE A 208 38.27 -13.82 34.36
CA PHE A 208 39.13 -14.82 34.98
C PHE A 208 38.44 -15.38 36.21
N GLN A 209 38.65 -16.66 36.48
CA GLN A 209 37.99 -17.30 37.61
C GLN A 209 38.82 -18.49 38.06
N THR A 210 38.60 -18.90 39.30
CA THR A 210 39.24 -20.08 39.89
C THR A 210 38.16 -21.05 40.34
N ALA A 211 38.59 -22.11 41.02
CA ALA A 211 37.66 -23.13 41.51
C ALA A 211 37.33 -22.90 42.98
N SER A 212 36.27 -23.57 43.43
CA SER A 212 35.82 -23.51 44.81
C SER A 212 36.04 -24.86 45.48
N GLN A 213 35.95 -24.85 46.81
CA GLN A 213 36.18 -26.03 47.65
C GLN A 213 37.54 -26.64 47.33
N PRO A 214 38.63 -25.96 47.68
CA PRO A 214 39.97 -26.44 47.28
C PRO A 214 40.42 -27.60 48.15
N GLN A 215 40.38 -28.81 47.58
CA GLN A 215 40.92 -29.96 48.29
C GLN A 215 42.44 -29.94 48.28
N ALA A 216 43.03 -29.28 47.30
CA ALA A 216 44.47 -29.13 47.19
C ALA A 216 44.83 -27.65 47.16
N GLU A 217 45.80 -27.27 47.98
CA GLU A 217 46.24 -25.88 48.00
C GLU A 217 46.95 -25.53 46.70
N PHE A 218 46.35 -24.62 45.93
CA PHE A 218 47.01 -24.14 44.74
C PHE A 218 48.28 -23.40 45.11
N GLN A 219 49.32 -23.55 44.29
CA GLN A 219 50.64 -23.05 44.62
C GLN A 219 51.11 -21.96 43.66
N LEU A 220 50.22 -21.38 42.89
CA LEU A 220 50.62 -20.37 41.92
C LEU A 220 51.24 -19.17 42.62
N THR A 221 52.35 -18.71 42.11
CA THR A 221 53.05 -17.53 42.61
C THR A 221 53.20 -16.44 41.56
N TRP A 222 53.51 -16.81 40.33
CA TRP A 222 53.71 -15.86 39.24
C TRP A 222 52.51 -15.95 38.31
N LEU A 223 51.88 -14.81 38.05
CA LEU A 223 50.69 -14.75 37.21
C LEU A 223 50.73 -13.47 36.38
N ASP A 224 50.48 -13.60 35.08
CA ASP A 224 50.55 -12.47 34.16
C ASP A 224 49.26 -12.40 33.37
N LEU A 225 48.63 -11.22 33.38
CA LEU A 225 47.38 -11.02 32.66
C LEU A 225 47.34 -9.67 31.96
N ARG A 226 48.48 -9.18 31.51
CA ARG A 226 48.52 -7.90 30.81
C ARG A 226 47.88 -8.02 29.43
N GLU A 227 47.54 -6.86 28.86
CA GLU A 227 47.06 -6.72 27.49
C GLU A 227 45.76 -7.45 27.20
N ASN A 228 45.08 -7.98 28.20
CA ASN A 228 43.79 -8.62 27.98
C ASN A 228 42.68 -7.59 28.11
N LYS A 229 41.44 -8.06 28.14
CA LYS A 229 40.28 -7.18 28.25
C LYS A 229 39.48 -7.50 29.51
N LEU A 230 40.16 -7.75 30.62
CA LEU A 230 39.48 -8.02 31.87
C LEU A 230 38.63 -6.82 32.27
N LEU A 231 37.43 -7.10 32.77
CA LEU A 231 36.52 -6.06 33.24
C LEU A 231 36.39 -6.00 34.74
N HIS A 232 37.04 -6.90 35.48
CA HIS A 232 36.90 -6.92 36.93
C HIS A 232 38.19 -7.44 37.54
N PHE A 233 38.38 -7.11 38.81
CA PHE A 233 39.52 -7.65 39.55
C PHE A 233 39.19 -9.08 39.94
N PRO A 234 39.96 -10.07 39.49
CA PRO A 234 39.60 -11.47 39.75
C PRO A 234 39.68 -11.80 41.23
N ASP A 235 38.86 -12.75 41.64
CA ASP A 235 38.94 -13.25 43.01
C ASP A 235 40.21 -14.07 43.16
N LEU A 236 41.01 -13.74 44.17
CA LEU A 236 42.29 -14.38 44.41
C LEU A 236 42.36 -14.98 45.80
N ALA A 237 41.26 -15.60 46.24
CA ALA A 237 41.28 -16.36 47.48
C ALA A 237 41.73 -17.80 47.27
N ALA A 238 41.85 -18.23 46.02
CA ALA A 238 42.29 -19.58 45.71
C ALA A 238 43.77 -19.67 45.35
N LEU A 239 44.50 -18.55 45.43
CA LEU A 239 45.93 -18.51 45.14
C LEU A 239 46.63 -17.84 46.31
N PRO A 240 46.74 -18.53 47.45
CA PRO A 240 47.30 -17.87 48.65
C PRO A 240 48.80 -17.61 48.56
N ARG A 241 49.50 -18.20 47.59
CA ARG A 241 50.94 -18.00 47.45
C ARG A 241 51.29 -17.03 46.34
N LEU A 242 50.35 -16.27 45.83
CA LEU A 242 50.65 -15.34 44.75
C LEU A 242 51.55 -14.23 45.26
N ILE A 243 52.65 -13.99 44.54
CA ILE A 243 53.61 -12.95 44.91
C ILE A 243 53.90 -12.07 43.72
N TYR A 244 53.07 -12.16 42.68
CA TYR A 244 53.26 -11.34 41.50
C TYR A 244 51.92 -11.24 40.78
N LEU A 245 51.68 -10.11 40.13
CA LEU A 245 50.48 -9.91 39.35
C LEU A 245 50.68 -8.73 38.42
N ASN A 246 50.16 -8.85 37.20
CA ASN A 246 50.39 -7.85 36.15
C ASN A 246 49.08 -7.68 35.38
N LEU A 247 48.32 -6.65 35.71
CA LEU A 247 47.04 -6.39 35.08
C LEU A 247 47.06 -5.11 34.26
N SER A 248 48.21 -4.80 33.67
CA SER A 248 48.34 -3.60 32.87
C SER A 248 47.52 -3.67 31.59
N ASN A 249 47.05 -2.54 31.07
CA ASN A 249 46.26 -2.41 29.83
C ASN A 249 44.91 -3.15 29.78
N ASN A 250 44.46 -3.78 30.86
CA ASN A 250 43.10 -4.27 30.97
C ASN A 250 42.06 -3.14 31.08
N LEU A 251 40.78 -3.48 31.22
CA LEU A 251 39.70 -2.53 31.41
C LEU A 251 39.15 -2.60 32.86
N ILE A 252 39.98 -2.96 33.85
CA ILE A 252 39.48 -3.22 35.19
C ILE A 252 38.91 -1.95 35.79
N ARG A 253 37.70 -2.03 36.38
CA ARG A 253 37.07 -0.97 37.16
C ARG A 253 36.68 -1.56 38.50
N LEU A 254 37.20 -1.04 39.60
CA LEU A 254 36.81 -1.57 40.90
C LEU A 254 35.43 -1.08 41.30
N PRO A 255 34.57 -1.97 41.82
CA PRO A 255 33.23 -1.59 42.29
C PRO A 255 33.26 -0.83 43.61
N ARG A 287 42.23 -12.43 54.39
CA ARG A 287 43.35 -11.88 53.65
C ARG A 287 43.69 -12.77 52.46
N PRO A 288 42.90 -12.69 51.39
CA PRO A 288 43.14 -13.57 50.23
C PRO A 288 44.46 -13.32 49.54
N LEU A 289 45.06 -12.14 49.71
CA LEU A 289 46.36 -11.82 49.14
C LEU A 289 47.34 -11.46 50.24
N SER A 290 47.40 -12.29 51.27
CA SER A 290 48.29 -12.04 52.40
C SER A 290 49.76 -12.15 52.02
N GLN A 291 50.07 -12.66 50.83
CA GLN A 291 51.47 -12.80 50.41
C GLN A 291 51.76 -12.10 49.09
N LEU A 292 50.86 -11.26 48.59
CA LEU A 292 51.13 -10.57 47.34
C LEU A 292 52.26 -9.56 47.52
N LEU A 293 53.16 -9.52 46.55
CA LEU A 293 54.44 -8.84 46.72
C LEU A 293 54.72 -7.79 45.66
N ASN A 294 54.09 -7.88 44.49
CA ASN A 294 54.35 -6.94 43.38
C ASN A 294 53.09 -6.89 42.54
N LEU A 295 52.28 -5.86 42.75
CA LEU A 295 51.03 -5.67 42.01
C LEU A 295 51.18 -4.51 41.05
N ASP A 296 50.85 -4.74 39.78
CA ASP A 296 50.87 -3.71 38.75
C ASP A 296 49.47 -3.58 38.18
N LEU A 297 48.92 -2.37 38.12
CA LEU A 297 47.51 -2.15 37.82
C LEU A 297 47.33 -0.95 36.89
N SER A 298 48.38 -0.55 36.17
CA SER A 298 48.43 0.63 35.31
C SER A 298 47.61 0.53 34.02
N TYR A 299 47.34 1.66 33.37
CA TYR A 299 46.52 1.78 32.15
C TYR A 299 45.10 1.17 32.22
N ASN A 300 44.59 0.82 33.39
CA ASN A 300 43.19 0.42 33.59
C ASN A 300 42.24 1.62 33.65
N GLU A 301 41.05 1.42 34.21
CA GLU A 301 40.05 2.46 34.43
C GLU A 301 39.66 2.53 35.92
N ILE A 302 40.63 2.48 36.83
CA ILE A 302 40.41 2.60 38.27
C ILE A 302 40.00 4.05 38.62
N GLU A 303 38.73 4.40 38.43
CA GLU A 303 38.24 5.77 38.67
C GLU A 303 38.19 6.17 40.16
N LEU A 304 38.13 5.19 41.06
CA LEU A 304 38.22 5.38 42.51
C LEU A 304 38.70 4.12 43.20
N ILE A 305 39.20 4.25 44.43
CA ILE A 305 39.75 3.15 45.23
C ILE A 305 38.81 2.83 46.43
N PRO A 306 38.24 1.62 46.54
CA PRO A 306 37.37 1.24 47.66
C PRO A 306 38.16 1.09 48.94
N ASP A 307 37.47 1.32 50.06
CA ASP A 307 38.14 1.32 51.37
C ASP A 307 38.76 -0.04 51.67
N SER A 308 38.01 -1.11 51.46
CA SER A 308 38.47 -2.44 51.87
C SER A 308 39.48 -3.05 50.90
N PHE A 309 39.66 -2.50 49.70
CA PHE A 309 40.61 -3.05 48.72
C PHE A 309 42.06 -2.98 49.22
N LEU A 310 42.47 -1.82 49.75
CA LEU A 310 43.81 -1.63 50.30
C LEU A 310 44.01 -2.31 51.65
N GLU A 311 42.94 -2.71 52.39
CA GLU A 311 43.13 -3.23 53.73
C GLU A 311 43.77 -4.62 53.70
N HIS A 312 43.28 -5.49 52.82
CA HIS A 312 43.77 -6.87 52.79
C HIS A 312 45.09 -7.02 52.06
N LEU A 313 45.51 -6.03 51.28
CA LEU A 313 46.74 -6.15 50.50
C LEU A 313 47.98 -5.85 51.32
N THR A 314 48.12 -6.53 52.45
CA THR A 314 49.31 -6.37 53.26
C THR A 314 50.50 -7.05 52.58
N SER A 315 51.68 -6.81 53.12
CA SER A 315 52.95 -7.35 52.65
C SER A 315 53.31 -6.87 51.24
N LEU A 316 52.58 -5.90 50.69
CA LEU A 316 52.91 -5.37 49.37
C LEU A 316 54.23 -4.62 49.43
N CYS A 317 54.94 -4.60 48.31
CA CYS A 317 56.18 -3.83 48.19
C CYS A 317 56.18 -2.87 47.01
N PHE A 318 55.56 -3.22 45.89
CA PHE A 318 55.49 -2.33 44.75
C PHE A 318 54.05 -2.24 44.27
N LEU A 319 53.54 -1.03 44.09
CA LEU A 319 52.22 -0.72 43.56
C LEU A 319 52.31 0.28 42.42
N ASN A 320 51.63 0.01 41.31
CA ASN A 320 51.62 0.89 40.15
C ASN A 320 50.18 1.14 39.70
N LEU A 321 49.65 2.32 40.01
CA LEU A 321 48.32 2.80 39.61
C LEU A 321 48.42 3.89 38.53
N SER A 322 49.55 3.98 37.83
CA SER A 322 49.78 4.98 36.81
C SER A 322 48.75 4.93 35.68
N ARG A 323 48.38 6.08 35.11
CA ARG A 323 47.46 6.22 33.96
C ARG A 323 46.00 5.79 34.18
N ASN A 324 45.56 5.51 35.40
CA ASN A 324 44.26 4.91 35.70
C ASN A 324 43.06 5.85 35.89
N CYS A 325 43.21 7.16 35.81
CA CYS A 325 42.15 8.14 36.15
C CYS A 325 41.74 8.22 37.65
N LEU A 326 42.61 7.88 38.63
CA LEU A 326 42.30 8.08 40.06
C LEU A 326 42.01 9.55 40.34
N ARG A 327 40.83 9.90 40.88
CA ARG A 327 40.52 11.31 41.22
C ARG A 327 41.15 11.78 42.52
N THR A 328 41.23 10.90 43.53
CA THR A 328 41.89 11.17 44.82
C THR A 328 42.50 9.89 45.38
N PHE A 329 43.56 9.96 46.19
CA PHE A 329 44.12 8.78 46.86
C PHE A 329 43.97 8.90 48.39
N GLU A 330 43.27 7.94 48.99
CA GLU A 330 42.68 8.09 50.32
C GLU A 330 43.08 6.94 51.26
N ALA A 331 44.39 6.73 51.37
CA ALA A 331 45.00 5.76 52.28
C ALA A 331 45.10 6.33 53.69
N ARG A 332 43.93 6.70 54.23
CA ARG A 332 43.86 7.38 55.52
C ARG A 332 44.04 6.43 56.70
N ARG A 333 43.55 5.19 56.59
CA ARG A 333 43.55 4.28 57.72
C ARG A 333 44.98 3.96 58.15
N LEU A 334 45.22 3.97 59.47
CA LEU A 334 46.55 3.71 59.99
C LEU A 334 46.89 2.23 59.86
N GLY A 335 48.15 1.94 59.56
CA GLY A 335 48.57 0.57 59.34
C GLY A 335 48.23 0.02 57.97
N SER A 336 47.91 0.88 57.02
CA SER A 336 47.62 0.45 55.66
C SER A 336 48.90 0.39 54.85
N LEU A 337 49.09 -0.72 54.13
CA LEU A 337 50.28 -0.96 53.32
C LEU A 337 51.56 -0.78 54.15
N PRO A 338 51.72 -1.54 55.23
CA PRO A 338 52.87 -1.31 56.12
C PRO A 338 54.22 -1.61 55.48
N CYS A 339 54.25 -2.37 54.40
CA CYS A 339 55.51 -2.77 53.78
C CYS A 339 55.77 -2.08 52.44
N LEU A 340 54.93 -1.13 52.04
CA LEU A 340 55.05 -0.53 50.72
C LEU A 340 56.39 0.17 50.55
N MET A 341 57.05 -0.08 49.42
CA MET A 341 58.33 0.55 49.12
C MET A 341 58.28 1.47 47.91
N LEU A 342 57.22 1.42 47.11
CA LEU A 342 57.07 2.26 45.94
C LEU A 342 55.58 2.46 45.69
N LEU A 343 55.24 3.62 45.16
CA LEU A 343 53.88 3.96 44.79
C LEU A 343 53.91 4.87 43.57
N ASP A 344 53.39 4.40 42.45
CA ASP A 344 53.27 5.22 41.25
C ASP A 344 51.82 5.61 41.05
N LEU A 345 51.54 6.91 41.19
CA LEU A 345 50.24 7.53 40.97
C LEU A 345 50.29 8.54 39.82
N SER A 346 51.29 8.45 38.94
CA SER A 346 51.48 9.37 37.83
C SER A 346 50.36 9.36 36.80
N HIS A 347 50.18 10.49 36.12
CA HIS A 347 49.24 10.68 35.01
C HIS A 347 47.76 10.34 35.30
N ASN A 348 47.33 10.40 36.57
CA ASN A 348 45.97 10.06 36.99
C ASN A 348 44.95 11.20 36.97
N ALA A 349 45.38 12.45 36.90
CA ALA A 349 44.55 13.60 37.27
C ALA A 349 44.02 13.51 38.72
N LEU A 350 44.89 13.17 39.67
CA LEU A 350 44.62 13.39 41.10
C LEU A 350 44.35 14.87 41.37
N GLU A 351 43.32 15.18 42.16
CA GLU A 351 43.11 16.51 42.74
C GLU A 351 43.67 16.63 44.17
N THR A 352 43.60 15.57 44.99
CA THR A 352 43.98 15.60 46.40
C THR A 352 44.61 14.30 46.91
N LEU A 353 45.44 14.43 47.93
CA LEU A 353 46.03 13.32 48.69
C LEU A 353 45.54 13.37 50.15
N GLU A 354 45.08 12.23 50.67
CA GLU A 354 44.61 12.07 52.04
C GLU A 354 45.57 11.23 52.87
N LEU A 355 46.87 11.30 52.55
CA LEU A 355 47.86 10.50 53.25
C LEU A 355 47.88 10.84 54.73
N GLY A 356 47.54 9.86 55.56
CA GLY A 356 47.59 10.03 57.00
C GLY A 356 48.99 9.83 57.54
N ALA A 357 49.12 10.02 58.85
CA ALA A 357 50.40 9.90 59.52
C ALA A 357 50.64 8.45 59.94
N ARG A 358 51.89 8.02 59.80
CA ARG A 358 52.31 6.67 60.19
C ARG A 358 51.56 5.58 59.43
N ALA A 359 50.98 5.92 58.29
CA ALA A 359 50.29 4.91 57.48
C ALA A 359 51.28 4.16 56.59
N LEU A 360 51.98 4.89 55.72
CA LEU A 360 52.96 4.30 54.82
C LEU A 360 54.35 4.52 55.43
N GLY A 361 54.67 3.68 56.42
CA GLY A 361 55.89 3.86 57.17
C GLY A 361 57.15 3.47 56.43
N SER A 362 57.02 2.81 55.27
CA SER A 362 58.18 2.34 54.53
C SER A 362 58.26 2.92 53.13
N LEU A 363 57.36 3.83 52.75
CA LEU A 363 57.35 4.35 51.40
C LEU A 363 58.66 5.07 51.07
N ARG A 364 59.44 4.51 50.16
CA ARG A 364 60.73 5.08 49.80
C ARG A 364 60.70 5.88 48.53
N THR A 365 60.01 5.41 47.50
CA THR A 365 59.90 6.10 46.22
C THR A 365 58.44 6.41 45.96
N LEU A 366 58.15 7.66 45.62
CA LEU A 366 56.79 8.09 45.33
C LEU A 366 56.81 8.95 44.08
N LEU A 367 55.87 8.70 43.16
CA LEU A 367 55.80 9.43 41.91
C LEU A 367 54.42 10.05 41.77
N LEU A 368 54.37 11.33 41.43
CA LEU A 368 53.11 12.04 41.33
C LEU A 368 53.03 12.92 40.09
N GLN A 369 53.91 12.71 39.11
CA GLN A 369 53.97 13.57 37.94
C GLN A 369 52.70 13.49 37.13
N GLY A 370 52.47 14.52 36.32
CA GLY A 370 51.38 14.54 35.39
C GLY A 370 50.05 14.97 35.95
N ASN A 371 49.88 14.90 37.27
CA ASN A 371 48.63 15.28 37.90
C ASN A 371 48.50 16.80 37.91
N ALA A 372 47.42 17.29 38.54
CA ALA A 372 47.21 18.72 38.76
C ALA A 372 46.81 18.89 40.22
N LEU A 373 47.81 19.08 41.08
CA LEU A 373 47.59 19.22 42.52
C LEU A 373 47.74 20.69 42.88
N ARG A 374 46.64 21.32 43.29
CA ARG A 374 46.67 22.75 43.61
C ARG A 374 46.93 23.00 45.09
N ASP A 375 46.08 22.48 45.96
CA ASP A 375 46.15 22.77 47.39
C ASP A 375 46.20 21.49 48.20
N LEU A 376 47.17 21.39 49.07
CA LEU A 376 47.35 20.26 49.97
C LEU A 376 47.70 20.80 51.35
N PRO A 377 47.46 20.02 52.39
CA PRO A 377 47.95 20.41 53.72
C PRO A 377 49.46 20.54 53.71
N PRO A 378 50.02 21.45 54.50
CA PRO A 378 51.47 21.67 54.47
C PRO A 378 52.28 20.43 54.78
N TYR A 379 51.82 19.59 55.71
CA TYR A 379 52.61 18.47 56.20
C TYR A 379 52.18 17.14 55.59
N THR A 380 51.71 17.16 54.33
CA THR A 380 51.34 15.90 53.67
C THR A 380 52.57 15.04 53.41
N PHE A 381 53.62 15.64 52.84
CA PHE A 381 54.85 14.90 52.60
C PHE A 381 55.76 14.82 53.82
N ALA A 382 55.44 15.54 54.89
CA ALA A 382 56.29 15.51 56.08
C ALA A 382 56.11 14.24 56.89
N ASN A 383 54.89 13.71 56.95
CA ASN A 383 54.60 12.56 57.81
C ASN A 383 55.30 11.30 57.32
N LEU A 384 55.70 11.25 56.05
CA LEU A 384 56.34 10.05 55.52
C LEU A 384 57.66 9.79 56.22
N ALA A 385 57.87 8.54 56.65
CA ALA A 385 59.02 8.23 57.47
C ALA A 385 60.32 8.16 56.65
N SER A 386 60.29 7.46 55.52
CA SER A 386 61.51 7.19 54.77
C SER A 386 61.36 7.51 53.29
N LEU A 387 60.62 8.58 52.97
CA LEU A 387 60.54 9.02 51.58
C LEU A 387 61.91 9.48 51.09
N GLN A 388 62.29 9.04 49.90
CA GLN A 388 63.57 9.42 49.30
C GLN A 388 63.40 10.18 48.01
N ARG A 389 62.61 9.68 47.08
CA ARG A 389 62.37 10.33 45.80
C ARG A 389 60.90 10.72 45.72
N LEU A 390 60.63 11.99 45.38
CA LEU A 390 59.27 12.50 45.29
C LEU A 390 59.17 13.35 44.03
N ASN A 391 58.77 12.73 42.93
CA ASN A 391 58.60 13.43 41.67
C ASN A 391 57.26 14.15 41.67
N LEU A 392 57.30 15.45 41.36
CA LEU A 392 56.09 16.27 41.33
C LEU A 392 56.02 17.10 40.05
N GLN A 393 56.45 16.53 38.93
CA GLN A 393 56.43 17.26 37.67
C GLN A 393 55.01 17.57 37.24
N GLY A 394 54.75 18.83 36.93
CA GLY A 394 53.49 19.23 36.31
C GLY A 394 52.31 19.35 37.25
N ASN A 395 52.50 19.20 38.55
CA ASN A 395 51.38 19.23 39.47
C ASN A 395 50.99 20.63 39.92
N ARG A 396 51.87 21.62 39.72
CA ARG A 396 51.63 23.00 40.15
C ARG A 396 51.47 23.07 41.67
N VAL A 397 52.52 22.66 42.36
CA VAL A 397 52.58 22.74 43.83
C VAL A 397 53.71 23.68 44.20
N SER A 398 53.38 24.73 44.96
CA SER A 398 54.35 25.76 45.29
C SER A 398 54.71 25.70 46.77
N PRO A 399 55.98 25.61 47.10
CA PRO A 399 56.38 25.57 48.51
C PRO A 399 56.25 26.93 49.18
N CYS A 400 56.34 26.91 50.50
CA CYS A 400 56.22 28.12 51.31
C CYS A 400 57.47 28.30 52.18
N GLY A 401 57.60 29.51 52.72
CA GLY A 401 58.79 29.94 53.44
C GLY A 401 59.34 28.99 54.48
N GLY A 402 58.54 28.68 55.49
CA GLY A 402 58.97 27.77 56.53
C GLY A 402 58.27 28.01 57.84
N PRO A 403 58.82 27.44 58.92
CA PRO A 403 58.22 27.65 60.25
C PRO A 403 58.19 29.10 60.67
N ASP A 404 59.20 29.88 60.29
CA ASP A 404 59.24 31.32 60.50
C ASP A 404 59.20 32.01 59.15
N GLU A 405 58.70 33.24 59.16
CA GLU A 405 58.40 33.97 57.93
C GLU A 405 57.47 33.12 57.07
N PRO A 406 56.21 32.95 57.49
CA PRO A 406 55.32 32.02 56.79
C PRO A 406 54.97 32.50 55.40
N GLY A 407 54.40 31.58 54.62
CA GLY A 407 54.03 31.86 53.25
C GLY A 407 52.53 31.86 53.05
N PRO A 408 52.11 31.84 51.79
CA PRO A 408 50.66 31.89 51.48
C PRO A 408 49.96 30.59 51.84
N SER A 409 48.63 30.66 51.87
CA SER A 409 47.83 29.50 52.18
C SER A 409 47.88 28.50 51.03
N GLY A 410 47.58 27.24 51.34
CA GLY A 410 47.61 26.19 50.35
C GLY A 410 49.00 25.72 49.98
N CYS A 411 50.02 26.11 50.75
CA CYS A 411 51.39 25.78 50.42
C CYS A 411 51.70 24.34 50.79
N VAL A 412 52.92 23.90 50.47
CA VAL A 412 53.41 22.58 50.82
C VAL A 412 54.79 22.75 51.44
N ALA A 413 55.00 22.08 52.57
CA ALA A 413 56.23 22.25 53.37
C ALA A 413 57.25 21.22 52.92
N PHE A 414 58.22 21.65 52.11
CA PHE A 414 59.38 20.85 51.77
C PHE A 414 60.52 21.00 52.75
N SER A 415 60.32 21.71 53.86
CA SER A 415 61.44 22.06 54.72
C SER A 415 61.76 20.95 55.71
N GLY A 416 60.76 20.36 56.34
CA GLY A 416 61.00 19.49 57.48
C GLY A 416 61.27 18.04 57.17
N ILE A 417 61.45 17.70 55.89
CA ILE A 417 61.70 16.32 55.48
C ILE A 417 63.19 16.06 55.57
N THR A 418 63.61 15.33 56.61
CA THR A 418 65.03 15.06 56.81
C THR A 418 65.50 13.82 56.07
N SER A 419 64.59 13.04 55.49
CA SER A 419 64.95 11.79 54.82
C SER A 419 64.93 11.89 53.30
N LEU A 420 64.52 13.03 52.75
CA LEU A 420 64.50 13.20 51.30
C LEU A 420 65.91 13.17 50.73
N ARG A 421 66.03 12.66 49.50
CA ARG A 421 67.32 12.65 48.82
C ARG A 421 67.19 13.23 47.42
N SER A 422 66.01 13.13 46.83
CA SER A 422 65.78 13.61 45.48
C SER A 422 64.39 14.24 45.39
N LEU A 423 64.27 15.26 44.56
CA LEU A 423 63.01 15.96 44.39
C LEU A 423 63.03 16.72 43.07
N SER A 424 62.07 16.45 42.21
CA SER A 424 61.93 17.15 40.94
C SER A 424 60.68 18.02 41.00
N LEU A 425 60.83 19.29 40.63
CA LEU A 425 59.76 20.26 40.75
C LEU A 425 59.51 20.98 39.43
N VAL A 426 59.89 20.35 38.31
CA VAL A 426 59.81 21.03 37.02
C VAL A 426 58.35 21.23 36.63
N ASP A 427 58.13 22.21 35.76
CA ASP A 427 56.83 22.48 35.13
C ASP A 427 55.73 22.67 36.17
N ASN A 428 56.10 23.32 37.28
CA ASN A 428 55.16 23.62 38.35
C ASN A 428 54.79 25.09 38.41
N GLU A 429 55.38 25.91 37.54
CA GLU A 429 55.09 27.34 37.46
C GLU A 429 55.24 28.03 38.82
N ILE A 430 56.37 27.76 39.48
CA ILE A 430 56.65 28.41 40.75
C ILE A 430 56.94 29.87 40.48
N GLU A 431 55.96 30.74 40.79
CA GLU A 431 56.15 32.17 40.56
C GLU A 431 57.29 32.71 41.41
N LEU A 432 57.36 32.30 42.68
CA LEU A 432 58.31 32.86 43.61
C LEU A 432 58.89 31.75 44.48
N LEU A 433 60.20 31.81 44.70
CA LEU A 433 60.90 30.87 45.57
C LEU A 433 61.12 31.50 46.94
N ARG A 434 61.29 30.65 47.94
CA ARG A 434 61.36 31.09 49.33
C ARG A 434 62.75 30.83 49.91
N ALA A 435 63.04 31.52 51.00
CA ALA A 435 64.37 31.44 51.60
C ALA A 435 64.64 30.06 52.19
N GLY A 436 63.68 29.51 52.93
CA GLY A 436 63.90 28.24 53.61
C GLY A 436 62.99 27.13 53.16
N ALA A 437 62.75 27.05 51.84
CA ALA A 437 61.88 26.01 51.31
C ALA A 437 62.54 24.64 51.36
N PHE A 438 63.86 24.58 51.43
CA PHE A 438 64.60 23.32 51.45
C PHE A 438 65.58 23.28 52.62
N LEU A 439 65.21 23.89 53.75
CA LEU A 439 66.20 24.16 54.80
C LEU A 439 66.69 22.88 55.46
N HIS A 440 65.80 21.93 55.73
CA HIS A 440 66.21 20.73 56.44
C HIS A 440 65.98 19.47 55.61
N THR A 441 66.31 19.54 54.32
CA THR A 441 66.08 18.43 53.40
C THR A 441 67.39 18.13 52.68
N PRO A 442 68.30 17.41 53.34
CA PRO A 442 69.64 17.22 52.75
C PRO A 442 69.60 16.35 51.51
N LEU A 443 68.93 16.86 50.48
CA LEU A 443 68.76 16.15 49.22
C LEU A 443 69.97 16.33 48.33
N THR A 444 70.34 15.27 47.62
CA THR A 444 71.50 15.29 46.75
C THR A 444 71.17 15.65 45.30
N GLU A 445 69.91 15.86 44.98
CA GLU A 445 69.51 16.18 43.61
C GLU A 445 68.26 17.03 43.64
N LEU A 446 68.29 18.16 42.93
CA LEU A 446 67.16 19.07 42.86
C LEU A 446 67.05 19.61 41.45
N ASP A 447 65.83 19.61 40.92
CA ASP A 447 65.56 20.13 39.58
C ASP A 447 64.46 21.17 39.65
N LEU A 448 64.63 22.26 38.89
CA LEU A 448 63.65 23.32 38.84
C LEU A 448 63.41 23.82 37.42
N SER A 449 63.85 23.09 36.41
CA SER A 449 63.77 23.54 35.03
C SER A 449 62.32 23.71 34.59
N SER A 450 62.16 24.31 33.41
CA SER A 450 60.85 24.50 32.79
C SER A 450 59.89 25.25 33.70
N ASN A 451 60.39 26.29 34.37
CA ASN A 451 59.60 27.13 35.26
C ASN A 451 59.75 28.56 34.81
N PRO A 452 59.03 28.96 33.75
CA PRO A 452 59.17 30.33 33.24
C PRO A 452 58.73 31.35 34.29
N GLY A 453 59.36 32.52 34.24
CA GLY A 453 59.06 33.56 35.21
C GLY A 453 59.48 33.23 36.62
N LEU A 454 60.42 32.31 36.79
CA LEU A 454 60.90 31.97 38.12
C LEU A 454 61.76 33.11 38.66
N GLU A 455 61.49 33.50 39.90
CA GLU A 455 62.26 34.53 40.59
C GLU A 455 62.78 33.93 41.88
N VAL A 456 64.09 33.71 41.96
CA VAL A 456 64.70 32.94 43.03
C VAL A 456 65.13 33.88 44.14
N ALA A 457 64.66 33.61 45.35
CA ALA A 457 65.02 34.41 46.52
C ALA A 457 66.45 34.12 46.95
N THR A 458 67.05 35.10 47.63
CA THR A 458 68.41 34.92 48.12
C THR A 458 68.44 33.88 49.23
N GLY A 459 69.48 33.04 49.20
CA GLY A 459 69.60 32.00 50.20
C GLY A 459 68.52 30.94 50.14
N ALA A 460 67.84 30.81 48.99
CA ALA A 460 66.81 29.79 48.85
C ALA A 460 67.39 28.39 49.03
N LEU A 461 68.54 28.15 48.42
CA LEU A 461 69.24 26.87 48.58
C LEU A 461 70.22 26.94 49.76
N GLY A 462 69.65 27.25 50.92
CA GLY A 462 70.45 27.48 52.11
C GLY A 462 71.03 26.24 52.74
N GLY A 463 70.18 25.36 53.25
CA GLY A 463 70.60 24.17 53.94
C GLY A 463 71.03 23.03 53.03
N LEU A 464 71.27 23.29 51.76
CA LEU A 464 71.65 22.28 50.79
C LEU A 464 73.10 22.40 50.34
N GLU A 465 73.86 23.34 50.91
CA GLU A 465 75.20 23.61 50.40
C GLU A 465 76.11 22.39 50.54
N ALA A 466 76.03 21.69 51.67
CA ALA A 466 76.90 20.56 51.95
C ALA A 466 76.32 19.23 51.53
N SER A 467 75.13 19.21 50.93
CA SER A 467 74.51 17.94 50.58
C SER A 467 74.08 17.88 49.11
N LEU A 468 73.62 19.00 48.57
CA LEU A 468 73.10 19.01 47.20
C LEU A 468 74.25 18.80 46.22
N GLU A 469 74.06 17.87 45.28
CA GLU A 469 75.11 17.49 44.36
C GLU A 469 74.83 17.84 42.91
N VAL A 470 73.56 17.90 42.49
CA VAL A 470 73.19 18.22 41.12
C VAL A 470 72.08 19.26 41.15
N LEU A 471 72.22 20.30 40.32
CA LEU A 471 71.22 21.35 40.21
C LEU A 471 70.82 21.52 38.76
N ALA A 472 69.62 22.07 38.55
CA ALA A 472 69.11 22.26 37.20
C ALA A 472 68.19 23.46 37.17
N LEU A 473 68.45 24.38 36.26
CA LEU A 473 67.60 25.56 36.08
C LEU A 473 67.36 25.86 34.61
N GLN A 474 67.53 24.87 33.73
CA GLN A 474 67.45 25.10 32.29
C GLN A 474 66.07 25.59 31.89
N GLY A 475 66.04 26.67 31.12
CA GLY A 475 64.79 27.15 30.55
C GLY A 475 63.95 28.01 31.46
N ASN A 476 64.45 28.38 32.64
CA ASN A 476 63.67 29.25 33.52
C ASN A 476 63.42 30.61 32.88
N GLY A 477 64.43 31.15 32.21
CA GLY A 477 64.33 32.51 31.73
C GLY A 477 64.77 33.56 32.72
N LEU A 478 65.37 33.16 33.84
CA LEU A 478 65.88 34.13 34.79
C LEU A 478 67.09 34.84 34.20
N MET A 479 67.42 35.99 34.79
CA MET A 479 68.45 36.86 34.25
C MET A 479 69.73 36.88 35.07
N VAL A 480 69.64 36.78 36.39
CA VAL A 480 70.79 36.89 37.28
C VAL A 480 70.80 35.71 38.24
N LEU A 481 71.96 35.10 38.42
CA LEU A 481 72.11 33.90 39.24
C LEU A 481 72.74 34.32 40.57
N GLN A 482 71.89 34.71 41.53
CA GLN A 482 72.34 35.16 42.84
C GLN A 482 72.40 33.95 43.77
N VAL A 483 73.49 33.20 43.67
CA VAL A 483 73.62 31.93 44.38
C VAL A 483 74.91 31.95 45.21
N ASP A 484 74.92 31.08 46.22
CA ASP A 484 76.12 30.87 47.05
C ASP A 484 77.00 29.80 46.40
N LEU A 485 77.30 30.02 45.13
CA LEU A 485 77.96 29.00 44.32
C LEU A 485 79.27 28.48 44.92
N PRO A 486 80.22 29.32 45.36
CA PRO A 486 81.47 28.77 45.87
C PRO A 486 81.29 27.85 47.05
N CYS A 487 80.24 28.05 47.85
CA CYS A 487 80.00 27.22 49.02
C CYS A 487 79.43 25.85 48.68
N PHE A 488 78.93 25.66 47.46
CA PHE A 488 78.39 24.36 47.05
C PHE A 488 79.56 23.41 46.74
N ILE A 489 80.23 22.98 47.82
CA ILE A 489 81.46 22.22 47.69
C ILE A 489 81.21 20.86 47.03
N CYS A 490 80.06 20.25 47.32
CA CYS A 490 79.74 18.94 46.80
C CYS A 490 79.00 18.99 45.47
N LEU A 491 78.79 20.17 44.91
CA LEU A 491 78.14 20.29 43.61
C LEU A 491 78.99 19.61 42.54
N LYS A 492 78.35 18.83 41.67
CA LYS A 492 79.03 18.09 40.63
C LYS A 492 78.77 18.64 39.23
N ARG A 493 77.50 18.82 38.87
CA ARG A 493 77.13 19.29 37.55
C ARG A 493 76.08 20.38 37.66
N LEU A 494 76.03 21.23 36.65
CA LEU A 494 75.10 22.35 36.62
C LEU A 494 74.44 22.41 35.25
N ASN A 495 73.20 22.93 35.23
CA ASN A 495 72.42 23.00 34.00
C ASN A 495 71.69 24.33 33.97
N LEU A 496 72.12 25.23 33.08
CA LEU A 496 71.55 26.57 33.02
C LEU A 496 71.17 26.98 31.61
N ALA A 497 70.99 26.03 30.70
CA ALA A 497 70.75 26.34 29.30
C ALA A 497 69.40 27.04 29.12
N GLU A 498 69.24 27.65 27.94
CA GLU A 498 68.00 28.31 27.53
C GLU A 498 67.58 29.39 28.51
N ASN A 499 68.53 30.09 29.10
CA ASN A 499 68.26 31.16 30.05
C ASN A 499 68.73 32.50 29.48
N ARG A 500 68.53 33.54 30.28
CA ARG A 500 68.98 34.89 29.99
C ARG A 500 70.00 35.33 31.04
N LEU A 501 70.89 34.42 31.42
CA LEU A 501 71.86 34.73 32.47
C LEU A 501 72.81 35.84 32.01
N SER A 502 72.97 36.82 32.88
CA SER A 502 73.85 37.96 32.61
C SER A 502 75.22 37.83 33.24
N HIS A 503 75.30 37.51 34.53
CA HIS A 503 76.59 37.39 35.21
C HIS A 503 76.50 36.35 36.30
N LEU A 504 77.66 35.81 36.65
CA LEU A 504 77.84 34.77 37.64
C LEU A 504 78.93 35.18 38.62
N PRO A 505 78.77 34.89 39.92
CA PRO A 505 79.80 35.25 40.88
C PRO A 505 81.16 34.67 40.52
N ALA A 506 82.20 35.47 40.76
CA ALA A 506 83.56 35.13 40.35
C ALA A 506 84.04 33.91 41.13
N TRP A 507 84.58 32.93 40.42
CA TRP A 507 85.11 31.74 41.05
C TRP A 507 86.41 32.06 41.78
N THR A 508 86.58 31.45 42.96
CA THR A 508 87.76 31.69 43.78
C THR A 508 88.55 30.42 44.08
N GLN A 509 88.17 29.29 43.49
CA GLN A 509 88.85 28.03 43.73
C GLN A 509 88.46 27.05 42.64
N ALA A 510 89.15 25.91 42.61
CA ALA A 510 88.85 24.85 41.66
C ALA A 510 87.82 23.92 42.29
N VAL A 511 86.56 24.36 42.22
CA VAL A 511 85.48 23.57 42.80
C VAL A 511 85.32 22.25 42.05
N SER A 512 84.67 21.29 42.70
CA SER A 512 84.53 19.96 42.15
C SER A 512 83.55 19.88 40.99
N LEU A 513 82.84 20.97 40.69
CA LEU A 513 81.92 21.01 39.56
C LEU A 513 82.57 20.43 38.31
N GLU A 514 81.94 19.41 37.75
CA GLU A 514 82.49 18.68 36.62
C GLU A 514 81.93 19.12 35.28
N VAL A 515 80.62 19.37 35.21
CA VAL A 515 79.95 19.73 33.96
C VAL A 515 79.15 21.00 34.18
N LEU A 516 79.30 21.97 33.28
CA LEU A 516 78.54 23.19 33.31
C LEU A 516 77.89 23.42 31.96
N ASP A 517 76.61 23.82 31.98
CA ASP A 517 75.84 24.06 30.77
C ASP A 517 75.41 25.50 30.72
N LEU A 518 75.67 26.17 29.59
CA LEU A 518 75.29 27.56 29.41
C LEU A 518 74.76 27.83 28.01
N ARG A 519 74.11 26.82 27.40
CA ARG A 519 73.62 26.99 26.04
C ARG A 519 72.50 28.01 25.97
N ASN A 520 72.38 28.66 24.81
CA ASN A 520 71.31 29.62 24.54
C ASN A 520 71.26 30.72 25.59
N ASN A 521 72.44 31.17 26.01
CA ASN A 521 72.58 32.12 27.09
C ASN A 521 72.83 33.52 26.53
N SER A 522 72.89 34.50 27.45
CA SER A 522 73.15 35.88 27.09
C SER A 522 74.62 36.23 27.11
N PHE A 523 75.48 35.32 27.59
CA PHE A 523 76.91 35.61 27.65
C PHE A 523 77.50 35.66 26.25
N SER A 524 78.27 36.73 25.99
CA SER A 524 78.97 36.89 24.73
C SER A 524 80.47 37.08 24.90
N LEU A 525 80.93 37.53 26.07
CA LEU A 525 82.35 37.62 26.39
C LEU A 525 82.55 37.09 27.81
N LEU A 526 83.46 36.13 27.95
CA LEU A 526 83.65 35.44 29.22
C LEU A 526 84.93 35.90 29.90
N PRO A 527 84.85 36.48 31.09
CA PRO A 527 86.08 36.77 31.84
C PRO A 527 86.75 35.49 32.30
N GLY A 528 88.06 35.57 32.50
CA GLY A 528 88.81 34.41 32.93
C GLY A 528 89.07 34.40 34.43
N SER A 529 89.32 35.58 34.99
CA SER A 529 89.52 35.69 36.43
C SER A 529 88.26 35.30 37.20
N ALA A 530 87.09 35.71 36.71
CA ALA A 530 85.84 35.33 37.34
C ALA A 530 85.55 33.84 37.24
N MET A 531 86.17 33.14 36.28
CA MET A 531 85.99 31.70 36.14
C MET A 531 87.15 30.97 36.79
N GLY A 532 87.61 31.48 37.93
CA GLY A 532 88.80 30.98 38.60
C GLY A 532 88.82 29.48 38.82
N GLY A 533 89.98 28.86 38.60
CA GLY A 533 90.04 27.41 38.66
C GLY A 533 89.46 26.83 37.39
N LEU A 534 88.50 25.92 37.56
CA LEU A 534 87.78 25.29 36.45
C LEU A 534 88.72 24.60 35.47
N GLU A 535 89.88 24.17 35.95
CA GLU A 535 90.85 23.46 35.14
C GLU A 535 91.09 22.03 35.58
N THR A 536 90.99 21.74 36.88
CA THR A 536 91.25 20.40 37.38
C THR A 536 90.04 19.49 37.23
N SER A 537 88.93 19.84 37.90
CA SER A 537 87.75 18.99 37.96
C SER A 537 86.88 19.11 36.72
N LEU A 538 86.81 20.30 36.13
CA LEU A 538 85.90 20.54 35.01
C LEU A 538 86.24 19.64 33.83
N ARG A 539 85.22 18.97 33.28
CA ARG A 539 85.38 18.09 32.14
C ARG A 539 84.52 18.47 30.94
N ARG A 540 83.52 19.33 31.11
CA ARG A 540 82.68 19.75 29.99
C ARG A 540 81.96 21.03 30.39
N LEU A 541 82.18 22.10 29.62
CA LEU A 541 81.55 23.39 29.89
C LEU A 541 81.03 23.90 28.55
N TYR A 542 79.73 23.71 28.32
CA TYR A 542 79.15 23.92 27.00
C TYR A 542 78.97 25.41 26.70
N LEU A 543 79.22 25.78 25.44
CA LEU A 543 78.95 27.13 24.96
C LEU A 543 78.13 27.14 23.68
N GLN A 544 77.78 25.98 23.13
CA GLN A 544 77.12 25.92 21.82
C GLN A 544 75.79 26.67 21.86
N GLY A 545 75.53 27.45 20.82
CA GLY A 545 74.31 28.22 20.72
C GLY A 545 74.34 29.57 21.41
N ASN A 546 75.48 29.97 21.96
CA ASN A 546 75.60 31.27 22.60
C ASN A 546 76.19 32.28 21.64
N PRO A 547 75.87 33.58 21.81
CA PRO A 547 76.36 34.64 20.93
C PRO A 547 77.81 35.06 21.21
N LEU A 548 78.69 34.07 21.35
CA LEU A 548 80.10 34.35 21.58
C LEU A 548 80.74 34.95 20.34
N SER A 549 81.69 35.86 20.55
CA SER A 549 82.37 36.57 19.47
C SER A 549 83.87 36.30 19.55
N CYS A 550 84.48 36.03 18.40
CA CYS A 550 85.90 35.74 18.34
C CYS A 550 86.72 37.00 18.66
N CYS A 551 87.96 36.77 19.09
CA CYS A 551 88.96 37.76 19.47
C CYS A 551 88.57 38.50 20.75
N GLY A 552 87.63 37.98 21.54
CA GLY A 552 87.21 38.68 22.75
C GLY A 552 87.25 37.86 24.02
N ASN A 553 87.54 36.56 23.92
CA ASN A 553 87.52 35.69 25.09
C ASN A 553 88.92 35.42 25.65
N GLY A 554 89.81 34.86 24.85
CA GLY A 554 91.15 34.53 25.31
C GLY A 554 91.20 33.30 26.18
N TRP A 555 90.55 33.35 27.35
CA TRP A 555 90.51 32.22 28.26
C TRP A 555 89.76 31.04 27.64
N LEU A 556 88.75 31.33 26.82
CA LEU A 556 88.01 30.28 26.14
C LEU A 556 88.93 29.51 25.18
N ALA A 557 89.83 30.21 24.50
CA ALA A 557 90.76 29.55 23.59
C ALA A 557 91.67 28.59 24.34
N ALA A 558 92.07 28.95 25.56
CA ALA A 558 92.90 28.05 26.37
C ALA A 558 92.09 26.86 26.88
N GLN A 559 90.86 27.10 27.33
CA GLN A 559 90.06 26.02 27.91
C GLN A 559 89.59 25.03 26.84
N LEU A 560 89.36 25.52 25.61
CA LEU A 560 88.96 24.63 24.53
C LEU A 560 90.08 23.66 24.16
N HIS A 561 91.33 24.07 24.36
CA HIS A 561 92.46 23.25 23.92
C HIS A 561 92.53 21.94 24.69
N GLN A 562 92.23 21.96 25.98
CA GLN A 562 92.33 20.78 26.83
C GLN A 562 91.17 20.73 27.80
N GLY A 563 90.41 19.64 27.77
CA GLY A 563 89.40 19.38 28.78
C GLY A 563 87.98 19.28 28.26
N ARG A 564 87.58 20.21 27.40
CA ARG A 564 86.22 20.24 26.90
C ARG A 564 86.20 20.82 25.49
N VAL A 565 85.23 20.35 24.70
CA VAL A 565 85.08 20.77 23.31
C VAL A 565 83.69 21.36 23.13
N ASP A 566 83.62 22.53 22.51
CA ASP A 566 82.35 23.23 22.27
C ASP A 566 81.59 23.46 23.56
N PHE B 1 -66.44 -0.53 -30.30
CA PHE B 1 -67.63 -1.22 -29.83
C PHE B 1 -67.97 -2.42 -30.72
N ASN B 2 -67.30 -2.50 -31.87
CA ASN B 2 -67.60 -3.57 -32.82
C ASN B 2 -66.61 -4.72 -32.78
N LEU B 3 -65.51 -4.60 -32.05
CA LEU B 3 -64.60 -5.73 -31.91
C LEU B 3 -65.33 -6.91 -31.28
N ASP B 4 -65.15 -8.08 -31.87
CA ASP B 4 -65.94 -9.27 -31.50
C ASP B 4 -65.21 -10.04 -30.42
N VAL B 5 -65.80 -10.11 -29.23
CA VAL B 5 -65.26 -10.90 -28.13
C VAL B 5 -65.97 -12.24 -28.01
N ASP B 6 -66.85 -12.56 -28.96
CA ASP B 6 -67.53 -13.85 -28.91
C ASP B 6 -66.68 -14.96 -29.51
N SER B 7 -65.89 -14.65 -30.53
CA SER B 7 -65.06 -15.63 -31.22
C SER B 7 -63.64 -15.07 -31.38
N PRO B 8 -62.88 -15.00 -30.30
CA PRO B 8 -61.48 -14.60 -30.42
C PRO B 8 -60.63 -15.76 -30.90
N ALA B 9 -59.74 -15.47 -31.84
CA ALA B 9 -58.81 -16.48 -32.35
C ALA B 9 -57.66 -16.63 -31.37
N GLU B 10 -57.49 -17.84 -30.85
CA GLU B 10 -56.54 -18.10 -29.80
C GLU B 10 -55.17 -18.49 -30.37
N TYR B 11 -54.14 -18.36 -29.52
CA TYR B 11 -52.80 -18.79 -29.85
C TYR B 11 -52.10 -19.18 -28.56
N SER B 12 -51.02 -19.94 -28.69
CA SER B 12 -50.31 -20.44 -27.51
C SER B 12 -48.89 -20.83 -27.88
N GLY B 13 -47.96 -20.53 -26.98
CA GLY B 13 -46.58 -20.91 -27.15
C GLY B 13 -46.12 -21.86 -26.06
N PRO B 14 -44.81 -22.09 -25.97
CA PRO B 14 -44.29 -22.98 -24.92
C PRO B 14 -44.48 -22.38 -23.54
N GLU B 15 -44.60 -23.24 -22.53
CA GLU B 15 -44.79 -22.76 -21.18
C GLU B 15 -43.54 -22.05 -20.67
N GLY B 16 -43.74 -20.93 -19.99
CA GLY B 16 -42.64 -20.20 -19.39
C GLY B 16 -41.73 -19.50 -20.37
N SER B 17 -42.18 -19.28 -21.61
CA SER B 17 -41.33 -18.69 -22.63
C SER B 17 -41.69 -17.26 -22.97
N TYR B 18 -42.57 -16.63 -22.20
CA TYR B 18 -42.99 -15.25 -22.43
C TYR B 18 -43.57 -15.07 -23.83
N PHE B 19 -44.25 -16.09 -24.35
CA PHE B 19 -44.89 -15.99 -25.65
C PHE B 19 -45.87 -14.84 -25.65
N GLY B 20 -45.76 -13.96 -26.64
CA GLY B 20 -46.63 -12.81 -26.71
C GLY B 20 -46.08 -11.54 -26.11
N PHE B 21 -44.79 -11.49 -25.81
CA PHE B 21 -44.20 -10.25 -25.33
C PHE B 21 -44.30 -9.14 -26.36
N ALA B 22 -44.16 -9.49 -27.65
CA ALA B 22 -44.29 -8.54 -28.73
C ALA B 22 -45.06 -9.19 -29.87
N VAL B 23 -46.02 -8.45 -30.42
CA VAL B 23 -46.92 -8.97 -31.45
C VAL B 23 -46.93 -8.01 -32.63
N ASP B 24 -47.31 -8.54 -33.79
CA ASP B 24 -47.43 -7.73 -34.99
C ASP B 24 -48.14 -8.57 -36.06
N PHE B 25 -48.30 -7.97 -37.24
CA PHE B 25 -48.93 -8.59 -38.39
C PHE B 25 -47.92 -8.76 -39.50
N PHE B 26 -48.05 -9.84 -40.27
CA PHE B 26 -47.23 -10.07 -41.45
C PHE B 26 -48.17 -10.14 -42.66
N VAL B 27 -47.99 -9.19 -43.58
CA VAL B 27 -48.81 -9.12 -44.78
C VAL B 27 -47.89 -8.97 -45.99
N PRO B 28 -47.29 -10.03 -46.48
CA PRO B 28 -46.49 -9.94 -47.71
C PRO B 28 -47.39 -9.90 -48.92
N SER B 29 -47.52 -8.72 -49.54
CA SER B 29 -48.45 -8.55 -50.64
C SER B 29 -48.13 -9.44 -51.83
N ALA B 30 -46.88 -9.88 -51.96
CA ALA B 30 -46.52 -10.79 -53.04
C ALA B 30 -47.24 -12.13 -52.88
N SER B 31 -47.28 -12.66 -51.66
CA SER B 31 -47.95 -13.94 -51.39
C SER B 31 -49.41 -13.78 -51.02
N SER B 32 -49.87 -12.55 -50.81
CA SER B 32 -51.29 -12.24 -50.59
C SER B 32 -51.90 -13.00 -49.42
N ARG B 33 -51.08 -13.56 -48.54
CA ARG B 33 -51.59 -14.21 -47.33
C ARG B 33 -51.21 -13.39 -46.10
N MET B 34 -51.90 -13.66 -45.00
CA MET B 34 -51.74 -12.88 -43.78
C MET B 34 -51.21 -13.79 -42.67
N PHE B 35 -50.15 -13.33 -42.00
CA PHE B 35 -49.53 -14.06 -40.91
C PHE B 35 -49.42 -13.15 -39.69
N LEU B 36 -49.55 -13.74 -38.51
CA LEU B 36 -49.17 -13.01 -37.31
C LEU B 36 -47.66 -13.04 -37.14
N LEU B 37 -47.17 -12.40 -36.09
CA LEU B 37 -45.76 -12.43 -35.73
C LEU B 37 -45.66 -12.19 -34.23
N VAL B 38 -45.23 -13.21 -33.49
CA VAL B 38 -45.20 -13.17 -32.04
C VAL B 38 -43.78 -13.48 -31.57
N GLY B 39 -43.30 -12.72 -30.59
CA GLY B 39 -42.00 -12.94 -30.00
C GLY B 39 -42.08 -13.75 -28.72
N ALA B 40 -41.06 -14.56 -28.48
CA ALA B 40 -40.96 -15.38 -27.27
C ALA B 40 -39.58 -15.22 -26.67
N PRO B 41 -39.33 -14.11 -25.97
CA PRO B 41 -37.97 -13.81 -25.51
C PRO B 41 -37.38 -14.82 -24.53
N LYS B 42 -38.18 -15.72 -23.96
CA LYS B 42 -37.65 -16.74 -23.05
C LYS B 42 -37.72 -18.14 -23.64
N ALA B 43 -37.91 -18.26 -24.95
CA ALA B 43 -38.07 -19.57 -25.56
C ALA B 43 -36.73 -20.26 -25.68
N ASN B 44 -36.75 -21.59 -25.58
CA ASN B 44 -35.58 -22.37 -25.94
C ASN B 44 -35.48 -22.49 -27.45
N THR B 45 -34.27 -22.73 -27.94
CA THR B 45 -34.02 -22.77 -29.36
C THR B 45 -33.29 -24.05 -29.72
N THR B 46 -33.00 -24.19 -31.01
CA THR B 46 -32.19 -25.29 -31.51
C THR B 46 -30.71 -24.98 -31.52
N GLN B 47 -30.33 -23.76 -31.17
CA GLN B 47 -28.94 -23.33 -31.30
C GLN B 47 -28.07 -24.14 -30.34
N PRO B 48 -26.89 -24.58 -30.78
CA PRO B 48 -26.07 -25.46 -29.94
C PRO B 48 -25.29 -24.66 -28.89
N GLY B 49 -25.34 -25.15 -27.66
CA GLY B 49 -24.65 -24.47 -26.58
C GLY B 49 -25.31 -23.21 -26.10
N ILE B 50 -26.52 -22.92 -26.57
CA ILE B 50 -27.28 -21.75 -26.17
C ILE B 50 -28.53 -22.22 -25.45
N VAL B 51 -28.77 -21.67 -24.27
CA VAL B 51 -29.98 -21.94 -23.50
C VAL B 51 -30.80 -20.65 -23.45
N GLU B 52 -32.09 -20.77 -23.77
CA GLU B 52 -33.04 -19.66 -23.73
C GLU B 52 -32.59 -18.50 -24.64
N GLY B 53 -32.55 -18.78 -25.93
CA GLY B 53 -32.23 -17.75 -26.88
C GLY B 53 -33.37 -16.80 -27.14
N GLY B 54 -34.47 -17.31 -27.69
CA GLY B 54 -35.59 -16.47 -28.05
C GLY B 54 -36.08 -16.86 -29.43
N GLN B 55 -37.39 -16.80 -29.62
CA GLN B 55 -38.01 -17.20 -30.86
C GLN B 55 -39.02 -16.16 -31.31
N VAL B 56 -39.16 -16.04 -32.61
CA VAL B 56 -40.20 -15.21 -33.23
C VAL B 56 -41.05 -16.16 -34.05
N LEU B 57 -42.13 -16.66 -33.44
CA LEU B 57 -42.95 -17.68 -34.09
C LEU B 57 -43.94 -17.00 -35.02
N LYS B 58 -43.92 -17.38 -36.30
CA LYS B 58 -44.87 -16.88 -37.28
C LYS B 58 -46.11 -17.78 -37.24
N CYS B 59 -47.22 -17.23 -36.77
CA CYS B 59 -48.45 -17.98 -36.62
C CYS B 59 -49.40 -17.65 -37.76
N ASP B 60 -50.12 -18.66 -38.24
CA ASP B 60 -51.04 -18.46 -39.34
C ASP B 60 -52.47 -18.30 -38.82
N TRP B 61 -53.27 -17.56 -39.58
CA TRP B 61 -54.65 -17.27 -39.21
C TRP B 61 -55.66 -18.10 -39.97
N SER B 62 -55.37 -18.51 -41.20
CA SER B 62 -56.36 -19.13 -42.06
C SER B 62 -56.67 -20.54 -41.60
N SER B 63 -57.34 -20.67 -40.45
CA SER B 63 -57.83 -21.91 -39.87
C SER B 63 -56.72 -22.84 -39.41
N THR B 64 -55.46 -22.49 -39.63
CA THR B 64 -54.33 -23.28 -39.15
C THR B 64 -53.50 -22.40 -38.22
N ARG B 65 -53.52 -22.74 -36.93
CA ARG B 65 -52.82 -21.96 -35.91
C ARG B 65 -51.39 -22.43 -35.72
N ARG B 66 -50.80 -23.08 -36.73
CA ARG B 66 -49.47 -23.64 -36.56
C ARG B 66 -48.43 -22.52 -36.51
N CYS B 67 -47.72 -22.43 -35.40
CA CYS B 67 -46.73 -21.38 -35.18
C CYS B 67 -45.35 -21.96 -35.48
N GLN B 68 -44.77 -21.56 -36.60
CA GLN B 68 -43.48 -22.07 -37.05
C GLN B 68 -42.42 -21.01 -36.79
N PRO B 69 -41.46 -21.25 -35.90
CA PRO B 69 -40.48 -20.21 -35.58
C PRO B 69 -39.69 -19.80 -36.81
N ILE B 70 -39.53 -18.50 -36.98
CA ILE B 70 -38.73 -17.99 -38.08
C ILE B 70 -37.27 -18.21 -37.75
N GLU B 71 -36.54 -18.86 -38.66
CA GLU B 71 -35.13 -19.16 -38.44
C GLU B 71 -34.29 -17.94 -38.81
N PHE B 72 -34.39 -16.93 -37.94
CA PHE B 72 -33.56 -15.74 -38.10
C PHE B 72 -32.09 -16.08 -37.97
N ASP B 73 -31.77 -16.97 -37.04
CA ASP B 73 -30.39 -17.40 -36.82
C ASP B 73 -30.42 -18.82 -36.26
N ALA B 74 -29.41 -19.61 -36.63
CA ALA B 74 -29.32 -20.99 -36.17
C ALA B 74 -28.04 -21.30 -35.43
N THR B 75 -27.00 -20.49 -35.56
CA THR B 75 -25.69 -20.81 -35.02
C THR B 75 -25.62 -20.49 -33.54
N GLY B 76 -24.46 -20.78 -32.95
CA GLY B 76 -24.14 -20.47 -31.58
C GLY B 76 -23.28 -19.23 -31.47
N ASN B 77 -22.44 -19.20 -30.44
CA ASN B 77 -21.55 -18.06 -30.23
C ASN B 77 -20.36 -18.15 -31.16
N ARG B 78 -20.18 -17.14 -32.01
CA ARG B 78 -18.92 -17.00 -32.73
C ARG B 78 -17.80 -16.76 -31.72
N ASP B 79 -16.58 -17.05 -32.14
CA ASP B 79 -15.44 -17.05 -31.24
C ASP B 79 -14.36 -16.08 -31.73
N TYR B 80 -13.65 -15.48 -30.77
CA TYR B 80 -12.51 -14.63 -31.07
C TYR B 80 -11.22 -15.45 -31.24
N ALA B 81 -10.97 -16.38 -30.32
CA ALA B 81 -9.82 -17.26 -30.40
C ALA B 81 -10.23 -18.60 -29.83
N LYS B 82 -9.25 -19.48 -29.61
CA LYS B 82 -9.54 -20.78 -29.01
C LYS B 82 -10.05 -20.59 -27.59
N ASP B 83 -11.25 -21.09 -27.34
CA ASP B 83 -11.90 -20.98 -26.03
C ASP B 83 -12.04 -19.52 -25.59
N ASP B 84 -12.23 -18.62 -26.55
CA ASP B 84 -12.45 -17.20 -26.29
C ASP B 84 -13.70 -16.78 -27.04
N PRO B 85 -14.88 -17.03 -26.47
CA PRO B 85 -16.12 -16.69 -27.18
C PRO B 85 -16.22 -15.18 -27.41
N LEU B 86 -16.79 -14.82 -28.54
CA LEU B 86 -16.97 -13.42 -28.91
C LEU B 86 -18.29 -12.86 -28.43
N GLU B 87 -19.30 -13.70 -28.24
CA GLU B 87 -20.62 -13.23 -27.89
C GLU B 87 -21.30 -14.28 -27.03
N PHE B 88 -22.35 -13.85 -26.32
CA PHE B 88 -23.06 -14.71 -25.38
C PHE B 88 -24.55 -14.60 -25.69
N LYS B 89 -25.04 -15.53 -26.50
CA LYS B 89 -26.44 -15.54 -26.92
C LYS B 89 -27.38 -16.11 -25.88
N SER B 90 -26.88 -16.75 -24.83
CA SER B 90 -27.77 -17.31 -23.82
C SER B 90 -28.52 -16.20 -23.11
N HIS B 91 -29.81 -16.41 -22.90
CA HIS B 91 -30.66 -15.46 -22.17
C HIS B 91 -30.62 -14.08 -22.81
N GLN B 92 -30.69 -14.04 -24.14
CA GLN B 92 -30.54 -12.77 -24.86
C GLN B 92 -31.85 -12.04 -25.06
N TRP B 93 -32.98 -12.65 -24.70
CA TRP B 93 -34.29 -12.04 -24.90
C TRP B 93 -34.51 -11.60 -26.35
N PHE B 94 -34.19 -12.51 -27.28
CA PHE B 94 -34.46 -12.25 -28.68
C PHE B 94 -35.95 -12.30 -28.94
N GLY B 95 -36.43 -11.41 -29.80
CA GLY B 95 -37.84 -11.34 -30.12
C GLY B 95 -38.67 -10.49 -29.18
N ALA B 96 -38.04 -9.69 -28.33
CA ALA B 96 -38.80 -8.83 -27.44
C ALA B 96 -39.40 -7.63 -28.15
N SER B 97 -39.00 -7.38 -29.40
CA SER B 97 -39.55 -6.28 -30.19
C SER B 97 -39.65 -6.75 -31.63
N VAL B 98 -40.87 -6.94 -32.12
CA VAL B 98 -41.11 -7.45 -33.46
C VAL B 98 -41.88 -6.38 -34.24
N ARG B 99 -41.30 -5.93 -35.35
CA ARG B 99 -41.94 -4.97 -36.24
C ARG B 99 -41.86 -5.50 -37.66
N SER B 100 -42.95 -5.36 -38.41
CA SER B 100 -43.01 -5.88 -39.77
C SER B 100 -43.54 -4.81 -40.71
N LYS B 101 -42.77 -4.50 -41.74
CA LYS B 101 -43.25 -3.74 -42.88
C LYS B 101 -44.00 -4.72 -43.78
N GLN B 102 -44.29 -4.34 -45.03
CA GLN B 102 -45.04 -5.26 -45.88
C GLN B 102 -44.23 -6.50 -46.17
N ASP B 103 -42.92 -6.36 -46.36
CA ASP B 103 -42.08 -7.47 -46.81
C ASP B 103 -40.78 -7.60 -46.01
N LYS B 104 -40.72 -7.00 -44.81
CA LYS B 104 -39.56 -7.11 -43.95
C LYS B 104 -40.01 -7.50 -42.55
N ILE B 105 -39.12 -8.16 -41.81
CA ILE B 105 -39.32 -8.45 -40.40
C ILE B 105 -38.07 -8.03 -39.65
N LEU B 106 -38.26 -7.33 -38.54
CA LEU B 106 -37.15 -6.85 -37.71
C LEU B 106 -37.42 -7.25 -36.27
N ALA B 107 -36.71 -8.26 -35.79
CA ALA B 107 -36.78 -8.69 -34.41
C ALA B 107 -35.43 -8.45 -33.76
N CYS B 108 -35.43 -7.87 -32.57
CA CYS B 108 -34.21 -7.43 -31.91
C CYS B 108 -34.01 -8.17 -30.60
N ALA B 109 -32.75 -8.20 -30.16
CA ALA B 109 -32.36 -8.81 -28.89
C ALA B 109 -31.66 -7.77 -28.05
N PRO B 110 -32.23 -7.33 -26.92
CA PRO B 110 -31.61 -6.25 -26.14
C PRO B 110 -30.55 -6.72 -25.15
N LEU B 111 -30.66 -7.96 -24.68
CA LEU B 111 -29.80 -8.48 -23.62
C LEU B 111 -28.71 -9.39 -24.16
N TYR B 112 -28.15 -9.04 -25.32
CA TYR B 112 -27.14 -9.83 -25.99
C TYR B 112 -25.77 -9.30 -25.56
N HIS B 113 -25.18 -9.94 -24.55
CA HIS B 113 -23.85 -9.59 -24.09
C HIS B 113 -22.81 -10.12 -25.06
N TRP B 114 -21.65 -9.46 -25.11
CA TRP B 114 -20.61 -9.94 -26.00
C TRP B 114 -19.24 -9.57 -25.43
N ARG B 115 -18.24 -10.34 -25.82
CA ARG B 115 -16.86 -10.14 -25.39
C ARG B 115 -16.23 -9.10 -26.31
N THR B 116 -16.12 -7.87 -25.83
CA THR B 116 -15.57 -6.78 -26.61
C THR B 116 -14.21 -7.17 -27.15
N GLU B 117 -13.84 -6.61 -28.30
CA GLU B 117 -12.61 -7.01 -28.98
C GLU B 117 -11.38 -6.67 -28.17
N MET B 118 -11.37 -5.52 -27.50
CA MET B 118 -10.16 -5.07 -26.82
C MET B 118 -9.86 -5.93 -25.59
N LYS B 119 -10.86 -6.23 -24.78
CA LYS B 119 -10.65 -6.98 -23.54
C LYS B 119 -11.83 -7.89 -23.28
N GLN B 120 -11.58 -8.92 -22.47
CA GLN B 120 -12.62 -9.89 -22.12
C GLN B 120 -13.67 -9.24 -21.25
N GLU B 121 -14.83 -8.93 -21.82
CA GLU B 121 -15.88 -8.21 -21.13
C GLU B 121 -17.22 -8.87 -21.45
N ARG B 122 -18.30 -8.31 -20.89
CA ARG B 122 -19.66 -8.76 -21.18
C ARG B 122 -20.53 -7.51 -21.27
N GLU B 123 -20.67 -6.98 -22.48
CA GLU B 123 -21.33 -5.70 -22.70
C GLU B 123 -22.68 -5.94 -23.36
N PRO B 124 -23.79 -5.55 -22.74
CA PRO B 124 -25.13 -5.82 -23.33
C PRO B 124 -25.50 -4.85 -24.45
N VAL B 125 -24.78 -4.94 -25.57
CA VAL B 125 -25.01 -3.99 -26.67
C VAL B 125 -26.34 -4.26 -27.35
N GLY B 126 -26.67 -5.53 -27.56
CA GLY B 126 -27.88 -5.87 -28.28
C GLY B 126 -27.65 -5.94 -29.78
N THR B 127 -28.55 -6.63 -30.47
CA THR B 127 -28.44 -6.84 -31.90
C THR B 127 -29.82 -7.07 -32.49
N CYS B 128 -29.92 -6.96 -33.81
CA CYS B 128 -31.17 -7.14 -34.52
C CYS B 128 -30.93 -7.91 -35.80
N PHE B 129 -31.90 -8.75 -36.17
CA PHE B 129 -31.86 -9.54 -37.40
C PHE B 129 -32.97 -9.04 -38.31
N LEU B 130 -32.60 -8.44 -39.44
CA LEU B 130 -33.56 -7.98 -40.43
C LEU B 130 -33.65 -8.99 -41.56
N GLN B 131 -34.79 -9.66 -41.66
CA GLN B 131 -35.05 -10.60 -42.73
C GLN B 131 -35.84 -9.88 -43.82
N ASP B 132 -35.29 -9.86 -45.03
CA ASP B 132 -35.89 -9.15 -46.15
C ASP B 132 -36.18 -10.16 -47.26
N GLY B 133 -37.33 -10.81 -47.17
CA GLY B 133 -37.67 -11.79 -48.18
C GLY B 133 -36.87 -13.07 -48.01
N THR B 134 -35.89 -13.28 -48.88
CA THR B 134 -34.99 -14.41 -48.79
C THR B 134 -33.75 -14.08 -47.96
N LYS B 135 -33.13 -12.94 -48.22
CA LYS B 135 -31.92 -12.55 -47.52
C LYS B 135 -32.21 -12.25 -46.05
N THR B 136 -31.32 -12.70 -45.18
CA THR B 136 -31.37 -12.39 -43.76
C THR B 136 -30.08 -11.71 -43.35
N VAL B 137 -30.19 -10.66 -42.54
CA VAL B 137 -29.08 -9.79 -42.21
C VAL B 137 -29.04 -9.65 -40.69
N GLU B 138 -27.94 -9.08 -40.19
CA GLU B 138 -27.80 -8.75 -38.78
C GLU B 138 -27.52 -7.26 -38.65
N TYR B 139 -28.18 -6.63 -37.69
CA TYR B 139 -28.10 -5.19 -37.47
C TYR B 139 -27.76 -4.94 -36.01
N ALA B 140 -26.60 -4.37 -35.75
CA ALA B 140 -26.13 -4.14 -34.38
C ALA B 140 -25.23 -2.91 -34.36
N PRO B 141 -25.83 -1.71 -34.41
CA PRO B 141 -25.01 -0.50 -34.49
C PRO B 141 -24.47 -0.04 -33.15
N CYS B 142 -24.85 -0.68 -32.04
CA CYS B 142 -24.33 -0.25 -30.75
C CYS B 142 -23.11 -1.05 -30.30
N ARG B 143 -22.77 -2.15 -30.95
CA ARG B 143 -21.48 -2.79 -30.71
C ARG B 143 -20.51 -2.17 -31.71
N SER B 144 -19.64 -1.30 -31.22
CA SER B 144 -18.74 -0.55 -32.08
C SER B 144 -17.33 -0.58 -31.50
N GLN B 145 -16.46 0.23 -32.09
CA GLN B 145 -15.07 0.29 -31.63
C GLN B 145 -14.92 1.12 -30.37
N ASP B 146 -15.89 1.98 -30.07
CA ASP B 146 -15.83 2.88 -28.93
C ASP B 146 -17.01 2.55 -28.02
N ILE B 147 -16.85 1.56 -27.16
CA ILE B 147 -17.91 1.12 -26.27
C ILE B 147 -17.36 0.91 -24.87
N ASP B 148 -18.20 1.24 -23.88
CA ASP B 148 -18.02 0.96 -22.46
C ASP B 148 -19.29 1.48 -21.82
N ALA B 149 -19.41 1.43 -20.49
CA ALA B 149 -20.49 2.18 -19.86
C ALA B 149 -20.42 3.66 -20.23
N ASP B 150 -19.20 4.18 -20.39
CA ASP B 150 -19.02 5.54 -20.89
C ASP B 150 -19.63 5.71 -22.28
N GLY B 151 -19.27 4.84 -23.20
CA GLY B 151 -19.81 4.86 -24.54
C GLY B 151 -21.11 4.11 -24.61
N GLN B 152 -21.38 3.53 -25.78
CA GLN B 152 -22.59 2.76 -26.00
C GLN B 152 -22.40 1.28 -25.72
N GLY B 153 -21.51 0.94 -24.78
CA GLY B 153 -21.31 -0.45 -24.42
C GLY B 153 -22.56 -1.08 -23.80
N PHE B 154 -23.24 -0.35 -22.94
CA PHE B 154 -24.48 -0.83 -22.33
C PHE B 154 -25.70 -0.37 -23.11
N CYS B 155 -25.57 -0.21 -24.43
CA CYS B 155 -26.61 0.45 -25.22
C CYS B 155 -27.94 -0.28 -25.14
N GLN B 156 -27.90 -1.61 -25.03
CA GLN B 156 -29.11 -2.42 -25.10
C GLN B 156 -29.91 -2.09 -26.35
N GLY B 157 -29.22 -1.93 -27.47
CA GLY B 157 -29.84 -1.56 -28.71
C GLY B 157 -30.93 -2.51 -29.15
N GLY B 158 -32.09 -1.98 -29.49
CA GLY B 158 -33.22 -2.82 -29.82
C GLY B 158 -34.25 -2.96 -28.73
N PHE B 159 -34.10 -2.20 -27.63
CA PHE B 159 -35.18 -2.15 -26.64
C PHE B 159 -36.47 -1.66 -27.27
N SER B 160 -36.36 -0.72 -28.20
CA SER B 160 -37.49 -0.18 -28.94
C SER B 160 -37.09 0.00 -30.40
N ILE B 161 -38.03 -0.31 -31.30
CA ILE B 161 -37.79 -0.22 -32.74
C ILE B 161 -39.07 0.22 -33.43
N ASP B 162 -38.93 0.72 -34.65
CA ASP B 162 -40.06 1.05 -35.49
C ASP B 162 -39.57 1.25 -36.92
N PHE B 163 -40.49 1.14 -37.87
CA PHE B 163 -40.23 1.40 -39.28
C PHE B 163 -40.78 2.76 -39.68
N THR B 164 -39.94 3.57 -40.32
CA THR B 164 -40.39 4.75 -41.03
C THR B 164 -41.08 4.33 -42.32
N LYS B 165 -42.00 5.17 -42.80
CA LYS B 165 -42.68 4.90 -44.06
C LYS B 165 -41.75 5.04 -45.26
N ALA B 166 -40.55 5.57 -45.08
CA ALA B 166 -39.61 5.81 -46.18
C ALA B 166 -38.45 4.82 -46.17
N ASP B 167 -38.68 3.61 -45.69
CA ASP B 167 -37.65 2.58 -45.59
C ASP B 167 -36.47 3.05 -44.74
N ARG B 168 -36.76 3.30 -43.47
CA ARG B 168 -35.74 3.49 -42.46
C ARG B 168 -36.13 2.70 -41.22
N VAL B 169 -35.13 2.39 -40.40
CA VAL B 169 -35.33 1.67 -39.16
C VAL B 169 -34.89 2.58 -38.02
N LEU B 170 -35.83 2.91 -37.14
CA LEU B 170 -35.55 3.73 -35.97
C LEU B 170 -35.31 2.83 -34.78
N LEU B 171 -34.12 2.90 -34.22
CA LEU B 171 -33.70 2.01 -33.14
C LEU B 171 -33.35 2.82 -31.91
N GLY B 172 -33.79 2.35 -30.75
CA GLY B 172 -33.56 3.09 -29.52
C GLY B 172 -32.81 2.32 -28.45
N GLY B 173 -31.64 2.82 -28.07
CA GLY B 173 -30.85 2.22 -27.02
C GLY B 173 -30.90 3.03 -25.74
N PRO B 174 -31.60 2.51 -24.72
CA PRO B 174 -31.80 3.29 -23.49
C PRO B 174 -30.55 3.52 -22.68
N GLY B 175 -29.56 2.61 -22.74
CA GLY B 175 -28.50 2.61 -21.76
C GLY B 175 -27.19 3.24 -22.16
N SER B 176 -27.07 3.78 -23.36
CA SER B 176 -25.79 4.30 -23.79
C SER B 176 -25.48 5.62 -23.11
N PHE B 177 -24.18 5.94 -23.03
CA PHE B 177 -23.68 7.15 -22.40
C PHE B 177 -24.14 7.26 -20.94
N TYR B 178 -23.86 6.20 -20.18
CA TYR B 178 -24.33 6.06 -18.81
C TYR B 178 -25.83 6.29 -18.70
N TRP B 179 -26.58 5.57 -19.53
CA TRP B 179 -28.03 5.52 -19.44
C TRP B 179 -28.69 6.85 -19.79
N GLN B 180 -27.99 7.70 -20.56
CA GLN B 180 -28.67 8.87 -21.11
C GLN B 180 -29.66 8.47 -22.19
N GLY B 181 -29.35 7.43 -22.96
CA GLY B 181 -30.19 6.97 -24.05
C GLY B 181 -29.66 7.39 -25.41
N GLN B 182 -30.25 6.79 -26.44
CA GLN B 182 -29.85 7.10 -27.80
C GLN B 182 -30.91 6.61 -28.78
N LEU B 183 -31.04 7.32 -29.88
CA LEU B 183 -31.83 6.89 -31.03
C LEU B 183 -30.93 6.77 -32.25
N ILE B 184 -31.20 5.78 -33.09
CA ILE B 184 -30.43 5.54 -34.31
C ILE B 184 -31.39 5.25 -35.44
N SER B 185 -31.20 5.94 -36.57
CA SER B 185 -32.01 5.74 -37.76
C SER B 185 -31.12 5.34 -38.92
N ASP B 186 -31.54 4.35 -39.68
CA ASP B 186 -30.77 3.86 -40.81
C ASP B 186 -31.71 3.18 -41.80
N GLN B 187 -31.35 3.22 -43.07
CA GLN B 187 -32.22 2.76 -44.14
C GLN B 187 -31.94 1.29 -44.47
N VAL B 188 -33.03 0.55 -44.72
CA VAL B 188 -32.91 -0.87 -45.06
C VAL B 188 -32.14 -1.06 -46.35
N ALA B 189 -32.29 -0.11 -47.29
CA ALA B 189 -31.57 -0.15 -48.55
C ALA B 189 -30.06 -0.13 -48.37
N GLU B 190 -29.57 0.05 -47.14
CA GLU B 190 -28.14 -0.05 -46.84
C GLU B 190 -27.82 -1.09 -45.79
N ILE B 191 -28.78 -1.46 -44.94
CA ILE B 191 -28.53 -2.51 -43.96
C ILE B 191 -28.19 -3.82 -44.67
N VAL B 192 -28.94 -4.15 -45.72
CA VAL B 192 -28.71 -5.41 -46.41
C VAL B 192 -27.42 -5.35 -47.22
N SER B 193 -27.16 -4.23 -47.90
CA SER B 193 -26.02 -4.17 -48.81
C SER B 193 -24.70 -3.96 -48.09
N LYS B 194 -24.72 -3.76 -46.78
CA LYS B 194 -23.53 -3.64 -45.95
C LYS B 194 -23.64 -4.66 -44.83
N TYR B 195 -23.24 -5.90 -45.11
CA TYR B 195 -23.26 -6.95 -44.10
C TYR B 195 -22.20 -7.98 -44.47
N ASP B 196 -21.03 -7.88 -43.85
CA ASP B 196 -20.02 -8.90 -43.98
C ASP B 196 -20.12 -9.83 -42.79
N PRO B 197 -20.43 -11.11 -42.98
CA PRO B 197 -20.60 -12.01 -41.83
C PRO B 197 -19.34 -12.19 -41.00
N ASN B 198 -18.23 -11.54 -41.36
CA ASN B 198 -16.99 -11.61 -40.61
C ASN B 198 -16.55 -10.25 -40.09
N VAL B 199 -17.42 -9.25 -40.12
CA VAL B 199 -17.13 -7.91 -39.62
C VAL B 199 -18.17 -7.57 -38.56
N TYR B 200 -17.72 -6.96 -37.47
CA TYR B 200 -18.58 -6.65 -36.32
C TYR B 200 -18.96 -5.18 -36.27
N SER B 201 -17.99 -4.28 -36.44
CA SER B 201 -18.25 -2.84 -36.46
C SER B 201 -18.41 -2.43 -37.91
N ILE B 202 -19.65 -2.26 -38.34
CA ILE B 202 -19.96 -1.86 -39.70
C ILE B 202 -20.37 -0.40 -39.72
N LYS B 203 -19.77 0.36 -40.62
CA LYS B 203 -20.06 1.79 -40.77
C LYS B 203 -21.07 1.98 -41.88
N TYR B 204 -22.23 2.55 -41.54
CA TYR B 204 -23.31 2.77 -42.47
C TYR B 204 -23.30 4.22 -42.92
N ASN B 205 -23.31 4.43 -44.24
CA ASN B 205 -23.01 5.75 -44.80
C ASN B 205 -24.07 6.79 -44.42
N ASN B 206 -25.34 6.41 -44.49
CA ASN B 206 -26.44 7.36 -44.34
C ASN B 206 -27.19 7.17 -43.03
N GLN B 207 -26.47 6.91 -41.95
CA GLN B 207 -27.09 6.69 -40.65
C GLN B 207 -27.21 8.01 -39.89
N LEU B 208 -28.30 8.15 -39.15
CA LEU B 208 -28.56 9.32 -38.32
C LEU B 208 -28.72 8.87 -36.88
N ALA B 209 -28.04 9.57 -35.97
CA ALA B 209 -28.07 9.18 -34.57
C ALA B 209 -27.91 10.40 -33.69
N THR B 210 -28.27 10.24 -32.42
CA THR B 210 -28.15 11.31 -31.43
C THR B 210 -26.93 11.07 -30.56
N ARG B 211 -26.24 12.15 -30.22
CA ARG B 211 -24.91 12.08 -29.64
C ARG B 211 -24.94 12.32 -28.12
N THR B 212 -23.76 12.45 -27.54
CA THR B 212 -23.60 12.50 -26.09
C THR B 212 -23.91 13.89 -25.54
N ALA B 213 -24.49 13.92 -24.34
CA ALA B 213 -24.85 15.16 -23.68
C ALA B 213 -24.14 15.30 -22.34
N GLN B 214 -24.51 16.31 -21.56
CA GLN B 214 -23.85 16.57 -20.29
C GLN B 214 -24.19 15.51 -19.26
N ALA B 215 -23.36 15.41 -18.24
CA ALA B 215 -23.48 14.35 -17.24
C ALA B 215 -24.70 14.50 -16.35
N ILE B 216 -25.39 15.64 -16.40
CA ILE B 216 -26.62 15.79 -15.62
C ILE B 216 -27.79 15.03 -16.23
N PHE B 217 -27.61 14.45 -17.41
CA PHE B 217 -28.66 13.75 -18.11
C PHE B 217 -28.60 12.24 -17.93
N ASP B 218 -27.75 11.75 -17.04
CA ASP B 218 -27.65 10.32 -16.81
C ASP B 218 -28.98 9.75 -16.33
N ASP B 219 -29.18 8.48 -16.63
CA ASP B 219 -30.40 7.75 -16.27
C ASP B 219 -31.65 8.40 -16.82
N SER B 220 -31.54 9.09 -17.97
CA SER B 220 -32.73 9.63 -18.61
C SER B 220 -33.53 8.53 -19.29
N TYR B 221 -32.85 7.57 -19.92
CA TYR B 221 -33.46 6.45 -20.64
C TYR B 221 -34.14 6.89 -21.93
N LEU B 222 -33.49 7.76 -22.69
CA LEU B 222 -34.00 8.10 -24.01
C LEU B 222 -34.02 6.84 -24.89
N GLY B 223 -35.08 6.71 -25.68
CA GLY B 223 -35.25 5.52 -26.49
C GLY B 223 -35.96 4.38 -25.80
N TYR B 224 -36.49 4.60 -24.60
CA TYR B 224 -37.24 3.58 -23.90
C TYR B 224 -38.45 3.12 -24.70
N SER B 225 -38.94 3.96 -25.62
CA SER B 225 -40.05 3.63 -26.50
C SER B 225 -40.05 4.65 -27.63
N VAL B 226 -40.26 4.17 -28.86
CA VAL B 226 -40.20 5.04 -30.04
C VAL B 226 -41.49 4.93 -30.84
N ALA B 227 -41.67 5.91 -31.72
CA ALA B 227 -42.79 5.94 -32.65
C ALA B 227 -42.44 6.95 -33.75
N VAL B 228 -43.22 6.93 -34.83
CA VAL B 228 -42.96 7.79 -35.97
C VAL B 228 -44.24 8.48 -36.40
N GLY B 229 -44.07 9.52 -37.21
CA GLY B 229 -45.18 10.31 -37.71
C GLY B 229 -44.69 11.67 -38.15
N ASP B 230 -45.30 12.23 -39.19
CA ASP B 230 -44.88 13.53 -39.68
C ASP B 230 -45.31 14.62 -38.71
N PHE B 231 -44.38 15.51 -38.34
CA PHE B 231 -44.69 16.53 -37.35
C PHE B 231 -44.16 17.91 -37.70
N ASN B 232 -43.66 18.13 -38.91
CA ASN B 232 -43.33 19.50 -39.30
C ASN B 232 -43.70 19.78 -40.77
N GLY B 233 -44.52 18.94 -41.38
CA GLY B 233 -45.06 19.22 -42.70
C GLY B 233 -44.18 18.84 -43.87
N ASP B 234 -42.95 18.37 -43.63
CA ASP B 234 -42.09 17.98 -44.73
C ASP B 234 -42.59 16.72 -45.44
N GLY B 235 -43.33 15.86 -44.74
CA GLY B 235 -43.81 14.62 -45.28
C GLY B 235 -43.07 13.39 -44.80
N ILE B 236 -41.80 13.53 -44.44
CA ILE B 236 -40.98 12.43 -43.94
C ILE B 236 -41.32 12.22 -42.47
N ASP B 237 -41.43 10.97 -42.05
CA ASP B 237 -41.81 10.67 -40.68
C ASP B 237 -40.74 11.14 -39.71
N ASP B 238 -41.17 11.58 -38.54
CA ASP B 238 -40.29 12.16 -37.53
C ASP B 238 -40.24 11.27 -36.29
N PHE B 239 -39.06 11.19 -35.70
CA PHE B 239 -38.77 10.20 -34.66
C PHE B 239 -39.25 10.71 -33.30
N VAL B 240 -40.26 10.05 -32.75
CA VAL B 240 -40.80 10.39 -31.44
C VAL B 240 -40.38 9.31 -30.46
N SER B 241 -39.71 9.71 -29.39
CA SER B 241 -39.22 8.76 -28.41
C SER B 241 -39.51 9.27 -27.00
N GLY B 242 -39.65 8.33 -26.07
CA GLY B 242 -40.04 8.63 -24.71
C GLY B 242 -38.88 8.43 -23.75
N VAL B 243 -38.61 9.46 -22.95
CA VAL B 243 -37.51 9.47 -22.02
C VAL B 243 -38.06 9.62 -20.60
N PRO B 244 -38.39 8.52 -19.93
CA PRO B 244 -39.28 8.56 -18.78
C PRO B 244 -38.62 8.89 -17.44
N ARG B 245 -37.38 9.32 -17.42
CA ARG B 245 -36.71 9.73 -16.18
C ARG B 245 -36.04 11.09 -16.29
N ALA B 246 -36.35 11.88 -17.30
CA ALA B 246 -35.72 13.17 -17.42
C ALA B 246 -36.32 14.15 -16.42
N ALA B 247 -35.58 15.22 -16.15
CA ALA B 247 -36.05 16.33 -15.30
C ALA B 247 -36.47 15.82 -13.92
N ARG B 248 -35.51 15.19 -13.23
CA ARG B 248 -35.72 14.67 -11.88
C ARG B 248 -36.92 13.73 -11.82
N THR B 249 -36.94 12.77 -12.74
CA THR B 249 -37.97 11.74 -12.87
C THR B 249 -39.36 12.31 -13.12
N LEU B 250 -39.46 13.52 -13.66
CA LEU B 250 -40.76 13.99 -14.13
C LEU B 250 -41.19 13.23 -15.37
N GLY B 251 -40.25 12.93 -16.26
CA GLY B 251 -40.55 12.30 -17.52
C GLY B 251 -40.66 13.34 -18.62
N MET B 252 -40.05 13.07 -19.77
CA MET B 252 -40.17 13.95 -20.91
C MET B 252 -40.38 13.10 -22.15
N VAL B 253 -40.72 13.76 -23.25
CA VAL B 253 -40.82 13.11 -24.56
C VAL B 253 -40.20 14.05 -25.57
N TYR B 254 -39.30 13.51 -26.40
CA TYR B 254 -38.63 14.29 -27.43
C TYR B 254 -39.20 13.94 -28.79
N ILE B 255 -39.16 14.91 -29.70
CA ILE B 255 -39.50 14.71 -31.10
C ILE B 255 -38.37 15.27 -31.94
N TYR B 256 -37.82 14.42 -32.80
CA TYR B 256 -36.67 14.77 -33.63
C TYR B 256 -37.08 14.82 -35.10
N ASP B 257 -36.47 15.75 -35.83
CA ASP B 257 -36.75 15.85 -37.26
C ASP B 257 -36.26 14.61 -37.98
N GLY B 258 -37.13 14.02 -38.80
CA GLY B 258 -36.80 12.75 -39.43
C GLY B 258 -35.87 12.84 -40.61
N LYS B 259 -35.45 14.04 -40.98
CA LYS B 259 -34.55 14.25 -42.10
C LYS B 259 -33.09 14.39 -41.67
N ASN B 260 -32.84 15.00 -40.51
CA ASN B 260 -31.48 15.22 -40.03
C ASN B 260 -31.31 15.02 -38.53
N MET B 261 -32.32 14.47 -37.85
CA MET B 261 -32.26 14.25 -36.40
C MET B 261 -31.93 15.54 -35.64
N SER B 262 -32.74 16.56 -35.87
CA SER B 262 -32.64 17.84 -35.18
C SER B 262 -33.89 18.03 -34.34
N SER B 263 -33.70 18.40 -33.07
CA SER B 263 -34.82 18.49 -32.14
C SER B 263 -35.84 19.51 -32.62
N LEU B 264 -37.12 19.15 -32.52
CA LEU B 264 -38.22 20.01 -32.93
C LEU B 264 -39.11 20.43 -31.78
N TYR B 265 -39.63 19.48 -31.01
CA TYR B 265 -40.56 19.78 -29.93
C TYR B 265 -40.26 18.90 -28.74
N ASN B 266 -40.68 19.38 -27.57
CA ASN B 266 -40.48 18.68 -26.31
C ASN B 266 -41.80 18.65 -25.55
N PHE B 267 -41.98 17.60 -24.75
CA PHE B 267 -43.06 17.54 -23.78
C PHE B 267 -42.43 17.35 -22.42
N THR B 268 -43.25 17.45 -21.37
CA THR B 268 -42.72 17.32 -20.02
C THR B 268 -43.84 16.85 -19.11
N GLY B 269 -43.49 15.97 -18.17
CA GLY B 269 -44.47 15.50 -17.22
C GLY B 269 -44.77 16.51 -16.15
N GLU B 270 -45.74 16.19 -15.31
CA GLU B 270 -46.17 17.09 -14.26
C GLU B 270 -46.04 16.50 -12.87
N GLN B 271 -45.77 15.21 -12.73
CA GLN B 271 -45.59 14.57 -11.44
C GLN B 271 -44.29 13.80 -11.44
N MET B 272 -43.57 13.86 -10.33
CA MET B 272 -42.34 13.08 -10.17
C MET B 272 -42.66 11.60 -10.07
N ALA B 273 -41.75 10.78 -10.62
CA ALA B 273 -41.83 9.33 -10.50
C ALA B 273 -43.13 8.78 -11.07
N ALA B 274 -43.57 9.34 -12.19
CA ALA B 274 -44.80 8.93 -12.85
C ALA B 274 -44.57 8.20 -14.17
N TYR B 275 -43.36 8.18 -14.66
CA TYR B 275 -43.06 7.46 -15.91
C TYR B 275 -43.81 8.12 -17.05
N PHE B 276 -43.53 9.39 -17.32
CA PHE B 276 -44.04 10.08 -18.50
C PHE B 276 -43.16 9.72 -19.70
N GLY B 277 -43.74 9.12 -20.72
CA GLY B 277 -42.98 8.65 -21.86
C GLY B 277 -42.74 7.17 -21.89
N PHE B 278 -43.34 6.41 -20.98
CA PHE B 278 -43.19 4.96 -20.99
C PHE B 278 -43.69 4.37 -22.30
N SER B 279 -44.82 4.85 -22.81
CA SER B 279 -45.36 4.41 -24.07
C SER B 279 -45.70 5.62 -24.92
N VAL B 280 -45.37 5.56 -26.21
CA VAL B 280 -45.63 6.66 -27.14
C VAL B 280 -46.23 6.08 -28.41
N ALA B 281 -47.31 6.68 -28.89
CA ALA B 281 -47.96 6.25 -30.11
C ALA B 281 -48.53 7.47 -30.83
N ALA B 282 -48.07 7.71 -32.06
CA ALA B 282 -48.48 8.88 -32.84
C ALA B 282 -49.45 8.44 -33.93
N THR B 283 -50.72 8.82 -33.78
CA THR B 283 -51.73 8.54 -34.79
C THR B 283 -52.42 9.82 -35.19
N ASP B 284 -53.51 9.72 -35.96
CA ASP B 284 -54.29 10.87 -36.41
C ASP B 284 -55.71 10.64 -35.91
N ILE B 285 -56.01 11.16 -34.73
CA ILE B 285 -57.20 10.70 -34.01
C ILE B 285 -58.43 11.55 -34.33
N ASN B 286 -58.26 12.78 -34.81
CA ASN B 286 -59.40 13.62 -35.11
C ASN B 286 -59.70 13.73 -36.60
N GLY B 287 -58.89 13.09 -37.45
CA GLY B 287 -59.17 13.06 -38.87
C GLY B 287 -58.92 14.36 -39.61
N ASP B 288 -58.00 15.19 -39.13
CA ASP B 288 -57.70 16.46 -39.78
C ASP B 288 -56.42 16.41 -40.61
N ASP B 289 -55.89 15.22 -40.88
CA ASP B 289 -54.68 14.97 -41.66
C ASP B 289 -53.43 15.42 -40.93
N TYR B 290 -53.49 15.64 -39.62
CA TYR B 290 -52.34 15.99 -38.81
C TYR B 290 -52.18 14.97 -37.72
N ALA B 291 -50.96 14.41 -37.60
CA ALA B 291 -50.72 13.34 -36.65
C ALA B 291 -50.70 13.86 -35.22
N ASP B 292 -51.27 13.07 -34.30
CA ASP B 292 -51.47 13.50 -32.92
C ASP B 292 -50.72 12.56 -31.98
N VAL B 293 -50.12 13.13 -30.95
CA VAL B 293 -49.21 12.43 -30.05
C VAL B 293 -49.99 11.87 -28.87
N PHE B 294 -49.62 10.65 -28.46
CA PHE B 294 -50.15 10.03 -27.25
C PHE B 294 -49.00 9.59 -26.38
N ILE B 295 -49.11 9.82 -25.07
CA ILE B 295 -48.02 9.57 -24.13
C ILE B 295 -48.59 8.89 -22.89
N GLY B 296 -47.89 7.89 -22.39
CA GLY B 296 -48.38 7.10 -21.26
C GLY B 296 -47.55 7.34 -20.00
N ALA B 297 -48.25 7.40 -18.87
CA ALA B 297 -47.62 7.55 -17.56
C ALA B 297 -48.25 6.54 -16.61
N PRO B 298 -47.82 5.29 -16.66
CA PRO B 298 -48.53 4.23 -15.93
C PRO B 298 -48.57 4.41 -14.42
N LEU B 299 -47.61 5.13 -13.85
CA LEU B 299 -47.47 5.20 -12.39
C LEU B 299 -47.94 6.53 -11.81
N PHE B 300 -48.72 7.30 -12.56
CA PHE B 300 -49.21 8.58 -12.06
C PHE B 300 -50.09 8.38 -10.84
N MET B 301 -49.85 9.16 -9.80
CA MET B 301 -50.66 9.13 -8.58
C MET B 301 -51.59 10.31 -8.57
N ASP B 302 -52.89 10.05 -8.43
CA ASP B 302 -53.92 11.06 -8.61
C ASP B 302 -54.68 11.27 -7.30
N ARG B 303 -54.92 12.54 -6.98
CA ARG B 303 -55.63 12.88 -5.75
C ARG B 303 -57.04 12.29 -5.74
N GLY B 304 -57.41 11.69 -4.62
CA GLY B 304 -58.77 11.26 -4.41
C GLY B 304 -59.64 12.41 -3.92
N SER B 305 -60.92 12.11 -3.72
CA SER B 305 -61.84 13.12 -3.22
C SER B 305 -61.45 13.58 -1.82
N ASP B 306 -61.14 12.64 -0.93
CA ASP B 306 -60.80 12.98 0.44
C ASP B 306 -59.38 13.54 0.57
N GLY B 307 -58.58 13.48 -0.48
CA GLY B 307 -57.20 13.93 -0.44
C GLY B 307 -56.18 12.82 -0.51
N LYS B 308 -56.59 11.58 -0.29
CA LYS B 308 -55.67 10.45 -0.43
C LYS B 308 -55.26 10.30 -1.88
N LEU B 309 -54.01 9.91 -2.10
CA LEU B 309 -53.49 9.72 -3.44
C LEU B 309 -53.75 8.30 -3.93
N GLN B 310 -54.02 8.18 -5.22
CA GLN B 310 -54.19 6.89 -5.87
C GLN B 310 -53.34 6.83 -7.13
N GLU B 311 -52.59 5.74 -7.28
CA GLU B 311 -51.78 5.49 -8.46
C GLU B 311 -52.66 4.82 -9.50
N VAL B 312 -53.18 5.61 -10.44
CA VAL B 312 -54.11 5.10 -11.44
C VAL B 312 -53.56 5.15 -12.85
N GLY B 313 -52.57 5.98 -13.14
CA GLY B 313 -52.06 6.14 -14.48
C GLY B 313 -52.76 7.26 -15.23
N GLN B 314 -52.12 7.68 -16.32
CA GLN B 314 -52.63 8.81 -17.07
C GLN B 314 -52.06 8.75 -18.48
N VAL B 315 -52.89 9.14 -19.45
CA VAL B 315 -52.49 9.21 -20.86
C VAL B 315 -52.72 10.62 -21.35
N SER B 316 -51.72 11.20 -22.00
CA SER B 316 -51.80 12.57 -22.47
C SER B 316 -52.06 12.58 -23.96
N VAL B 317 -53.11 13.28 -24.37
CA VAL B 317 -53.50 13.39 -25.78
C VAL B 317 -53.17 14.80 -26.24
N SER B 318 -52.47 14.92 -27.36
CA SER B 318 -51.91 16.19 -27.80
C SER B 318 -52.14 16.35 -29.30
N LEU B 319 -53.09 17.20 -29.67
CA LEU B 319 -53.55 17.33 -31.05
C LEU B 319 -52.69 18.34 -31.78
N GLN B 320 -51.96 17.89 -32.79
CA GLN B 320 -51.11 18.79 -33.55
C GLN B 320 -51.95 19.77 -34.35
N ARG B 321 -51.54 21.03 -34.37
CA ARG B 321 -52.22 22.07 -35.12
C ARG B 321 -51.32 22.54 -36.25
N ALA B 322 -51.91 23.30 -37.17
CA ALA B 322 -51.21 23.68 -38.39
C ALA B 322 -50.14 24.74 -38.16
N SER B 323 -50.09 25.35 -36.98
CA SER B 323 -49.14 26.43 -36.71
C SER B 323 -47.98 26.00 -35.84
N GLY B 324 -47.90 24.73 -35.45
CA GLY B 324 -46.83 24.26 -34.59
C GLY B 324 -47.19 24.15 -33.13
N ASP B 325 -48.45 24.34 -32.77
CA ASP B 325 -48.89 24.22 -31.39
C ASP B 325 -49.49 22.85 -31.15
N PHE B 326 -49.78 22.57 -29.88
CA PHE B 326 -50.37 21.31 -29.46
C PHE B 326 -51.45 21.59 -28.43
N GLN B 327 -52.67 21.13 -28.70
CA GLN B 327 -53.77 21.25 -27.74
C GLN B 327 -53.82 19.96 -26.94
N THR B 328 -53.41 20.04 -25.68
CA THR B 328 -53.20 18.86 -24.85
C THR B 328 -54.38 18.64 -23.92
N THR B 329 -54.70 17.36 -23.69
CA THR B 329 -55.72 16.97 -22.75
C THR B 329 -55.20 15.77 -21.95
N LYS B 330 -55.65 15.66 -20.71
CA LYS B 330 -55.30 14.52 -19.88
C LYS B 330 -56.40 13.47 -19.91
N LEU B 331 -56.07 12.29 -19.40
CA LEU B 331 -57.01 11.17 -19.41
C LEU B 331 -56.52 10.19 -18.36
N ASN B 332 -57.30 9.99 -17.30
CA ASN B 332 -56.86 9.21 -16.15
C ASN B 332 -57.41 7.80 -16.19
N GLY B 333 -56.73 6.92 -15.45
CA GLY B 333 -57.13 5.53 -15.38
C GLY B 333 -58.32 5.30 -14.49
N PHE B 334 -58.67 4.04 -14.33
CA PHE B 334 -59.93 3.68 -13.68
C PHE B 334 -59.77 2.81 -12.44
N GLU B 335 -58.72 2.01 -12.35
CA GLU B 335 -58.49 1.17 -11.18
C GLU B 335 -57.10 1.47 -10.61
N VAL B 336 -57.02 1.51 -9.28
CA VAL B 336 -55.75 1.78 -8.63
C VAL B 336 -54.80 0.63 -8.87
N PHE B 337 -53.52 0.94 -9.07
CA PHE B 337 -52.43 0.01 -9.32
C PHE B 337 -52.55 -0.73 -10.64
N ALA B 338 -53.49 -0.33 -11.51
CA ALA B 338 -53.72 -1.05 -12.75
C ALA B 338 -52.73 -0.69 -13.84
N ARG B 339 -51.94 0.37 -13.66
CA ARG B 339 -50.97 0.81 -14.65
C ARG B 339 -51.64 1.11 -15.99
N PHE B 340 -52.76 1.84 -15.94
CA PHE B 340 -53.37 2.38 -17.13
C PHE B 340 -52.36 3.21 -17.91
N GLY B 341 -52.39 3.08 -19.23
CA GLY B 341 -51.43 3.77 -20.06
C GLY B 341 -50.16 2.99 -20.34
N SER B 342 -50.11 1.71 -19.96
CA SER B 342 -48.92 0.92 -20.24
C SER B 342 -48.68 0.78 -21.74
N ALA B 343 -49.71 0.43 -22.50
CA ALA B 343 -49.60 0.22 -23.93
C ALA B 343 -50.65 1.04 -24.67
N ILE B 344 -50.22 1.70 -25.74
CA ILE B 344 -51.10 2.47 -26.61
C ILE B 344 -50.85 2.01 -28.04
N ALA B 345 -51.93 1.71 -28.76
CA ALA B 345 -51.79 1.27 -30.14
C ALA B 345 -52.91 1.85 -31.00
N PRO B 346 -52.58 2.58 -32.07
CA PRO B 346 -53.63 3.03 -33.00
C PRO B 346 -54.33 1.83 -33.64
N LEU B 347 -55.63 1.98 -33.87
CA LEU B 347 -56.46 0.91 -34.39
C LEU B 347 -56.86 1.11 -35.85
N GLY B 348 -56.43 2.20 -36.47
CA GLY B 348 -56.98 2.56 -37.77
C GLY B 348 -58.35 3.15 -37.58
N ASP B 349 -59.29 2.76 -38.43
CA ASP B 349 -60.68 3.19 -38.31
C ASP B 349 -61.52 1.96 -37.97
N LEU B 350 -61.64 1.69 -36.67
CA LEU B 350 -62.27 0.46 -36.22
C LEU B 350 -63.72 0.34 -36.63
N ASP B 351 -64.39 1.45 -36.95
CA ASP B 351 -65.79 1.42 -37.32
C ASP B 351 -66.09 2.22 -38.59
N GLN B 352 -65.06 2.67 -39.30
CA GLN B 352 -65.18 3.29 -40.61
C GLN B 352 -66.16 4.48 -40.59
N ASP B 353 -65.76 5.51 -39.84
CA ASP B 353 -66.50 6.76 -39.78
C ASP B 353 -65.77 7.93 -40.41
N GLY B 354 -64.44 7.94 -40.35
CA GLY B 354 -63.67 9.02 -40.93
C GLY B 354 -62.57 9.51 -40.02
N PHE B 355 -62.62 9.08 -38.75
CA PHE B 355 -61.65 9.47 -37.75
C PHE B 355 -61.01 8.23 -37.17
N ASN B 356 -59.68 8.16 -37.23
CA ASN B 356 -58.99 6.98 -36.74
C ASN B 356 -59.21 6.84 -35.23
N ASP B 357 -58.91 5.66 -34.72
CA ASP B 357 -59.23 5.31 -33.34
C ASP B 357 -57.97 4.87 -32.62
N ILE B 358 -58.11 4.47 -31.36
CA ILE B 358 -56.97 4.12 -30.52
C ILE B 358 -57.45 3.26 -29.37
N ALA B 359 -56.54 2.49 -28.78
CA ALA B 359 -56.86 1.60 -27.67
C ALA B 359 -55.74 1.63 -26.65
N ILE B 360 -56.12 1.72 -25.38
CA ILE B 360 -55.17 1.84 -24.27
C ILE B 360 -55.43 0.72 -23.28
N ALA B 361 -54.37 0.13 -22.76
CA ALA B 361 -54.43 -1.09 -21.97
C ALA B 361 -54.01 -0.85 -20.54
N ALA B 362 -54.60 -1.61 -19.63
CA ALA B 362 -54.28 -1.58 -18.20
C ALA B 362 -53.99 -3.00 -17.78
N PRO B 363 -52.75 -3.47 -17.98
CA PRO B 363 -52.48 -4.91 -17.89
C PRO B 363 -52.84 -5.52 -16.54
N TYR B 364 -52.67 -4.80 -15.44
CA TYR B 364 -52.89 -5.38 -14.12
C TYR B 364 -54.25 -5.01 -13.54
N GLY B 365 -55.10 -4.36 -14.33
CA GLY B 365 -56.45 -4.05 -13.91
C GLY B 365 -57.38 -5.22 -14.08
N GLY B 366 -58.68 -4.92 -13.97
CA GLY B 366 -59.69 -5.93 -14.18
C GLY B 366 -59.94 -6.77 -12.95
N GLU B 367 -60.90 -7.68 -13.09
CA GLU B 367 -61.24 -8.59 -12.01
C GLU B 367 -60.12 -9.61 -11.84
N ASP B 368 -59.68 -9.79 -10.59
CA ASP B 368 -58.56 -10.67 -10.25
C ASP B 368 -57.28 -10.28 -10.99
N LYS B 369 -57.18 -9.02 -11.42
CA LYS B 369 -55.97 -8.47 -12.03
C LYS B 369 -55.54 -9.27 -13.25
N LYS B 370 -56.51 -9.76 -14.02
CA LYS B 370 -56.19 -10.48 -15.24
C LYS B 370 -55.78 -9.53 -16.35
N GLY B 371 -56.45 -8.39 -16.48
CA GLY B 371 -56.11 -7.40 -17.48
C GLY B 371 -57.33 -6.87 -18.19
N ILE B 372 -57.24 -5.62 -18.65
CA ILE B 372 -58.33 -4.96 -19.35
C ILE B 372 -57.74 -4.04 -20.41
N VAL B 373 -58.40 -3.99 -21.57
CA VAL B 373 -58.06 -3.08 -22.65
C VAL B 373 -59.27 -2.21 -22.94
N TYR B 374 -59.03 -0.92 -23.16
CA TYR B 374 -60.09 0.05 -23.41
C TYR B 374 -60.01 0.53 -24.84
N ILE B 375 -61.17 0.78 -25.45
CA ILE B 375 -61.27 1.18 -26.85
C ILE B 375 -61.83 2.60 -26.92
N PHE B 376 -61.11 3.48 -27.59
CA PHE B 376 -61.49 4.87 -27.73
C PHE B 376 -61.80 5.18 -29.20
N ASN B 377 -62.67 6.16 -29.41
CA ASN B 377 -63.12 6.54 -30.74
C ASN B 377 -62.86 8.03 -30.95
N GLY B 378 -62.36 8.37 -32.14
CA GLY B 378 -62.10 9.75 -32.45
C GLY B 378 -63.35 10.50 -32.89
N ARG B 379 -63.23 11.83 -32.91
CA ARG B 379 -64.29 12.71 -33.37
C ARG B 379 -63.66 13.85 -34.15
N SER B 380 -64.49 14.81 -34.57
CA SER B 380 -63.95 15.98 -35.25
C SER B 380 -63.19 16.86 -34.27
N THR B 381 -63.61 16.89 -33.01
CA THR B 381 -62.89 17.65 -31.99
C THR B 381 -61.57 16.98 -31.63
N GLY B 382 -61.61 15.69 -31.40
CA GLY B 382 -60.46 14.93 -30.92
C GLY B 382 -60.92 13.56 -30.43
N LEU B 383 -60.19 13.04 -29.45
CA LEU B 383 -60.58 11.77 -28.85
C LEU B 383 -61.85 11.93 -28.04
N ASN B 384 -62.65 10.88 -27.98
CA ASN B 384 -63.84 10.85 -27.14
C ASN B 384 -63.46 10.15 -25.84
N ALA B 385 -63.43 10.91 -24.75
CA ALA B 385 -62.80 10.48 -23.50
C ALA B 385 -63.56 9.40 -22.74
N VAL B 386 -64.60 8.78 -23.26
CA VAL B 386 -65.27 7.66 -22.60
C VAL B 386 -65.08 6.43 -23.48
N PRO B 387 -64.55 5.32 -22.96
CA PRO B 387 -64.27 4.17 -23.81
C PRO B 387 -65.56 3.48 -24.24
N SER B 388 -65.62 3.14 -25.53
CA SER B 388 -66.80 2.47 -26.07
C SER B 388 -66.83 0.98 -25.71
N GLN B 389 -65.67 0.31 -25.68
CA GLN B 389 -65.63 -1.11 -25.38
C GLN B 389 -64.54 -1.41 -24.38
N ILE B 390 -64.80 -2.40 -23.53
CA ILE B 390 -63.86 -2.89 -22.53
C ILE B 390 -63.52 -4.33 -22.88
N LEU B 391 -62.26 -4.59 -23.22
CA LEU B 391 -61.78 -5.93 -23.53
C LEU B 391 -61.09 -6.48 -22.29
N GLU B 392 -61.50 -7.67 -21.86
CA GLU B 392 -60.99 -8.26 -20.63
C GLU B 392 -60.33 -9.60 -20.92
N GLY B 393 -59.23 -9.88 -20.22
CA GLY B 393 -58.56 -11.15 -20.36
C GLY B 393 -59.30 -12.26 -19.63
N GLN B 394 -59.19 -13.47 -20.19
CA GLN B 394 -59.92 -14.63 -19.66
C GLN B 394 -59.03 -15.61 -18.92
N TRP B 395 -57.74 -15.31 -18.73
CA TRP B 395 -56.80 -16.31 -18.26
C TRP B 395 -56.34 -15.98 -16.85
N ALA B 396 -56.33 -17.00 -16.00
CA ALA B 396 -55.85 -16.86 -14.63
C ALA B 396 -54.33 -16.86 -14.59
N ALA B 397 -53.77 -16.38 -13.49
CA ALA B 397 -52.33 -16.32 -13.32
C ALA B 397 -51.80 -17.67 -12.85
N ARG B 398 -50.83 -18.20 -13.58
CA ARG B 398 -50.25 -19.49 -13.21
C ARG B 398 -49.20 -19.33 -12.13
N SER B 399 -48.14 -18.60 -12.42
CA SER B 399 -47.12 -18.23 -11.45
C SER B 399 -47.01 -16.72 -11.28
N MET B 400 -46.96 -15.99 -12.38
CA MET B 400 -46.93 -14.54 -12.41
C MET B 400 -48.22 -14.00 -13.03
N PRO B 401 -48.54 -12.73 -12.80
CA PRO B 401 -49.80 -12.18 -13.33
C PRO B 401 -49.88 -12.31 -14.83
N PRO B 402 -51.06 -12.58 -15.38
CA PRO B 402 -51.16 -12.83 -16.82
C PRO B 402 -50.70 -11.68 -17.67
N SER B 403 -50.78 -10.45 -17.16
CA SER B 403 -50.30 -9.27 -17.88
C SER B 403 -50.99 -9.10 -19.23
N PHE B 404 -52.30 -9.36 -19.26
CA PHE B 404 -53.06 -9.27 -20.50
C PHE B 404 -53.18 -7.82 -20.92
N GLY B 405 -52.41 -7.42 -21.93
CA GLY B 405 -52.45 -6.06 -22.41
C GLY B 405 -51.09 -5.42 -22.47
N TYR B 406 -50.05 -6.20 -22.17
CA TYR B 406 -48.70 -5.65 -22.16
C TYR B 406 -48.27 -5.21 -23.56
N SER B 407 -48.69 -5.96 -24.58
CA SER B 407 -48.39 -5.58 -25.95
C SER B 407 -49.62 -5.84 -26.81
N MET B 408 -49.78 -5.02 -27.85
CA MET B 408 -50.96 -5.10 -28.70
C MET B 408 -50.66 -4.41 -30.02
N LYS B 409 -51.44 -4.76 -31.05
CA LYS B 409 -51.22 -4.23 -32.38
C LYS B 409 -52.56 -4.18 -33.12
N GLY B 410 -52.65 -3.32 -34.11
CA GLY B 410 -53.85 -3.20 -34.89
C GLY B 410 -53.60 -2.63 -36.26
N ALA B 411 -54.67 -2.11 -36.87
CA ALA B 411 -54.70 -1.35 -38.11
C ALA B 411 -54.56 -2.19 -39.37
N THR B 412 -54.59 -3.52 -39.28
CA THR B 412 -54.53 -4.38 -40.45
C THR B 412 -55.72 -5.33 -40.42
N ASP B 413 -56.44 -5.42 -41.54
CA ASP B 413 -57.60 -6.29 -41.63
C ASP B 413 -57.14 -7.66 -42.12
N ILE B 414 -57.42 -8.70 -41.33
CA ILE B 414 -56.89 -10.02 -41.61
C ILE B 414 -58.00 -10.88 -42.21
N ASP B 415 -59.24 -10.62 -41.79
CA ASP B 415 -60.39 -11.25 -42.44
C ASP B 415 -60.60 -10.73 -43.85
N LYS B 416 -60.07 -9.55 -44.15
CA LYS B 416 -60.40 -8.80 -45.36
C LYS B 416 -61.91 -8.52 -45.44
N ASN B 417 -62.52 -8.25 -44.30
CA ASN B 417 -63.90 -7.78 -44.24
C ASN B 417 -63.99 -6.26 -44.34
N GLY B 418 -62.88 -5.60 -44.61
CA GLY B 418 -62.83 -4.17 -44.70
C GLY B 418 -62.42 -3.46 -43.43
N TYR B 419 -62.52 -4.13 -42.27
CA TYR B 419 -62.25 -3.36 -41.08
C TYR B 419 -60.98 -3.85 -40.39
N PRO B 420 -60.20 -2.94 -39.79
CA PRO B 420 -58.96 -3.35 -39.13
C PRO B 420 -59.23 -4.25 -37.93
N ASP B 421 -58.18 -4.94 -37.49
CA ASP B 421 -58.28 -5.93 -36.42
C ASP B 421 -57.29 -5.61 -35.31
N LEU B 422 -57.18 -6.53 -34.35
CA LEU B 422 -56.39 -6.29 -33.15
C LEU B 422 -55.92 -7.61 -32.58
N ILE B 423 -54.62 -7.70 -32.27
CA ILE B 423 -54.04 -8.84 -31.55
C ILE B 423 -53.47 -8.34 -30.23
N VAL B 424 -53.59 -9.17 -29.20
CA VAL B 424 -53.20 -8.82 -27.84
C VAL B 424 -52.37 -9.95 -27.26
N GLY B 425 -51.36 -9.59 -26.47
CA GLY B 425 -50.50 -10.60 -25.91
C GLY B 425 -50.46 -10.66 -24.39
N ALA B 426 -51.00 -11.73 -23.82
CA ALA B 426 -51.02 -11.93 -22.37
C ALA B 426 -49.86 -12.83 -21.96
N PHE B 427 -48.65 -12.29 -22.09
CA PHE B 427 -47.44 -13.11 -22.06
C PHE B 427 -47.23 -13.82 -20.74
N GLY B 428 -47.92 -13.41 -19.68
CA GLY B 428 -47.75 -14.09 -18.40
C GLY B 428 -48.33 -15.49 -18.37
N VAL B 429 -49.07 -15.87 -19.42
CA VAL B 429 -49.60 -17.22 -19.55
C VAL B 429 -49.24 -17.75 -20.93
N ASP B 430 -48.29 -17.07 -21.59
CA ASP B 430 -47.72 -17.54 -22.85
C ASP B 430 -48.78 -17.65 -23.94
N ARG B 431 -49.65 -16.65 -24.04
CA ARG B 431 -50.75 -16.66 -24.98
C ARG B 431 -50.78 -15.37 -25.79
N ALA B 432 -51.36 -15.46 -26.98
CA ALA B 432 -51.76 -14.30 -27.76
C ALA B 432 -53.18 -14.52 -28.25
N ILE B 433 -53.90 -13.43 -28.46
CA ILE B 433 -55.30 -13.48 -28.85
C ILE B 433 -55.53 -12.50 -29.99
N LEU B 434 -56.36 -12.91 -30.96
CA LEU B 434 -56.74 -12.07 -32.08
C LEU B 434 -58.22 -11.73 -31.98
N TYR B 435 -58.55 -10.47 -32.23
CA TYR B 435 -59.93 -9.99 -32.21
C TYR B 435 -60.30 -9.45 -33.58
N ARG B 436 -61.56 -9.66 -33.95
CA ARG B 436 -62.05 -9.30 -35.28
C ARG B 436 -63.11 -8.21 -35.17
N ALA B 437 -63.02 -7.21 -36.05
CA ALA B 437 -63.95 -6.09 -36.05
C ALA B 437 -65.12 -6.39 -36.98
N ARG B 438 -66.32 -6.44 -36.40
CA ARG B 438 -67.54 -6.72 -37.13
C ARG B 438 -67.98 -5.53 -37.98
N PRO B 439 -68.61 -5.78 -39.13
CA PRO B 439 -69.10 -4.67 -39.95
C PRO B 439 -70.25 -3.92 -39.27
N VAL B 440 -70.34 -2.63 -39.58
CA VAL B 440 -71.24 -1.71 -38.90
C VAL B 440 -72.30 -1.23 -39.90
N ILE B 441 -73.56 -1.36 -39.53
CA ILE B 441 -74.69 -0.96 -40.37
C ILE B 441 -75.41 0.21 -39.71
N THR B 442 -75.79 1.19 -40.52
CA THR B 442 -76.51 2.36 -40.05
C THR B 442 -77.99 2.23 -40.46
N VAL B 443 -78.84 1.93 -39.49
CA VAL B 443 -80.28 1.85 -39.73
C VAL B 443 -80.87 3.25 -39.54
N ASN B 444 -81.61 3.72 -40.54
CA ASN B 444 -82.27 5.01 -40.49
C ASN B 444 -83.77 4.75 -40.40
N ALA B 445 -84.26 4.57 -39.17
CA ALA B 445 -85.69 4.36 -38.97
C ALA B 445 -86.47 5.59 -39.39
N GLY B 446 -87.52 5.38 -40.17
CA GLY B 446 -88.27 6.47 -40.75
C GLY B 446 -89.67 6.57 -40.19
N LEU B 447 -90.13 7.82 -40.01
CA LEU B 447 -91.48 8.09 -39.54
C LEU B 447 -92.10 9.28 -40.25
N GLU B 448 -91.68 9.55 -41.49
CA GLU B 448 -92.19 10.68 -42.27
C GLU B 448 -92.67 10.19 -43.62
N VAL B 449 -93.89 10.59 -43.99
CA VAL B 449 -94.49 10.20 -45.26
C VAL B 449 -95.56 11.23 -45.59
N TYR B 450 -95.97 11.27 -46.85
CA TYR B 450 -97.03 12.17 -47.30
C TYR B 450 -98.36 11.44 -47.32
N PRO B 451 -99.40 11.94 -46.61
CA PRO B 451 -99.45 13.20 -45.86
C PRO B 451 -98.70 13.13 -44.53
N SER B 452 -98.16 14.26 -44.09
CA SER B 452 -97.32 14.29 -42.91
C SER B 452 -98.15 14.17 -41.63
N ILE B 453 -99.04 15.14 -41.41
CA ILE B 453 -99.91 15.11 -40.23
C ILE B 453 -101.30 15.61 -40.63
N LEU B 454 -102.26 15.50 -39.73
CA LEU B 454 -103.63 15.93 -39.98
C LEU B 454 -104.02 16.97 -38.95
N ASN B 455 -104.68 18.03 -39.40
CA ASN B 455 -105.16 19.08 -38.51
C ASN B 455 -106.44 18.70 -37.79
N GLN B 456 -107.04 17.55 -38.12
CA GLN B 456 -108.25 16.96 -37.56
C GLN B 456 -109.51 17.71 -38.00
N ASP B 457 -109.39 18.83 -38.72
CA ASP B 457 -110.58 19.54 -39.18
C ASP B 457 -111.22 18.86 -40.37
N ASN B 458 -110.42 18.28 -41.27
CA ASN B 458 -110.92 17.66 -42.49
C ASN B 458 -110.34 16.27 -42.63
N LYS B 459 -111.18 15.32 -43.05
CA LYS B 459 -110.77 13.95 -43.29
C LYS B 459 -110.29 13.83 -44.73
N THR B 460 -108.98 13.65 -44.90
CA THR B 460 -108.41 13.51 -46.24
C THR B 460 -108.94 12.27 -46.93
N CYS B 461 -109.04 11.16 -46.20
CA CYS B 461 -109.57 9.91 -46.74
C CYS B 461 -110.13 9.10 -45.60
N SER B 462 -111.45 9.07 -45.46
CA SER B 462 -112.09 8.27 -44.41
C SER B 462 -111.88 6.79 -44.68
N LEU B 463 -111.45 6.07 -43.66
CA LEU B 463 -111.16 4.65 -43.81
C LEU B 463 -112.47 3.86 -43.90
N PRO B 464 -112.68 3.08 -44.96
CA PRO B 464 -113.87 2.24 -45.03
C PRO B 464 -113.87 1.18 -43.94
N GLY B 465 -115.06 0.81 -43.52
CA GLY B 465 -115.23 -0.14 -42.43
C GLY B 465 -115.24 0.48 -41.05
N THR B 466 -115.28 1.80 -40.95
CA THR B 466 -115.33 2.50 -39.67
C THR B 466 -116.58 3.36 -39.61
N ALA B 467 -117.24 3.36 -38.45
CA ALA B 467 -118.44 4.16 -38.25
C ALA B 467 -118.15 5.58 -37.80
N LEU B 468 -116.91 5.89 -37.45
CA LEU B 468 -116.56 7.23 -37.02
C LEU B 468 -116.42 8.17 -38.21
N LYS B 469 -116.32 9.47 -37.91
CA LYS B 469 -116.04 10.48 -38.92
C LYS B 469 -114.56 10.72 -39.10
N VAL B 470 -113.70 9.97 -38.40
CA VAL B 470 -112.27 10.16 -38.53
C VAL B 470 -111.78 9.63 -39.86
N SER B 471 -110.54 9.98 -40.19
CA SER B 471 -109.90 9.52 -41.42
C SER B 471 -109.14 8.23 -41.14
N CYS B 472 -108.31 7.81 -42.09
CA CYS B 472 -107.55 6.58 -41.92
C CYS B 472 -106.42 6.78 -40.91
N PHE B 473 -106.19 5.75 -40.10
CA PHE B 473 -105.12 5.77 -39.11
C PHE B 473 -103.94 4.98 -39.68
N ASN B 474 -103.04 5.67 -40.38
CA ASN B 474 -101.89 5.03 -40.99
C ASN B 474 -100.83 4.74 -39.93
N VAL B 475 -100.36 3.49 -39.91
CA VAL B 475 -99.33 3.07 -38.96
C VAL B 475 -98.11 2.58 -39.75
N ARG B 476 -97.86 3.21 -40.89
CA ARG B 476 -96.79 2.77 -41.78
C ARG B 476 -95.44 2.77 -41.08
N PHE B 477 -94.68 1.70 -41.28
CA PHE B 477 -93.35 1.53 -40.71
C PHE B 477 -92.33 1.42 -41.85
N CYS B 478 -91.05 1.44 -41.48
CA CYS B 478 -89.97 1.34 -42.44
C CYS B 478 -88.67 1.09 -41.68
N LEU B 479 -87.67 0.57 -42.40
CA LEU B 479 -86.35 0.35 -41.81
C LEU B 479 -85.34 0.34 -42.95
N LYS B 480 -84.63 1.45 -43.12
CA LYS B 480 -83.61 1.59 -44.15
C LYS B 480 -82.24 1.23 -43.57
N ALA B 481 -81.37 0.69 -44.42
CA ALA B 481 -80.06 0.25 -43.97
C ALA B 481 -79.03 0.49 -45.07
N ASP B 482 -77.77 0.57 -44.65
CA ASP B 482 -76.64 0.76 -45.55
C ASP B 482 -75.35 0.49 -44.78
N GLY B 483 -74.30 0.18 -45.52
CA GLY B 483 -73.06 -0.25 -44.90
C GLY B 483 -71.81 0.16 -45.65
N LYS B 484 -70.67 -0.42 -45.28
CA LYS B 484 -69.39 0.03 -45.83
C LYS B 484 -68.53 -1.11 -46.36
N GLY B 485 -68.65 -2.31 -45.79
CA GLY B 485 -67.76 -3.39 -46.18
C GLY B 485 -68.44 -4.66 -46.60
N VAL B 486 -67.92 -5.80 -46.17
CA VAL B 486 -68.54 -7.09 -46.48
C VAL B 486 -69.85 -7.20 -45.72
N LEU B 487 -70.95 -7.33 -46.47
CA LEU B 487 -72.28 -7.37 -45.87
C LEU B 487 -73.21 -8.11 -46.81
N PRO B 488 -74.09 -8.98 -46.30
CA PRO B 488 -75.10 -9.58 -47.17
C PRO B 488 -76.10 -8.54 -47.63
N ARG B 489 -76.58 -8.72 -48.86
CA ARG B 489 -77.50 -7.74 -49.43
C ARG B 489 -78.84 -7.74 -48.70
N LYS B 490 -79.42 -8.92 -48.51
CA LYS B 490 -80.76 -9.03 -47.93
C LYS B 490 -80.64 -8.94 -46.41
N LEU B 491 -80.77 -7.72 -45.89
CA LEU B 491 -80.81 -7.54 -44.44
C LEU B 491 -82.16 -8.03 -43.94
N ASN B 492 -82.13 -9.07 -43.10
CA ASN B 492 -83.36 -9.63 -42.54
C ASN B 492 -83.73 -8.89 -41.25
N PHE B 493 -83.87 -7.57 -41.38
CA PHE B 493 -84.16 -6.71 -40.24
C PHE B 493 -85.61 -6.93 -39.83
N GLN B 494 -85.81 -7.99 -39.06
CA GLN B 494 -87.14 -8.30 -38.55
C GLN B 494 -87.67 -7.16 -37.70
N VAL B 495 -88.91 -6.77 -37.95
CA VAL B 495 -89.48 -5.58 -37.32
C VAL B 495 -90.72 -5.95 -36.54
N GLU B 496 -91.37 -4.95 -35.94
CA GLU B 496 -92.63 -5.14 -35.26
C GLU B 496 -93.43 -3.84 -35.38
N LEU B 497 -94.75 -3.98 -35.31
CA LEU B 497 -95.68 -2.86 -35.39
C LEU B 497 -96.68 -2.94 -34.25
N LEU B 498 -96.18 -3.16 -33.04
CA LEU B 498 -97.05 -3.34 -31.88
C LEU B 498 -97.89 -2.09 -31.64
N LEU B 499 -99.17 -2.28 -31.40
CA LEU B 499 -100.08 -1.17 -31.20
C LEU B 499 -99.88 -0.53 -29.84
N ASP B 500 -99.82 0.79 -29.83
CA ASP B 500 -99.71 1.59 -28.60
C ASP B 500 -98.50 1.16 -27.77
N LYS B 501 -97.31 1.31 -28.37
CA LYS B 501 -96.08 1.05 -27.64
C LYS B 501 -95.82 2.09 -26.56
N LEU B 502 -96.51 3.23 -26.62
CA LEU B 502 -96.47 4.23 -25.56
C LEU B 502 -97.67 4.12 -24.63
N LYS B 503 -98.22 2.92 -24.47
CA LYS B 503 -99.36 2.69 -23.60
C LYS B 503 -99.25 1.30 -23.01
N GLN B 504 -99.98 1.08 -21.92
CA GLN B 504 -99.95 -0.19 -21.22
C GLN B 504 -100.60 -1.27 -22.08
N LYS B 505 -99.93 -2.42 -22.19
CA LYS B 505 -100.46 -3.57 -22.91
C LYS B 505 -101.38 -4.35 -21.98
N GLY B 506 -101.84 -5.51 -22.44
CA GLY B 506 -102.73 -6.34 -21.64
C GLY B 506 -104.18 -5.90 -21.64
N ALA B 507 -104.52 -4.86 -22.39
CA ALA B 507 -105.90 -4.38 -22.48
C ALA B 507 -106.17 -3.91 -23.90
N ILE B 508 -107.46 -3.87 -24.25
CA ILE B 508 -107.86 -3.50 -25.60
C ILE B 508 -107.88 -1.99 -25.71
N ARG B 509 -106.98 -1.44 -26.54
CA ARG B 509 -106.95 -0.01 -26.77
C ARG B 509 -108.12 0.42 -27.65
N ARG B 510 -108.40 1.72 -27.63
CA ARG B 510 -109.51 2.26 -28.41
C ARG B 510 -109.29 2.12 -29.91
N ALA B 511 -108.05 1.91 -30.34
CA ALA B 511 -107.73 1.68 -31.74
C ALA B 511 -107.18 0.27 -31.90
N LEU B 512 -107.75 -0.47 -32.85
CA LEU B 512 -107.37 -1.86 -33.08
C LEU B 512 -107.45 -2.16 -34.57
N PHE B 513 -106.46 -2.91 -35.05
CA PHE B 513 -106.43 -3.34 -36.45
C PHE B 513 -107.30 -4.59 -36.57
N LEU B 514 -108.58 -4.36 -36.92
CA LEU B 514 -109.54 -5.45 -36.97
C LEU B 514 -109.18 -6.46 -38.06
N TYR B 515 -108.66 -5.98 -39.19
CA TYR B 515 -108.29 -6.88 -40.28
C TYR B 515 -107.19 -7.84 -39.87
N SER B 516 -106.43 -7.50 -38.83
CA SER B 516 -105.44 -8.40 -38.26
C SER B 516 -105.99 -9.25 -37.13
N ARG B 517 -107.29 -9.15 -36.86
CA ARG B 517 -108.03 -9.87 -35.82
C ARG B 517 -107.64 -9.47 -34.41
N SER B 518 -106.69 -8.56 -34.24
CA SER B 518 -106.23 -8.14 -32.92
C SER B 518 -105.41 -6.87 -33.09
N PRO B 519 -105.32 -6.05 -32.03
CA PRO B 519 -104.48 -4.85 -32.11
C PRO B 519 -103.00 -5.15 -32.36
N SER B 520 -102.51 -6.31 -31.90
CA SER B 520 -101.11 -6.65 -32.09
C SER B 520 -100.78 -6.84 -33.56
N HIS B 521 -99.57 -6.45 -33.95
CA HIS B 521 -99.13 -6.55 -35.33
C HIS B 521 -97.63 -6.82 -35.36
N SER B 522 -97.08 -6.93 -36.56
CA SER B 522 -95.67 -7.24 -36.74
C SER B 522 -95.26 -6.93 -38.17
N LYS B 523 -93.96 -7.06 -38.43
CA LYS B 523 -93.41 -6.86 -39.77
C LYS B 523 -92.18 -7.72 -39.93
N ASN B 524 -91.85 -8.03 -41.19
CA ASN B 524 -90.64 -8.79 -41.48
C ASN B 524 -89.93 -8.25 -42.72
N MET B 525 -89.86 -6.93 -42.85
CA MET B 525 -89.29 -6.32 -44.04
C MET B 525 -87.83 -6.75 -44.25
N THR B 526 -87.50 -7.09 -45.49
CA THR B 526 -86.14 -7.49 -45.85
C THR B 526 -85.54 -6.35 -46.67
N ILE B 527 -84.95 -5.39 -45.97
CA ILE B 527 -84.45 -4.18 -46.62
C ILE B 527 -83.25 -4.52 -47.51
N SER B 528 -82.92 -3.57 -48.39
CA SER B 528 -81.76 -3.68 -49.27
C SER B 528 -80.78 -2.56 -48.95
N ARG B 529 -79.49 -2.87 -49.04
CA ARG B 529 -78.46 -1.86 -48.84
C ARG B 529 -78.46 -0.89 -50.01
N GLY B 530 -78.80 0.37 -49.73
CA GLY B 530 -78.87 1.39 -50.75
C GLY B 530 -80.26 1.66 -51.30
N GLY B 531 -81.24 0.85 -50.96
CA GLY B 531 -82.60 1.06 -51.43
C GLY B 531 -83.36 2.06 -50.59
N LEU B 532 -84.59 2.33 -51.02
CA LEU B 532 -85.47 3.22 -50.29
C LEU B 532 -86.13 2.48 -49.13
N MET B 533 -86.75 3.25 -48.24
CA MET B 533 -87.42 2.68 -47.08
C MET B 533 -88.55 1.75 -47.53
N GLN B 534 -88.59 0.55 -46.97
CA GLN B 534 -89.61 -0.44 -47.31
C GLN B 534 -90.80 -0.25 -46.37
N CYS B 535 -91.90 0.25 -46.90
CA CYS B 535 -93.07 0.59 -46.09
C CYS B 535 -93.97 -0.62 -45.93
N GLU B 536 -94.40 -0.88 -44.71
CA GLU B 536 -95.41 -1.90 -44.42
C GLU B 536 -96.60 -1.16 -43.81
N GLU B 537 -97.48 -0.65 -44.68
CA GLU B 537 -98.60 0.17 -44.24
C GLU B 537 -99.61 -0.68 -43.48
N LEU B 538 -100.15 -0.12 -42.41
CA LEU B 538 -101.14 -0.79 -41.59
C LEU B 538 -102.33 0.14 -41.38
N ILE B 539 -103.52 -0.45 -41.25
CA ILE B 539 -104.75 0.29 -41.12
C ILE B 539 -105.47 -0.16 -39.85
N ALA B 540 -105.90 0.80 -39.04
CA ALA B 540 -106.70 0.54 -37.85
C ALA B 540 -107.74 1.62 -37.70
N TYR B 541 -108.80 1.31 -36.96
CA TYR B 541 -109.89 2.26 -36.76
C TYR B 541 -110.48 2.07 -35.39
N LEU B 542 -111.14 3.11 -34.89
CA LEU B 542 -111.77 3.09 -33.58
C LEU B 542 -113.18 2.56 -33.70
N ARG B 543 -113.50 1.55 -32.90
CA ARG B 543 -114.81 0.88 -32.93
C ARG B 543 -115.47 1.04 -31.58
N ASP B 544 -116.79 1.26 -31.59
CA ASP B 544 -117.56 1.31 -30.35
C ASP B 544 -117.54 -0.06 -29.68
N GLU B 545 -117.41 -0.06 -28.35
CA GLU B 545 -117.36 -1.28 -27.58
C GLU B 545 -118.29 -1.15 -26.38
N SER B 546 -118.62 -2.29 -25.78
CA SER B 546 -119.53 -2.30 -24.64
C SER B 546 -118.95 -1.50 -23.47
N GLU B 547 -117.67 -1.70 -23.17
CA GLU B 547 -117.01 -0.96 -22.10
C GLU B 547 -115.52 -0.93 -22.37
N PHE B 548 -114.85 0.12 -21.89
CA PHE B 548 -113.42 0.26 -22.08
C PHE B 548 -112.86 1.14 -20.98
N ARG B 549 -111.53 1.29 -20.98
CA ARG B 549 -110.90 2.20 -20.04
C ARG B 549 -111.26 3.65 -20.33
N ASP B 550 -111.30 4.01 -21.61
CA ASP B 550 -111.65 5.36 -22.03
C ASP B 550 -112.03 5.33 -23.50
N LYS B 551 -112.54 6.46 -23.98
CA LYS B 551 -112.94 6.56 -25.39
C LYS B 551 -111.74 6.58 -26.32
N LEU B 552 -110.65 7.23 -25.91
CA LEU B 552 -109.47 7.34 -26.74
C LEU B 552 -108.23 7.47 -25.86
N THR B 553 -107.08 7.12 -26.42
CA THR B 553 -105.81 7.14 -25.68
C THR B 553 -104.68 7.40 -26.66
N PRO B 554 -104.06 8.58 -26.62
CA PRO B 554 -102.96 8.88 -27.55
C PRO B 554 -101.67 8.19 -27.12
N ILE B 555 -101.17 7.31 -27.98
CA ILE B 555 -99.92 6.60 -27.73
C ILE B 555 -99.30 6.23 -29.07
N THR B 556 -98.05 6.62 -29.27
CA THR B 556 -97.34 6.27 -30.50
C THR B 556 -96.90 4.81 -30.47
N ILE B 557 -96.68 4.26 -31.66
CA ILE B 557 -96.29 2.86 -31.83
C ILE B 557 -94.83 2.82 -32.27
N PHE B 558 -94.04 1.98 -31.60
CA PHE B 558 -92.62 1.89 -31.85
C PHE B 558 -92.32 0.74 -32.80
N MET B 559 -91.54 1.02 -33.84
CA MET B 559 -91.13 0.01 -34.82
C MET B 559 -89.75 -0.51 -34.44
N GLU B 560 -89.62 -1.82 -34.32
CA GLU B 560 -88.38 -2.44 -33.87
C GLU B 560 -87.44 -2.67 -35.05
N TYR B 561 -86.13 -2.62 -34.75
CA TYR B 561 -85.09 -2.89 -35.73
C TYR B 561 -84.21 -4.05 -35.30
N ARG B 562 -84.81 -5.05 -34.65
CA ARG B 562 -84.04 -6.19 -34.16
C ARG B 562 -83.61 -7.10 -35.31
N LEU B 563 -82.44 -7.71 -35.16
CA LEU B 563 -81.91 -8.65 -36.15
C LEU B 563 -81.49 -9.93 -35.43
N ASP B 564 -81.62 -11.06 -36.13
CA ASP B 564 -81.07 -12.31 -35.61
C ASP B 564 -79.58 -12.41 -35.86
N TYR B 565 -79.11 -11.81 -36.97
CA TYR B 565 -77.72 -11.85 -37.42
C TYR B 565 -77.35 -13.23 -37.91
N ARG B 566 -78.27 -14.19 -37.78
CA ARG B 566 -77.97 -15.58 -38.13
C ARG B 566 -77.70 -15.74 -39.61
N THR B 567 -78.48 -15.05 -40.46
CA THR B 567 -78.22 -15.05 -41.88
C THR B 567 -77.34 -13.87 -42.31
N ALA B 568 -77.26 -12.82 -41.50
CA ALA B 568 -76.39 -11.71 -41.82
C ALA B 568 -74.91 -12.07 -41.65
N ALA B 569 -74.61 -13.13 -40.90
CA ALA B 569 -73.23 -13.56 -40.75
C ALA B 569 -72.68 -14.08 -42.07
N ASP B 570 -71.45 -13.68 -42.37
CA ASP B 570 -70.79 -14.14 -43.59
C ASP B 570 -70.22 -15.54 -43.35
N THR B 571 -69.37 -16.00 -44.28
CA THR B 571 -68.84 -17.35 -44.20
C THR B 571 -67.99 -17.55 -42.95
N THR B 572 -67.15 -16.56 -42.61
CA THR B 572 -66.27 -16.66 -41.46
C THR B 572 -67.03 -16.75 -40.13
N GLY B 573 -68.31 -16.40 -40.11
CA GLY B 573 -69.10 -16.48 -38.89
C GLY B 573 -69.20 -15.19 -38.11
N LEU B 574 -68.88 -14.06 -38.72
CA LEU B 574 -68.76 -12.77 -38.03
C LEU B 574 -70.03 -11.97 -38.27
N GLN B 575 -70.90 -11.92 -37.27
CA GLN B 575 -72.17 -11.23 -37.42
C GLN B 575 -71.94 -9.72 -37.52
N PRO B 576 -72.69 -9.05 -38.37
CA PRO B 576 -72.66 -7.58 -38.38
C PRO B 576 -73.11 -7.02 -37.05
N ILE B 577 -72.61 -5.84 -36.74
CA ILE B 577 -72.99 -5.13 -35.53
C ILE B 577 -73.89 -3.97 -35.93
N LEU B 578 -74.89 -3.71 -35.09
CA LEU B 578 -75.83 -2.61 -35.31
C LEU B 578 -75.36 -1.42 -34.50
N ASN B 579 -75.15 -0.29 -35.18
CA ASN B 579 -74.57 0.88 -34.55
C ASN B 579 -75.40 1.33 -33.35
N GLN B 580 -74.78 1.35 -32.17
CA GLN B 580 -75.47 1.70 -30.94
C GLN B 580 -75.70 3.20 -30.78
N PHE B 581 -75.05 4.03 -31.59
CA PHE B 581 -75.24 5.47 -31.49
C PHE B 581 -76.63 5.89 -31.95
N THR B 582 -77.11 5.29 -33.04
CA THR B 582 -78.43 5.62 -33.55
C THR B 582 -79.50 5.13 -32.57
N PRO B 583 -80.60 5.86 -32.44
CA PRO B 583 -81.67 5.42 -31.54
C PRO B 583 -82.25 4.08 -31.96
N ALA B 584 -82.63 3.27 -30.98
CA ALA B 584 -83.15 1.93 -31.25
C ALA B 584 -84.61 1.93 -31.65
N ASN B 585 -85.34 3.01 -31.39
CA ASN B 585 -86.74 3.11 -31.76
C ASN B 585 -87.02 4.51 -32.29
N ILE B 586 -88.04 4.60 -33.15
CA ILE B 586 -88.42 5.87 -33.76
C ILE B 586 -89.86 5.78 -34.22
N SER B 587 -90.55 6.90 -34.17
CA SER B 587 -91.96 7.01 -34.57
C SER B 587 -92.29 8.49 -34.72
N ARG B 588 -93.57 8.78 -34.89
CA ARG B 588 -94.06 10.15 -34.98
C ARG B 588 -95.27 10.29 -34.06
N GLN B 589 -95.53 11.52 -33.64
CA GLN B 589 -96.61 11.80 -32.70
C GLN B 589 -97.88 12.20 -33.42
N ALA B 590 -99.01 11.99 -32.74
CA ALA B 590 -100.32 12.43 -33.20
C ALA B 590 -100.66 13.77 -32.58
N HIS B 591 -101.15 14.69 -33.41
CA HIS B 591 -101.38 16.05 -32.95
C HIS B 591 -102.56 16.65 -33.71
N ILE B 592 -103.12 17.70 -33.13
CA ILE B 592 -104.17 18.49 -33.77
C ILE B 592 -103.51 19.73 -34.34
N LEU B 593 -103.58 19.89 -35.67
CA LEU B 593 -102.94 21.00 -36.38
C LEU B 593 -101.44 21.04 -36.11
N ILE C 1 -59.85 1.35 26.61
CA ILE C 1 -58.61 0.62 26.37
C ILE C 1 -57.57 1.51 25.71
N ASN C 2 -57.98 2.16 24.61
CA ASN C 2 -57.08 3.09 23.93
C ASN C 2 -56.74 4.26 24.83
N THR C 3 -55.51 4.74 24.70
CA THR C 3 -55.00 5.81 25.57
C THR C 3 -54.69 7.10 24.85
N GLN C 4 -54.35 7.05 23.56
CA GLN C 4 -53.93 8.22 22.82
C GLN C 4 -54.95 8.69 21.79
N VAL C 5 -55.66 7.76 21.15
CA VAL C 5 -56.71 8.08 20.20
C VAL C 5 -58.03 7.65 20.82
N THR C 6 -58.88 8.62 21.14
CA THR C 6 -60.18 8.36 21.71
C THR C 6 -61.24 9.13 20.92
N PRO C 7 -62.38 8.52 20.61
CA PRO C 7 -62.74 7.15 20.96
C PRO C 7 -62.05 6.11 20.08
N GLY C 8 -61.87 4.89 20.60
CA GLY C 8 -61.29 3.82 19.83
C GLY C 8 -62.26 3.04 18.99
N GLU C 9 -63.55 3.30 19.12
CA GLU C 9 -64.57 2.56 18.39
C GLU C 9 -65.86 3.35 18.41
N VAL C 10 -66.62 3.27 17.32
CA VAL C 10 -67.88 3.99 17.18
C VAL C 10 -68.83 3.15 16.33
N SER C 11 -70.04 2.94 16.83
CA SER C 11 -71.10 2.25 16.10
C SER C 11 -72.19 3.26 15.76
N ILE C 12 -72.43 3.48 14.46
CA ILE C 12 -73.41 4.44 14.00
C ILE C 12 -74.23 3.83 12.88
N GLN C 13 -75.49 4.24 12.83
CA GLN C 13 -76.43 3.81 11.79
C GLN C 13 -76.89 5.02 11.00
N LEU C 14 -76.90 4.88 9.68
CA LEU C 14 -77.28 5.96 8.79
C LEU C 14 -78.26 5.45 7.74
N ARG C 15 -79.06 6.36 7.22
CA ARG C 15 -80.02 6.07 6.17
C ARG C 15 -79.76 7.00 4.99
N PRO C 16 -80.03 6.56 3.76
CA PRO C 16 -79.57 7.30 2.59
C PRO C 16 -80.06 8.75 2.58
N GLY C 17 -79.16 9.66 2.21
CA GLY C 17 -79.44 11.07 2.22
C GLY C 17 -79.24 11.78 3.54
N ALA C 18 -78.69 11.09 4.54
CA ALA C 18 -78.48 11.67 5.87
C ALA C 18 -76.98 11.79 6.18
N GLU C 19 -76.68 12.62 7.16
CA GLU C 19 -75.31 12.85 7.59
C GLU C 19 -75.24 12.81 9.11
N ALA C 20 -74.23 12.14 9.63
CA ALA C 20 -73.96 12.04 11.06
C ALA C 20 -72.63 12.71 11.38
N ASN C 21 -72.31 12.77 12.67
CA ASN C 21 -71.02 13.30 13.08
C ASN C 21 -70.70 12.81 14.48
N PHE C 22 -69.44 12.98 14.86
CA PHE C 22 -68.97 12.78 16.22
C PHE C 22 -67.65 13.51 16.35
N MET C 23 -67.04 13.41 17.52
CA MET C 23 -65.74 14.02 17.76
C MET C 23 -64.71 12.93 18.03
N LEU C 24 -63.55 13.06 17.40
CA LEU C 24 -62.44 12.14 17.59
C LEU C 24 -61.29 12.96 18.17
N LYS C 25 -60.81 12.56 19.35
CA LYS C 25 -59.78 13.30 20.03
C LYS C 25 -58.48 12.51 20.06
N VAL C 26 -57.38 13.16 19.69
CA VAL C 26 -56.07 12.55 19.68
C VAL C 26 -55.20 13.32 20.66
N HIS C 27 -54.81 12.65 21.75
CA HIS C 27 -53.98 13.27 22.78
C HIS C 27 -52.62 12.60 22.80
N PRO C 28 -51.58 13.23 22.23
CA PRO C 28 -50.25 12.61 22.25
C PRO C 28 -49.75 12.41 23.67
N LEU C 29 -49.00 11.32 23.86
CA LEU C 29 -48.49 10.95 25.16
C LEU C 29 -47.17 11.66 25.43
N LYS C 30 -46.72 11.60 26.68
CA LYS C 30 -45.60 12.40 27.14
C LYS C 30 -44.27 11.89 26.58
N LYS C 31 -43.92 10.64 26.87
CA LYS C 31 -42.69 10.02 26.40
C LYS C 31 -43.00 8.73 25.65
N TYR C 32 -42.21 8.45 24.62
CA TYR C 32 -42.41 7.28 23.77
C TYR C 32 -41.18 6.39 23.77
N PRO C 33 -41.30 5.11 24.09
CA PRO C 33 -40.21 4.17 23.81
C PRO C 33 -39.94 4.16 22.31
N VAL C 34 -38.71 4.45 21.93
CA VAL C 34 -38.35 4.66 20.53
C VAL C 34 -37.55 3.47 20.02
N ASP C 35 -37.91 2.98 18.84
CA ASP C 35 -37.17 1.96 18.13
C ASP C 35 -36.68 2.55 16.82
N LEU C 36 -35.37 2.70 16.68
CA LEU C 36 -34.78 3.29 15.50
C LEU C 36 -34.02 2.22 14.73
N TYR C 37 -34.11 2.28 13.40
CA TYR C 37 -33.44 1.33 12.52
C TYR C 37 -32.65 2.10 11.48
N TYR C 38 -31.40 1.71 11.28
CA TYR C 38 -30.51 2.37 10.32
C TYR C 38 -30.44 1.53 9.05
N LEU C 39 -31.33 1.81 8.12
CA LEU C 39 -31.26 1.20 6.79
C LEU C 39 -30.24 1.99 5.98
N VAL C 40 -29.00 1.55 6.03
CA VAL C 40 -27.87 2.34 5.53
C VAL C 40 -27.49 1.86 4.14
N ASP C 41 -27.34 2.81 3.22
CA ASP C 41 -26.76 2.53 1.93
C ASP C 41 -25.27 2.30 2.12
N VAL C 42 -24.76 1.21 1.54
CA VAL C 42 -23.34 0.88 1.67
C VAL C 42 -22.72 0.71 0.29
N SER C 43 -23.26 1.42 -0.69
CA SER C 43 -22.67 1.40 -2.02
C SER C 43 -21.29 2.06 -2.00
N ALA C 44 -20.63 2.04 -3.15
CA ALA C 44 -19.29 2.60 -3.23
C ALA C 44 -19.27 4.10 -3.02
N SER C 45 -20.36 4.78 -3.40
CA SER C 45 -20.41 6.23 -3.21
C SER C 45 -20.53 6.58 -1.73
N MET C 46 -21.16 5.72 -0.94
CA MET C 46 -21.37 5.96 0.48
C MET C 46 -20.21 5.47 1.34
N HIS C 47 -19.02 5.37 0.78
CA HIS C 47 -17.91 4.80 1.54
C HIS C 47 -17.37 5.77 2.57
N ASN C 48 -17.30 7.06 2.26
CA ASN C 48 -16.77 8.02 3.22
C ASN C 48 -17.69 8.27 4.40
N ASN C 49 -18.93 7.80 4.35
CA ASN C 49 -19.89 8.08 5.39
C ASN C 49 -20.21 6.90 6.28
N ILE C 50 -19.80 5.68 5.92
CA ILE C 50 -20.01 4.54 6.80
C ILE C 50 -19.15 4.68 8.05
N GLU C 51 -17.95 5.22 7.91
CA GLU C 51 -17.05 5.38 9.05
C GLU C 51 -17.57 6.36 10.07
N LYS C 52 -18.49 7.24 9.68
CA LYS C 52 -19.09 8.20 10.59
C LYS C 52 -20.28 7.61 11.34
N LEU C 53 -20.46 6.29 11.29
CA LEU C 53 -21.48 5.61 12.06
C LEU C 53 -20.99 5.17 13.43
N ASN C 54 -19.70 5.31 13.71
CA ASN C 54 -19.16 4.90 15.00
C ASN C 54 -19.45 5.90 16.11
N SER C 55 -19.85 7.11 15.76
CA SER C 55 -20.17 8.13 16.75
C SER C 55 -21.62 8.10 17.20
N VAL C 56 -22.52 7.56 16.39
CA VAL C 56 -23.94 7.62 16.67
C VAL C 56 -24.39 6.67 17.78
N GLY C 57 -23.48 5.85 18.30
CA GLY C 57 -23.88 4.88 19.29
C GLY C 57 -24.28 5.49 20.62
N ASN C 58 -23.31 6.05 21.34
CA ASN C 58 -23.57 6.59 22.67
C ASN C 58 -24.05 8.03 22.65
N ASP C 59 -23.56 8.83 21.70
CA ASP C 59 -23.97 10.23 21.64
C ASP C 59 -25.47 10.37 21.47
N LEU C 60 -26.04 9.67 20.50
CA LEU C 60 -27.48 9.76 20.28
C LEU C 60 -28.26 9.23 21.47
N SER C 61 -27.83 8.12 22.07
CA SER C 61 -28.54 7.58 23.22
C SER C 61 -28.51 8.57 24.38
N ARG C 62 -27.47 9.40 24.44
CA ARG C 62 -27.47 10.47 25.44
C ARG C 62 -28.41 11.61 25.04
N LYS C 63 -28.43 11.96 23.74
CA LYS C 63 -29.34 12.99 23.28
C LYS C 63 -30.79 12.59 23.47
N MET C 64 -31.12 11.32 23.25
CA MET C 64 -32.48 10.84 23.31
C MET C 64 -32.80 10.15 24.63
N ALA C 65 -32.22 10.61 25.74
CA ALA C 65 -32.55 10.03 27.04
C ALA C 65 -33.72 10.75 27.69
N PHE C 66 -34.06 11.95 27.22
CA PHE C 66 -35.17 12.71 27.76
C PHE C 66 -36.41 12.66 26.89
N PHE C 67 -36.26 12.42 25.60
CA PHE C 67 -37.38 12.35 24.67
C PHE C 67 -38.02 10.97 24.61
N SER C 68 -37.46 9.98 25.33
CA SER C 68 -37.91 8.60 25.18
C SER C 68 -37.74 7.86 26.50
N ARG C 69 -38.67 6.95 26.77
CA ARG C 69 -38.57 6.12 27.96
C ARG C 69 -37.38 5.18 27.87
N ASP C 70 -37.27 4.45 26.76
CA ASP C 70 -36.11 3.63 26.48
C ASP C 70 -35.71 3.84 25.03
N PHE C 71 -34.67 3.13 24.61
CA PHE C 71 -34.09 3.33 23.29
C PHE C 71 -33.64 2.00 22.72
N ARG C 72 -33.74 1.87 21.39
CA ARG C 72 -33.29 0.69 20.69
C ARG C 72 -32.67 1.12 19.37
N LEU C 73 -31.79 0.28 18.84
CA LEU C 73 -31.14 0.55 17.57
C LEU C 73 -30.99 -0.73 16.77
N GLY C 74 -30.80 -0.57 15.46
CA GLY C 74 -30.62 -1.69 14.56
C GLY C 74 -29.84 -1.24 13.35
N PHE C 75 -29.44 -2.22 12.55
CA PHE C 75 -28.61 -1.94 11.38
C PHE C 75 -29.08 -2.79 10.21
N GLY C 76 -28.62 -2.41 9.01
CA GLY C 76 -28.97 -3.12 7.80
C GLY C 76 -28.43 -2.39 6.59
N SER C 77 -28.14 -3.09 5.51
CA SER C 77 -27.47 -2.48 4.38
C SER C 77 -28.10 -2.93 3.08
N TYR C 78 -27.96 -2.10 2.05
CA TYR C 78 -28.44 -2.42 0.72
C TYR C 78 -27.51 -1.76 -0.30
N VAL C 79 -27.44 -2.34 -1.50
CA VAL C 79 -26.81 -1.63 -2.59
C VAL C 79 -27.72 -1.55 -3.82
N ASP C 80 -28.11 -2.70 -4.39
CA ASP C 80 -28.82 -2.70 -5.66
C ASP C 80 -29.23 -4.13 -6.01
N LYS C 81 -29.98 -4.24 -7.10
CA LYS C 81 -30.27 -5.54 -7.69
C LYS C 81 -29.03 -6.10 -8.38
N THR C 82 -28.75 -7.38 -8.14
CA THR C 82 -27.50 -7.98 -8.58
C THR C 82 -27.67 -8.68 -9.94
N VAL C 83 -28.06 -7.90 -10.94
CA VAL C 83 -28.16 -8.38 -12.30
C VAL C 83 -27.64 -7.31 -13.25
N SER C 84 -27.27 -7.73 -14.45
CA SER C 84 -26.90 -6.77 -15.47
C SER C 84 -28.12 -5.99 -15.92
N PRO C 85 -27.97 -4.70 -16.27
CA PRO C 85 -26.74 -3.90 -16.32
C PRO C 85 -26.47 -3.08 -15.06
N TYR C 86 -27.02 -3.47 -13.92
CA TYR C 86 -26.78 -2.72 -12.69
C TYR C 86 -25.43 -3.08 -12.08
N ILE C 87 -25.08 -4.35 -12.08
CA ILE C 87 -23.76 -4.81 -11.69
C ILE C 87 -23.06 -5.34 -12.93
N SER C 88 -21.74 -5.49 -12.83
CA SER C 88 -21.04 -6.20 -13.88
C SER C 88 -21.19 -7.69 -13.67
N ILE C 89 -21.21 -8.45 -14.77
CA ILE C 89 -21.36 -9.89 -14.70
C ILE C 89 -20.07 -10.60 -15.08
N HIS C 90 -18.97 -9.88 -15.19
CA HIS C 90 -17.68 -10.50 -15.39
C HIS C 90 -17.35 -11.38 -14.18
N PRO C 91 -16.79 -12.57 -14.40
CA PRO C 91 -16.54 -13.47 -13.25
C PRO C 91 -15.59 -12.90 -12.23
N GLU C 92 -14.66 -12.03 -12.63
CA GLU C 92 -13.80 -11.34 -11.66
C GLU C 92 -14.54 -10.22 -10.94
N ARG C 93 -15.38 -9.48 -11.67
CA ARG C 93 -16.05 -8.31 -11.13
C ARG C 93 -17.38 -8.63 -10.46
N ILE C 94 -17.99 -9.77 -10.76
CA ILE C 94 -19.35 -10.03 -10.30
C ILE C 94 -19.41 -10.09 -8.78
N HIS C 95 -18.36 -10.62 -8.15
CA HIS C 95 -18.34 -10.75 -6.71
C HIS C 95 -17.49 -9.69 -6.01
N ASN C 96 -16.85 -8.81 -6.78
CA ASN C 96 -16.22 -7.62 -6.21
C ASN C 96 -16.13 -6.60 -7.34
N GLN C 97 -17.07 -5.64 -7.35
CA GLN C 97 -17.11 -4.66 -8.43
C GLN C 97 -15.96 -3.68 -8.36
N CYS C 98 -15.22 -3.65 -7.26
CA CYS C 98 -14.14 -2.71 -7.08
C CYS C 98 -12.79 -3.25 -7.54
N SER C 99 -12.75 -4.52 -7.99
CA SER C 99 -11.48 -5.20 -8.20
C SER C 99 -10.58 -4.45 -9.16
N ASP C 100 -11.14 -3.69 -10.09
CA ASP C 100 -10.31 -2.91 -10.99
C ASP C 100 -9.66 -1.72 -10.31
N TYR C 101 -9.86 -1.55 -9.01
CA TYR C 101 -9.19 -0.51 -8.23
C TYR C 101 -8.44 -1.09 -7.05
N ASN C 102 -8.33 -2.41 -6.95
CA ASN C 102 -7.70 -3.09 -5.82
C ASN C 102 -8.30 -2.62 -4.49
N LEU C 103 -9.58 -2.90 -4.33
CA LEU C 103 -10.30 -2.63 -3.10
C LEU C 103 -10.85 -3.94 -2.53
N ASP C 104 -11.03 -3.97 -1.21
CA ASP C 104 -11.65 -5.11 -0.55
C ASP C 104 -13.16 -4.91 -0.40
N CYS C 105 -13.81 -4.60 -1.51
CA CYS C 105 -15.24 -4.35 -1.49
C CYS C 105 -16.00 -5.65 -1.27
N MET C 106 -17.08 -5.56 -0.52
CA MET C 106 -17.93 -6.69 -0.22
C MET C 106 -18.79 -7.02 -1.44
N PRO C 107 -19.17 -8.29 -1.63
CA PRO C 107 -20.03 -8.65 -2.75
C PRO C 107 -21.34 -7.88 -2.69
N PRO C 108 -21.82 -7.40 -3.84
CA PRO C 108 -23.09 -6.66 -3.84
C PRO C 108 -24.24 -7.53 -3.37
N HIS C 109 -25.32 -6.87 -2.97
CA HIS C 109 -26.41 -7.54 -2.28
C HIS C 109 -27.63 -6.64 -2.29
N GLY C 110 -28.78 -7.19 -2.62
CA GLY C 110 -29.99 -6.36 -2.66
C GLY C 110 -30.29 -5.73 -1.32
N TYR C 111 -30.27 -6.53 -0.26
CA TYR C 111 -30.50 -6.04 1.09
C TYR C 111 -30.16 -7.14 2.09
N ILE C 112 -29.34 -6.82 3.10
CA ILE C 112 -28.98 -7.76 4.15
C ILE C 112 -29.34 -7.15 5.49
N HIS C 113 -30.13 -7.86 6.27
CA HIS C 113 -30.43 -7.45 7.63
C HIS C 113 -29.29 -7.91 8.54
N VAL C 114 -28.79 -7.01 9.38
CA VAL C 114 -27.57 -7.22 10.14
C VAL C 114 -27.87 -7.45 11.62
N LEU C 115 -28.46 -6.45 12.29
CA LEU C 115 -28.65 -6.49 13.73
C LEU C 115 -30.09 -6.12 14.05
N SER C 116 -30.82 -7.07 14.63
CA SER C 116 -32.17 -6.78 15.07
C SER C 116 -32.15 -5.84 16.26
N LEU C 117 -33.25 -5.12 16.46
CA LEU C 117 -33.27 -4.02 17.41
C LEU C 117 -32.88 -4.50 18.81
N THR C 118 -31.94 -3.78 19.43
CA THR C 118 -31.38 -4.14 20.72
C THR C 118 -31.09 -2.88 21.51
N GLU C 119 -31.28 -2.96 22.82
CA GLU C 119 -30.97 -1.85 23.71
C GLU C 119 -29.51 -1.81 24.12
N ASN C 120 -28.71 -2.75 23.65
CA ASN C 120 -27.28 -2.78 23.92
C ASN C 120 -26.57 -1.93 22.88
N ILE C 121 -26.13 -0.74 23.29
CA ILE C 121 -25.46 0.15 22.34
C ILE C 121 -24.11 -0.41 21.93
N THR C 122 -23.46 -1.16 22.81
CA THR C 122 -22.19 -1.77 22.47
C THR C 122 -22.35 -2.76 21.33
N GLU C 123 -23.48 -3.47 21.31
CA GLU C 123 -23.78 -4.34 20.17
C GLU C 123 -23.90 -3.55 18.88
N PHE C 124 -24.57 -2.39 18.93
CA PHE C 124 -24.69 -1.58 17.72
C PHE C 124 -23.34 -1.10 17.24
N GLU C 125 -22.48 -0.67 18.17
CA GLU C 125 -21.15 -0.21 17.79
C GLU C 125 -20.33 -1.36 17.21
N LYS C 126 -20.43 -2.54 17.80
CA LYS C 126 -19.72 -3.70 17.27
C LYS C 126 -20.21 -4.08 15.88
N ALA C 127 -21.52 -4.11 15.69
CA ALA C 127 -22.08 -4.44 14.38
C ALA C 127 -21.64 -3.45 13.32
N VAL C 128 -21.68 -2.15 13.64
CA VAL C 128 -21.28 -1.15 12.66
C VAL C 128 -19.79 -1.20 12.37
N HIS C 129 -18.96 -1.51 13.37
CA HIS C 129 -17.52 -1.36 13.19
C HIS C 129 -16.97 -2.34 12.15
N ARG C 130 -17.60 -3.49 11.98
CA ARG C 130 -17.05 -4.53 11.13
C ARG C 130 -17.61 -4.50 9.71
N GLN C 131 -18.21 -3.39 9.29
CA GLN C 131 -18.98 -3.35 8.06
C GLN C 131 -18.17 -2.78 6.90
N LYS C 132 -18.27 -3.43 5.74
CA LYS C 132 -17.56 -3.05 4.53
C LYS C 132 -18.53 -2.44 3.51
N ILE C 133 -17.96 -1.89 2.44
CA ILE C 133 -18.77 -1.31 1.37
C ILE C 133 -18.80 -2.27 0.19
N SER C 134 -19.69 -1.99 -0.76
CA SER C 134 -19.80 -2.76 -1.99
C SER C 134 -19.79 -1.80 -3.17
N GLY C 135 -20.12 -2.30 -4.38
CA GLY C 135 -20.16 -1.43 -5.53
C GLY C 135 -21.14 -1.92 -6.58
N ASN C 136 -21.40 -1.04 -7.54
CA ASN C 136 -22.18 -1.37 -8.73
C ASN C 136 -21.85 -0.32 -9.78
N ILE C 137 -22.65 -0.25 -10.84
CA ILE C 137 -22.35 0.58 -12.01
C ILE C 137 -23.28 1.79 -12.08
N ASP C 138 -24.58 1.58 -11.95
CA ASP C 138 -25.55 2.65 -12.21
C ASP C 138 -25.43 3.78 -11.20
N THR C 139 -25.81 4.98 -11.62
CA THR C 139 -25.80 6.12 -10.70
C THR C 139 -26.84 5.98 -9.59
N PRO C 140 -28.11 5.69 -9.86
CA PRO C 140 -29.06 5.47 -8.76
C PRO C 140 -28.78 4.14 -8.09
N GLU C 141 -29.49 3.89 -6.98
CA GLU C 141 -29.30 2.67 -6.24
C GLU C 141 -30.63 2.22 -5.67
N GLY C 142 -30.75 0.90 -5.48
CA GLY C 142 -32.03 0.31 -5.13
C GLY C 142 -32.38 0.43 -3.67
N GLY C 143 -32.78 1.63 -3.25
CA GLY C 143 -33.12 1.86 -1.86
C GLY C 143 -34.55 1.55 -1.50
N PHE C 144 -35.47 1.79 -2.43
CA PHE C 144 -36.90 1.66 -2.11
C PHE C 144 -37.29 0.22 -1.88
N ASP C 145 -36.69 -0.71 -2.63
CA ASP C 145 -36.98 -2.13 -2.44
C ASP C 145 -36.53 -2.57 -1.04
N ALA C 146 -35.36 -2.11 -0.61
CA ALA C 146 -34.89 -2.38 0.74
C ALA C 146 -35.80 -1.74 1.78
N MET C 147 -36.29 -0.53 1.52
CA MET C 147 -37.20 0.11 2.45
C MET C 147 -38.46 -0.72 2.63
N LEU C 148 -39.03 -1.20 1.54
CA LEU C 148 -40.22 -2.03 1.65
C LEU C 148 -39.92 -3.30 2.44
N GLN C 149 -38.78 -3.93 2.17
CA GLN C 149 -38.46 -5.17 2.87
C GLN C 149 -38.28 -4.95 4.36
N ALA C 150 -37.65 -3.83 4.73
CA ALA C 150 -37.46 -3.52 6.14
C ALA C 150 -38.77 -3.14 6.82
N ALA C 151 -39.68 -2.54 6.07
CA ALA C 151 -40.96 -2.14 6.65
C ALA C 151 -41.86 -3.35 6.87
N VAL C 152 -41.84 -4.33 5.96
CA VAL C 152 -42.81 -5.41 6.03
C VAL C 152 -42.35 -6.51 7.00
N CYS C 153 -41.12 -6.99 6.85
CA CYS C 153 -40.64 -8.01 7.78
C CYS C 153 -40.60 -7.48 9.20
N GLU C 154 -41.48 -8.00 10.04
CA GLU C 154 -41.69 -7.48 11.38
C GLU C 154 -40.87 -8.24 12.41
N SER C 155 -41.07 -9.56 12.50
CA SER C 155 -40.41 -10.34 13.53
C SER C 155 -38.94 -10.54 13.24
N HIS C 156 -38.49 -10.31 12.01
CA HIS C 156 -37.06 -10.39 11.71
C HIS C 156 -36.33 -9.16 12.21
N ILE C 157 -36.79 -7.96 11.82
CA ILE C 157 -36.14 -6.75 12.28
C ILE C 157 -36.32 -6.58 13.78
N GLY C 158 -37.53 -6.79 14.29
CA GLY C 158 -37.74 -6.75 15.71
C GLY C 158 -38.45 -5.49 16.17
N TRP C 159 -39.39 -5.01 15.36
CA TRP C 159 -40.17 -3.84 15.73
C TRP C 159 -41.03 -4.13 16.96
N ARG C 160 -41.34 -3.07 17.69
CA ARG C 160 -42.23 -3.14 18.84
C ARG C 160 -43.53 -2.42 18.53
N LYS C 161 -44.66 -3.06 18.84
CA LYS C 161 -45.94 -2.38 18.72
C LYS C 161 -46.13 -1.29 19.77
N GLU C 162 -45.44 -1.39 20.90
CA GLU C 162 -45.54 -0.39 21.97
C GLU C 162 -44.63 0.80 21.75
N ALA C 163 -43.80 0.77 20.71
CA ALA C 163 -42.79 1.79 20.49
C ALA C 163 -43.30 2.88 19.56
N LYS C 164 -42.39 3.75 19.16
CA LYS C 164 -42.60 4.75 18.12
C LYS C 164 -41.64 4.38 16.98
N ARG C 165 -42.13 3.54 16.08
CA ARG C 165 -41.29 2.98 15.02
C ARG C 165 -40.72 4.07 14.13
N LEU C 166 -39.40 4.15 14.06
CA LEU C 166 -38.71 5.07 13.18
C LEU C 166 -37.76 4.30 12.28
N LEU C 167 -37.51 4.86 11.10
CA LEU C 167 -36.70 4.18 10.09
C LEU C 167 -35.86 5.22 9.38
N LEU C 168 -34.56 5.22 9.62
CA LEU C 168 -33.66 6.16 9.00
C LEU C 168 -33.05 5.51 7.77
N VAL C 169 -33.09 6.20 6.65
CA VAL C 169 -32.59 5.70 5.38
C VAL C 169 -31.46 6.64 4.96
N MET C 170 -30.22 6.21 5.18
CA MET C 170 -29.06 7.04 4.92
C MET C 170 -28.51 6.76 3.54
N THR C 171 -28.52 7.79 2.68
CA THR C 171 -28.07 7.64 1.30
C THR C 171 -27.50 8.97 0.83
N ASP C 172 -27.13 9.01 -0.45
CA ASP C 172 -26.70 10.26 -1.06
C ASP C 172 -27.18 10.43 -2.49
N GLN C 173 -27.98 9.52 -3.02
CA GLN C 173 -28.38 9.56 -4.41
C GLN C 173 -29.84 9.17 -4.56
N THR C 174 -30.41 9.51 -5.71
CA THR C 174 -31.76 9.10 -6.04
C THR C 174 -31.85 7.58 -6.11
N SER C 175 -33.05 7.06 -5.88
CA SER C 175 -33.27 5.62 -5.85
C SER C 175 -33.91 5.13 -7.15
N HIS C 176 -33.90 3.82 -7.34
CA HIS C 176 -34.54 3.23 -8.50
C HIS C 176 -36.05 3.27 -8.35
N LEU C 177 -36.72 3.26 -9.50
CA LEU C 177 -38.17 3.30 -9.53
C LEU C 177 -38.73 1.92 -9.88
N ALA C 178 -40.03 1.84 -10.10
CA ALA C 178 -40.66 0.55 -10.32
C ALA C 178 -40.26 -0.04 -11.67
N LEU C 179 -40.57 0.67 -12.76
CA LEU C 179 -40.36 0.14 -14.10
C LEU C 179 -38.94 0.33 -14.60
N ASP C 180 -37.98 0.63 -13.75
CA ASP C 180 -36.59 0.71 -14.22
C ASP C 180 -36.07 -0.71 -14.40
N SER C 181 -36.77 -1.70 -13.85
CA SER C 181 -36.27 -3.07 -13.92
C SER C 181 -36.43 -3.68 -15.30
N LYS C 182 -37.18 -3.03 -16.21
CA LYS C 182 -37.41 -3.62 -17.52
C LYS C 182 -36.13 -3.76 -18.32
N LEU C 183 -35.10 -2.98 -17.99
CA LEU C 183 -33.82 -3.13 -18.69
C LEU C 183 -33.14 -4.45 -18.34
N ALA C 184 -33.47 -5.02 -17.18
CA ALA C 184 -32.82 -6.23 -16.69
C ALA C 184 -33.68 -7.47 -16.87
N GLY C 185 -34.76 -7.39 -17.64
CA GLY C 185 -35.62 -8.53 -17.84
C GLY C 185 -36.55 -8.82 -16.68
N ILE C 186 -36.59 -7.97 -15.67
CA ILE C 186 -37.52 -8.13 -14.56
C ILE C 186 -38.79 -7.39 -14.90
N VAL C 187 -39.83 -8.13 -15.28
CA VAL C 187 -41.11 -7.55 -15.66
C VAL C 187 -42.23 -8.03 -14.74
N VAL C 188 -41.89 -8.53 -13.56
CA VAL C 188 -42.87 -9.05 -12.61
C VAL C 188 -43.06 -8.00 -11.51
N PRO C 189 -44.27 -7.46 -11.35
CA PRO C 189 -44.47 -6.45 -10.30
C PRO C 189 -44.26 -7.01 -8.91
N ASN C 190 -43.83 -6.13 -8.01
CA ASN C 190 -43.64 -6.48 -6.61
C ASN C 190 -44.97 -6.89 -5.99
N ASP C 191 -44.94 -7.90 -5.12
CA ASP C 191 -46.17 -8.39 -4.50
C ASP C 191 -46.44 -7.77 -3.14
N GLY C 192 -45.44 -7.20 -2.48
CA GLY C 192 -45.64 -6.55 -1.20
C GLY C 192 -45.50 -7.45 0.02
N ASN C 193 -45.23 -8.73 -0.18
CA ASN C 193 -44.79 -9.56 0.93
C ASN C 193 -43.30 -9.32 1.14
N CYS C 194 -42.73 -9.87 2.20
CA CYS C 194 -41.30 -9.73 2.39
C CYS C 194 -40.64 -11.10 2.45
N HIS C 195 -39.43 -11.18 1.91
CA HIS C 195 -38.81 -12.43 1.53
C HIS C 195 -37.39 -12.52 2.09
N LEU C 196 -37.26 -12.27 3.39
CA LEU C 196 -35.99 -12.51 4.08
C LEU C 196 -36.01 -13.96 4.56
N LYS C 197 -35.12 -14.78 4.01
CA LYS C 197 -35.02 -16.18 4.40
C LYS C 197 -33.88 -16.43 5.38
N ASN C 198 -32.68 -15.98 5.04
CA ASN C 198 -31.54 -16.07 5.96
C ASN C 198 -31.00 -14.67 6.21
N ASN C 199 -31.90 -13.73 6.49
CA ASN C 199 -31.57 -12.31 6.65
C ASN C 199 -30.91 -11.76 5.40
N VAL C 200 -31.23 -12.36 4.26
CA VAL C 200 -30.81 -11.85 2.95
C VAL C 200 -32.05 -11.78 2.07
N TYR C 201 -32.17 -10.72 1.30
CA TYR C 201 -33.34 -10.50 0.44
C TYR C 201 -33.21 -11.39 -0.79
N VAL C 202 -33.91 -12.53 -0.77
CA VAL C 202 -33.71 -13.54 -1.80
C VAL C 202 -34.29 -13.09 -3.13
N LYS C 203 -35.47 -12.49 -3.12
CA LYS C 203 -36.19 -12.19 -4.35
C LYS C 203 -35.90 -10.80 -4.89
N SER C 204 -34.73 -10.25 -4.59
CA SER C 204 -34.39 -8.95 -5.17
C SER C 204 -34.20 -9.05 -6.67
N THR C 205 -33.90 -10.24 -7.16
CA THR C 205 -33.46 -10.44 -8.53
C THR C 205 -34.52 -11.06 -9.42
N THR C 206 -35.75 -11.21 -8.95
CA THR C 206 -36.81 -11.81 -9.74
C THR C 206 -38.04 -10.94 -9.90
N MET C 207 -38.33 -10.05 -8.96
CA MET C 207 -39.47 -9.15 -9.06
C MET C 207 -38.97 -7.72 -8.93
N GLU C 208 -39.65 -6.80 -9.59
CA GLU C 208 -39.13 -5.45 -9.73
C GLU C 208 -39.33 -4.65 -8.45
N HIS C 209 -38.91 -3.39 -8.49
CA HIS C 209 -38.99 -2.50 -7.36
C HIS C 209 -40.44 -2.16 -7.04
N PRO C 210 -40.71 -1.61 -5.86
CA PRO C 210 -42.03 -1.07 -5.59
C PRO C 210 -42.18 0.35 -6.10
N SER C 211 -43.42 0.72 -6.41
CA SER C 211 -43.71 2.09 -6.78
C SER C 211 -43.99 2.92 -5.54
N LEU C 212 -44.11 4.24 -5.73
CA LEU C 212 -44.30 5.13 -4.60
C LEU C 212 -45.59 4.83 -3.84
N GLY C 213 -46.66 4.53 -4.58
CA GLY C 213 -47.93 4.24 -3.92
C GLY C 213 -47.87 2.98 -3.09
N GLN C 214 -47.29 1.92 -3.64
CA GLN C 214 -47.18 0.67 -2.89
C GLN C 214 -46.25 0.82 -1.70
N LEU C 215 -45.14 1.51 -1.88
CA LEU C 215 -44.23 1.76 -0.77
C LEU C 215 -44.92 2.54 0.34
N SER C 216 -45.67 3.59 -0.03
CA SER C 216 -46.37 4.40 0.96
C SER C 216 -47.42 3.59 1.70
N GLU C 217 -48.17 2.75 0.97
CA GLU C 217 -49.18 1.92 1.63
C GLU C 217 -48.53 0.97 2.62
N LYS C 218 -47.44 0.33 2.23
CA LYS C 218 -46.78 -0.59 3.14
C LYS C 218 -46.17 0.13 4.33
N LEU C 219 -45.66 1.34 4.14
CA LEU C 219 -45.10 2.10 5.25
C LEU C 219 -46.18 2.48 6.25
N ILE C 220 -47.28 3.07 5.78
CA ILE C 220 -48.33 3.50 6.70
C ILE C 220 -49.07 2.34 7.33
N ASP C 221 -49.15 1.20 6.64
CA ASP C 221 -49.80 0.03 7.24
C ASP C 221 -49.06 -0.42 8.50
N ASN C 222 -47.73 -0.40 8.46
CA ASN C 222 -46.91 -0.90 9.55
C ASN C 222 -46.44 0.21 10.50
N ASN C 223 -47.07 1.38 10.44
CA ASN C 223 -46.85 2.46 11.40
C ASN C 223 -45.40 2.92 11.41
N ILE C 224 -44.75 2.89 10.25
CA ILE C 224 -43.34 3.23 10.15
C ILE C 224 -43.20 4.71 9.88
N ASN C 225 -42.33 5.38 10.63
CA ASN C 225 -42.05 6.80 10.46
C ASN C 225 -40.67 6.94 9.81
N VAL C 226 -40.66 7.26 8.53
CA VAL C 226 -39.43 7.28 7.76
C VAL C 226 -38.75 8.63 7.90
N ILE C 227 -37.44 8.61 8.06
CA ILE C 227 -36.62 9.81 8.18
C ILE C 227 -35.47 9.65 7.19
N PHE C 228 -35.62 10.27 6.02
CA PHE C 228 -34.52 10.24 5.07
C PHE C 228 -33.39 11.13 5.56
N ALA C 229 -32.15 10.68 5.36
CA ALA C 229 -30.96 11.45 5.68
C ALA C 229 -30.07 11.43 4.44
N VAL C 230 -30.34 12.35 3.52
CA VAL C 230 -29.62 12.40 2.26
C VAL C 230 -28.56 13.48 2.35
N GLN C 231 -27.51 13.35 1.56
CA GLN C 231 -26.29 14.12 1.76
C GLN C 231 -25.99 15.09 0.63
N GLY C 232 -25.99 14.64 -0.62
CA GLY C 232 -25.63 15.50 -1.74
C GLY C 232 -26.72 16.47 -2.10
N LYS C 233 -26.75 16.85 -3.38
CA LYS C 233 -27.86 17.65 -3.88
C LYS C 233 -29.17 16.88 -3.90
N GLN C 234 -29.10 15.55 -3.88
CA GLN C 234 -30.30 14.72 -4.00
C GLN C 234 -31.19 14.79 -2.78
N PHE C 235 -30.80 15.57 -1.76
CA PHE C 235 -31.74 15.88 -0.69
C PHE C 235 -32.98 16.56 -1.24
N HIS C 236 -32.80 17.43 -2.23
CA HIS C 236 -33.95 18.09 -2.84
C HIS C 236 -34.87 17.10 -3.55
N TRP C 237 -34.29 16.15 -4.28
CA TRP C 237 -35.10 15.10 -4.88
C TRP C 237 -35.86 14.33 -3.81
N TYR C 238 -35.21 14.01 -2.70
CA TYR C 238 -35.92 13.29 -1.66
C TYR C 238 -36.91 14.17 -0.92
N LYS C 239 -36.81 15.50 -1.10
CA LYS C 239 -37.69 16.44 -0.43
C LYS C 239 -38.96 16.69 -1.23
N ASP C 240 -38.84 16.80 -2.55
CA ASP C 240 -40.00 17.08 -3.38
C ASP C 240 -40.95 15.89 -3.44
N LEU C 241 -40.52 14.72 -3.01
CA LEU C 241 -41.38 13.55 -2.95
C LEU C 241 -42.18 13.46 -1.65
N LEU C 242 -41.87 14.30 -0.67
CA LEU C 242 -42.59 14.24 0.60
C LEU C 242 -44.10 14.42 0.46
N PRO C 243 -44.61 15.33 -0.38
CA PRO C 243 -46.07 15.37 -0.57
C PRO C 243 -46.65 14.04 -1.03
N LEU C 244 -45.95 13.32 -1.90
CA LEU C 244 -46.41 12.03 -2.38
C LEU C 244 -46.28 10.92 -1.34
N LEU C 245 -45.53 11.15 -0.25
CA LEU C 245 -45.32 10.15 0.78
C LEU C 245 -45.70 10.75 2.13
N PRO C 246 -46.93 10.55 2.59
CA PRO C 246 -47.34 11.09 3.88
C PRO C 246 -46.50 10.54 5.02
N GLY C 247 -46.28 11.38 6.02
CA GLY C 247 -45.57 10.98 7.23
C GLY C 247 -44.12 10.63 7.03
N THR C 248 -43.39 11.40 6.22
CA THR C 248 -41.98 11.17 5.99
C THR C 248 -41.24 12.50 6.13
N ILE C 249 -40.01 12.42 6.62
CA ILE C 249 -39.18 13.59 6.88
C ILE C 249 -37.88 13.45 6.11
N ALA C 250 -37.36 14.58 5.63
CA ALA C 250 -36.10 14.60 4.90
C ALA C 250 -35.17 15.61 5.55
N GLY C 251 -34.00 15.13 6.00
CA GLY C 251 -32.97 15.99 6.53
C GLY C 251 -31.77 16.06 5.62
N GLU C 252 -30.96 17.11 5.74
CA GLU C 252 -29.76 17.25 4.93
C GLU C 252 -28.54 16.95 5.78
N ILE C 253 -27.65 16.11 5.27
CA ILE C 253 -26.39 15.80 5.91
C ILE C 253 -25.30 16.62 5.24
N GLU C 254 -24.61 17.44 6.01
CA GLU C 254 -23.57 18.28 5.43
C GLU C 254 -22.35 17.44 5.08
N SER C 255 -21.35 18.10 4.50
CA SER C 255 -20.13 17.39 4.11
C SER C 255 -19.43 16.79 5.32
N LYS C 256 -19.39 17.53 6.43
CA LYS C 256 -18.67 17.07 7.60
C LYS C 256 -19.38 15.94 8.33
N ALA C 257 -20.68 15.77 8.08
CA ALA C 257 -21.49 14.71 8.69
C ALA C 257 -21.45 14.74 10.22
N ALA C 258 -20.98 15.84 10.80
CA ALA C 258 -21.10 16.03 12.24
C ALA C 258 -22.53 16.28 12.68
N ASN C 259 -23.44 16.50 11.73
CA ASN C 259 -24.82 16.86 12.00
C ASN C 259 -25.77 15.67 11.89
N LEU C 260 -25.32 14.48 12.29
CA LEU C 260 -26.15 13.29 12.15
C LEU C 260 -27.04 13.06 13.37
N ASN C 261 -26.44 13.09 14.56
CA ASN C 261 -27.23 12.95 15.78
C ASN C 261 -28.25 14.07 15.90
N ASN C 262 -27.82 15.29 15.60
CA ASN C 262 -28.75 16.42 15.62
C ASN C 262 -29.84 16.23 14.56
N LEU C 263 -29.48 15.77 13.37
CA LEU C 263 -30.48 15.50 12.35
C LEU C 263 -31.56 14.57 12.88
N VAL C 264 -31.14 13.46 13.49
CA VAL C 264 -32.10 12.48 13.99
C VAL C 264 -32.97 13.09 15.07
N VAL C 265 -32.36 13.82 16.01
CA VAL C 265 -33.13 14.29 17.17
C VAL C 265 -34.10 15.40 16.77
N GLU C 266 -33.67 16.33 15.91
CA GLU C 266 -34.58 17.37 15.45
C GLU C 266 -35.69 16.80 14.59
N ALA C 267 -35.37 15.82 13.73
CA ALA C 267 -36.41 15.17 12.96
C ALA C 267 -37.41 14.46 13.85
N TYR C 268 -36.92 13.83 14.93
CA TYR C 268 -37.84 13.17 15.85
C TYR C 268 -38.74 14.17 16.56
N GLN C 269 -38.20 15.32 16.95
CA GLN C 269 -39.03 16.33 17.61
C GLN C 269 -40.08 16.87 16.66
N LYS C 270 -39.69 17.17 15.42
CA LYS C 270 -40.66 17.64 14.44
C LYS C 270 -41.72 16.57 14.16
N LEU C 271 -41.31 15.30 14.15
CA LEU C 271 -42.24 14.20 13.95
C LEU C 271 -43.23 14.11 15.10
N ILE C 272 -42.76 14.25 16.34
CA ILE C 272 -43.62 14.12 17.50
C ILE C 272 -44.50 15.34 17.70
N SER C 273 -44.19 16.46 17.04
CA SER C 273 -44.98 17.67 17.20
C SER C 273 -45.99 17.85 16.06
N GLU C 274 -46.56 16.77 15.54
CA GLU C 274 -47.52 16.85 14.45
C GLU C 274 -48.56 15.75 14.61
N VAL C 275 -49.80 16.04 14.19
CA VAL C 275 -50.86 15.06 14.11
C VAL C 275 -51.62 15.27 12.81
N LYS C 276 -51.87 14.18 12.09
CA LYS C 276 -52.75 14.20 10.92
C LYS C 276 -53.35 12.82 10.75
N VAL C 277 -54.48 12.76 10.04
CA VAL C 277 -55.23 11.53 9.89
C VAL C 277 -55.56 11.26 8.44
N GLN C 278 -55.86 9.99 8.16
CA GLN C 278 -56.45 9.58 6.90
C GLN C 278 -57.49 8.51 7.21
N VAL C 279 -58.25 8.13 6.18
CA VAL C 279 -59.29 7.12 6.32
C VAL C 279 -59.13 6.09 5.21
N GLU C 280 -59.26 4.81 5.57
CA GLU C 280 -59.23 3.71 4.61
C GLU C 280 -60.66 3.19 4.50
N ASN C 281 -61.43 3.78 3.59
CA ASN C 281 -62.83 3.45 3.40
C ASN C 281 -62.97 2.53 2.20
N GLN C 282 -63.59 1.37 2.41
CA GLN C 282 -63.85 0.43 1.32
C GLN C 282 -65.35 0.13 1.21
N VAL C 283 -66.19 1.04 1.66
CA VAL C 283 -67.63 0.91 1.57
C VAL C 283 -68.12 1.74 0.40
N GLN C 284 -69.27 1.37 -0.16
CA GLN C 284 -69.83 2.04 -1.32
C GLN C 284 -70.79 3.14 -0.89
N GLY C 285 -70.61 4.33 -1.45
CA GLY C 285 -71.53 5.43 -1.27
C GLY C 285 -71.30 6.30 -0.05
N ILE C 286 -70.49 5.85 0.90
CA ILE C 286 -70.25 6.62 2.11
C ILE C 286 -69.01 7.47 1.92
N TYR C 287 -69.16 8.78 2.07
CA TYR C 287 -68.07 9.73 1.93
C TYR C 287 -67.81 10.38 3.29
N PHE C 288 -66.56 10.38 3.71
CA PHE C 288 -66.15 10.92 5.00
C PHE C 288 -65.66 12.34 4.83
N ASN C 289 -66.07 13.21 5.76
CA ASN C 289 -65.63 14.60 5.79
C ASN C 289 -65.04 14.87 7.17
N ILE C 290 -63.78 15.30 7.19
CA ILE C 290 -63.04 15.48 8.44
C ILE C 290 -62.34 16.83 8.41
N THR C 291 -62.66 17.69 9.37
CA THR C 291 -61.97 18.96 9.54
C THR C 291 -61.35 18.98 10.93
N ALA C 292 -60.07 19.35 10.99
CA ALA C 292 -59.33 19.29 12.24
C ALA C 292 -59.48 20.58 13.02
N ILE C 293 -59.58 20.45 14.34
CA ILE C 293 -59.71 21.61 15.21
C ILE C 293 -58.41 21.80 15.98
N CYS C 294 -57.54 22.67 15.47
CA CYS C 294 -56.25 22.89 16.09
C CYS C 294 -56.41 23.58 17.44
N PRO C 295 -55.40 23.47 18.31
CA PRO C 295 -55.41 24.25 19.55
C PRO C 295 -55.45 25.75 19.31
N ASP C 296 -55.02 26.21 18.14
CA ASP C 296 -55.23 27.59 17.73
C ASP C 296 -56.53 27.79 16.98
N GLY C 297 -57.39 26.77 16.92
CA GLY C 297 -58.72 26.90 16.37
C GLY C 297 -58.85 26.82 14.87
N SER C 298 -57.74 26.59 14.16
CA SER C 298 -57.78 26.59 12.70
C SER C 298 -58.69 25.48 12.18
N ARG C 299 -59.39 25.77 11.08
CA ARG C 299 -60.26 24.79 10.44
C ARG C 299 -59.55 24.15 9.25
N LYS C 300 -58.48 23.43 9.54
CA LYS C 300 -57.73 22.75 8.50
C LYS C 300 -58.54 21.58 7.93
N PRO C 301 -58.30 21.20 6.68
CA PRO C 301 -59.08 20.11 6.07
C PRO C 301 -58.78 18.73 6.63
N GLY C 302 -57.94 18.62 7.66
CA GLY C 302 -57.71 17.36 8.35
C GLY C 302 -56.75 16.41 7.68
N MET C 303 -56.74 16.38 6.34
CA MET C 303 -55.86 15.45 5.65
C MET C 303 -54.40 15.75 5.96
N GLU C 304 -54.06 17.00 6.26
CA GLU C 304 -52.76 17.33 6.81
C GLU C 304 -52.83 17.68 8.29
N GLY C 305 -54.02 17.84 8.85
CA GLY C 305 -54.20 17.95 10.27
C GLY C 305 -53.54 19.18 10.89
N CYS C 306 -53.38 19.10 12.20
CA CYS C 306 -52.86 20.20 13.02
C CYS C 306 -51.42 19.89 13.42
N ARG C 307 -50.55 20.88 13.23
CA ARG C 307 -49.14 20.75 13.54
C ARG C 307 -48.83 21.42 14.88
N ASN C 308 -47.55 21.43 15.23
CA ASN C 308 -47.05 22.17 16.40
C ASN C 308 -47.69 21.67 17.69
N VAL C 309 -48.10 20.41 17.70
CA VAL C 309 -48.72 19.82 18.87
C VAL C 309 -47.65 19.51 19.91
N THR C 310 -48.04 19.56 21.17
CA THR C 310 -47.21 19.11 22.28
C THR C 310 -48.05 18.22 23.17
N SER C 311 -47.46 17.73 24.25
CA SER C 311 -48.28 17.15 25.29
C SER C 311 -48.98 18.27 26.05
N ASN C 312 -49.77 17.88 27.05
CA ASN C 312 -50.68 18.83 27.72
C ASN C 312 -51.53 19.58 26.71
N ASP C 313 -51.90 18.89 25.64
CA ASP C 313 -52.51 19.51 24.48
C ASP C 313 -53.27 18.44 23.71
N GLU C 314 -54.60 18.51 23.71
CA GLU C 314 -55.45 17.52 23.07
C GLU C 314 -56.02 18.08 21.78
N VAL C 315 -55.87 17.32 20.70
CA VAL C 315 -56.27 17.73 19.36
C VAL C 315 -57.54 16.97 18.99
N LEU C 316 -58.52 17.68 18.46
CA LEU C 316 -59.84 17.14 18.18
C LEU C 316 -60.13 17.19 16.69
N PHE C 317 -60.61 16.07 16.15
CA PHE C 317 -60.96 15.97 14.73
C PHE C 317 -62.47 15.93 14.58
N ASN C 318 -63.02 16.90 13.86
CA ASN C 318 -64.44 16.93 13.57
C ASN C 318 -64.72 16.11 12.33
N VAL C 319 -65.55 15.08 12.46
CA VAL C 319 -65.86 14.16 11.38
C VAL C 319 -67.29 14.46 10.92
N THR C 320 -67.61 14.03 9.71
CA THR C 320 -68.98 14.12 9.18
C THR C 320 -69.17 13.02 8.16
N VAL C 321 -69.84 11.96 8.57
CA VAL C 321 -70.09 10.80 7.71
C VAL C 321 -71.36 11.05 6.92
N THR C 322 -71.32 10.75 5.63
CA THR C 322 -72.46 10.89 4.75
C THR C 322 -72.95 9.50 4.36
N MET C 323 -74.17 9.43 3.82
CA MET C 323 -74.77 8.18 3.36
C MET C 323 -75.45 8.52 2.03
N LYS C 324 -74.71 8.35 0.93
CA LYS C 324 -75.19 8.81 -0.36
C LYS C 324 -75.95 7.71 -1.12
N LYS C 325 -75.43 6.49 -1.14
CA LYS C 325 -76.06 5.39 -1.86
C LYS C 325 -75.85 4.10 -1.09
N CYS C 326 -76.74 3.13 -1.34
CA CYS C 326 -76.73 1.84 -0.67
C CYS C 326 -75.83 0.86 -1.42
N ASP C 327 -75.72 -0.34 -0.86
CA ASP C 327 -74.94 -1.42 -1.44
C ASP C 327 -75.70 -2.04 -2.61
N ASN C 333 -69.81 -3.23 6.32
CA ASN C 333 -68.36 -3.11 6.41
C ASN C 333 -68.06 -2.05 7.47
N TYR C 334 -66.93 -1.35 7.33
CA TYR C 334 -66.54 -0.29 8.26
C TYR C 334 -65.34 0.44 7.69
N ALA C 335 -65.01 1.57 8.32
CA ALA C 335 -63.81 2.32 7.99
C ALA C 335 -63.02 2.56 9.27
N ILE C 336 -61.70 2.59 9.16
CA ILE C 336 -60.82 2.85 10.29
C ILE C 336 -60.03 4.11 9.99
N ILE C 337 -60.15 5.10 10.86
CA ILE C 337 -59.47 6.38 10.74
C ILE C 337 -58.31 6.38 11.71
N LYS C 338 -57.10 6.59 11.21
CA LYS C 338 -55.94 6.46 12.07
C LYS C 338 -54.98 7.63 11.88
N PRO C 339 -54.41 8.15 12.96
CA PRO C 339 -53.37 9.17 12.82
C PRO C 339 -52.09 8.53 12.29
N ILE C 340 -51.59 9.05 11.18
CA ILE C 340 -50.44 8.42 10.55
C ILE C 340 -49.23 8.59 11.45
N GLY C 341 -48.51 7.49 11.69
CA GLY C 341 -47.39 7.45 12.59
C GLY C 341 -47.73 6.97 13.99
N PHE C 342 -49.00 7.00 14.37
CA PHE C 342 -49.41 6.55 15.69
C PHE C 342 -49.69 5.06 15.68
N ASN C 343 -49.70 4.47 16.88
CA ASN C 343 -49.87 3.03 17.01
C ASN C 343 -51.30 2.61 17.32
N GLU C 344 -52.22 3.56 17.46
CA GLU C 344 -53.61 3.25 17.75
C GLU C 344 -54.50 3.79 16.64
N THR C 345 -55.56 3.05 16.34
CA THR C 345 -56.50 3.39 15.29
C THR C 345 -57.91 3.38 15.86
N ALA C 346 -58.79 4.20 15.27
CA ALA C 346 -60.18 4.24 15.66
C ALA C 346 -61.01 3.48 14.64
N LYS C 347 -61.77 2.50 15.11
CA LYS C 347 -62.50 1.59 14.24
C LYS C 347 -63.97 2.02 14.20
N ILE C 348 -64.34 2.74 13.15
CA ILE C 348 -65.71 3.23 12.98
C ILE C 348 -66.53 2.10 12.38
N HIS C 349 -67.12 1.27 13.24
CA HIS C 349 -67.95 0.15 12.80
C HIS C 349 -69.29 0.69 12.31
N ILE C 350 -69.25 1.33 11.15
CA ILE C 350 -70.45 1.94 10.57
C ILE C 350 -71.42 0.84 10.16
N HIS C 351 -72.60 0.84 10.80
CA HIS C 351 -73.70 0.03 10.32
C HIS C 351 -74.42 0.76 9.20
N ARG C 352 -74.85 0.02 8.19
CA ARG C 352 -75.64 0.60 7.12
C ARG C 352 -76.91 -0.23 6.93
N ASN C 353 -78.04 0.46 6.79
CA ASN C 353 -79.33 -0.16 6.55
C ASN C 353 -79.96 0.51 5.34
N CYS C 354 -80.41 -0.30 4.38
CA CYS C 354 -80.96 0.22 3.14
C CYS C 354 -82.47 0.18 3.13
N THR D 3 34.60 10.01 29.65
CA THR D 3 34.94 8.68 30.20
C THR D 3 36.44 8.52 30.40
N CYS D 4 36.86 7.66 31.33
CA CYS D 4 38.26 7.22 31.44
C CYS D 4 38.68 6.35 30.24
N LYS D 5 40.00 6.19 30.04
CA LYS D 5 40.61 5.59 28.84
C LYS D 5 41.88 4.79 29.15
N THR D 6 42.16 3.79 28.31
CA THR D 6 43.29 2.84 28.46
C THR D 6 44.29 2.93 27.29
N ILE D 7 44.34 4.08 26.61
CA ILE D 7 45.07 4.21 25.35
C ILE D 7 46.58 4.22 25.55
N ASP D 8 47.26 3.54 24.63
CA ASP D 8 48.68 3.69 24.32
C ASP D 8 48.80 3.59 22.81
N MET D 9 49.10 4.71 22.16
CA MET D 9 49.11 4.79 20.70
C MET D 9 50.05 3.76 20.08
N GLU D 10 51.18 3.49 20.72
CA GLU D 10 52.15 2.58 20.11
C GLU D 10 51.65 1.14 20.16
N LEU D 11 50.95 0.77 21.24
CA LEU D 11 50.37 -0.58 21.30
C LEU D 11 49.34 -0.78 20.19
N VAL D 12 48.46 0.20 19.99
CA VAL D 12 47.46 0.10 18.96
C VAL D 12 48.11 0.05 17.58
N LYS D 13 49.14 0.87 17.37
CA LYS D 13 49.85 0.86 16.09
C LYS D 13 50.48 -0.49 15.83
N ARG D 14 51.12 -1.09 16.84
CA ARG D 14 51.78 -2.37 16.64
C ARG D 14 50.78 -3.48 16.39
N LYS D 15 49.67 -3.49 17.14
CA LYS D 15 48.64 -4.50 16.90
C LYS D 15 48.06 -4.35 15.50
N ARG D 16 47.84 -3.11 15.07
CA ARG D 16 47.31 -2.88 13.72
C ARG D 16 48.28 -3.37 12.66
N ILE D 17 49.58 -3.13 12.86
CA ILE D 17 50.57 -3.58 11.88
C ILE D 17 50.62 -5.10 11.80
N GLU D 18 50.59 -5.77 12.95
CA GLU D 18 50.58 -7.24 12.94
C GLU D 18 49.33 -7.78 12.26
N ALA D 19 48.17 -7.18 12.55
CA ALA D 19 46.94 -7.60 11.91
C ALA D 19 47.01 -7.38 10.41
N ILE D 20 47.66 -6.29 9.98
CA ILE D 20 47.81 -6.04 8.54
C ILE D 20 48.66 -7.12 7.89
N ARG D 21 49.75 -7.50 8.56
CA ARG D 21 50.59 -8.58 8.04
C ARG D 21 49.77 -9.85 7.85
N GLY D 22 49.04 -10.24 8.90
CA GLY D 22 48.22 -11.44 8.81
C GLY D 22 47.16 -11.34 7.73
N GLN D 23 46.55 -10.16 7.60
CA GLN D 23 45.47 -9.97 6.63
C GLN D 23 45.97 -10.07 5.21
N ILE D 24 47.11 -9.43 4.92
CA ILE D 24 47.67 -9.49 3.57
C ILE D 24 48.07 -10.91 3.22
N LEU D 25 48.65 -11.64 4.18
CA LEU D 25 49.00 -13.04 3.87
C LEU D 25 47.75 -13.89 3.70
N SER D 26 46.71 -13.65 4.51
CA SER D 26 45.52 -14.49 4.47
C SER D 26 44.71 -14.29 3.20
N LYS D 27 44.56 -13.03 2.75
CA LYS D 27 43.75 -12.77 1.57
C LYS D 27 44.29 -13.46 0.33
N LEU D 28 45.60 -13.61 0.24
CA LEU D 28 46.23 -14.35 -0.86
C LEU D 28 46.34 -15.83 -0.58
N ARG D 29 45.84 -16.30 0.57
CA ARG D 29 45.89 -17.71 0.94
C ARG D 29 47.31 -18.25 0.88
N LEU D 30 48.27 -17.45 1.35
CA LEU D 30 49.68 -17.80 1.28
C LEU D 30 50.09 -18.45 2.60
N ALA D 31 50.53 -19.71 2.53
CA ALA D 31 51.07 -20.36 3.72
C ALA D 31 52.36 -19.68 4.18
N SER D 32 53.21 -19.27 3.25
CA SER D 32 54.45 -18.57 3.58
C SER D 32 54.81 -17.69 2.40
N PRO D 33 55.50 -16.57 2.63
CA PRO D 33 55.80 -15.64 1.54
C PRO D 33 56.66 -16.30 0.48
N PRO D 34 56.43 -15.98 -0.79
CA PRO D 34 57.15 -16.67 -1.87
C PRO D 34 58.63 -16.30 -1.90
N SER D 35 59.43 -17.22 -2.40
CA SER D 35 60.85 -16.99 -2.56
C SER D 35 61.11 -16.06 -3.74
N GLN D 36 62.22 -15.33 -3.66
CA GLN D 36 62.60 -14.38 -4.70
C GLN D 36 63.89 -14.79 -5.41
N GLY D 37 64.33 -16.03 -5.25
CA GLY D 37 65.59 -16.44 -5.85
C GLY D 37 65.54 -16.44 -7.37
N GLU D 38 64.47 -16.99 -7.94
CA GLU D 38 64.36 -17.15 -9.39
C GLU D 38 63.54 -16.03 -10.01
N VAL D 39 63.62 -14.83 -9.47
CA VAL D 39 62.91 -13.68 -10.00
C VAL D 39 63.85 -12.94 -10.95
N PRO D 40 63.51 -12.79 -12.23
CA PRO D 40 64.37 -12.06 -13.16
C PRO D 40 64.63 -10.65 -12.67
N PRO D 41 65.84 -10.13 -12.85
CA PRO D 41 66.15 -8.78 -12.37
C PRO D 41 65.57 -7.70 -13.26
N GLY D 42 65.80 -6.44 -12.88
CA GLY D 42 65.38 -5.32 -13.68
C GLY D 42 63.96 -4.88 -13.38
N PRO D 43 63.55 -3.76 -13.98
CA PRO D 43 62.19 -3.25 -13.75
C PRO D 43 61.15 -4.14 -14.41
N LEU D 44 59.91 -3.96 -13.98
CA LEU D 44 58.82 -4.77 -14.48
C LEU D 44 58.59 -4.53 -15.96
N PRO D 45 58.04 -5.50 -16.68
CA PRO D 45 57.67 -5.26 -18.08
C PRO D 45 56.65 -4.14 -18.18
N GLU D 46 56.74 -3.39 -19.27
CA GLU D 46 55.93 -2.17 -19.40
C GLU D 46 54.44 -2.49 -19.45
N ALA D 47 54.07 -3.68 -19.93
CA ALA D 47 52.66 -4.08 -19.89
C ALA D 47 52.17 -4.24 -18.47
N VAL D 48 52.97 -4.85 -17.60
CA VAL D 48 52.58 -5.01 -16.20
C VAL D 48 52.45 -3.66 -15.53
N LEU D 49 53.39 -2.76 -15.78
CA LEU D 49 53.30 -1.42 -15.21
C LEU D 49 52.08 -0.68 -15.71
N ALA D 50 51.75 -0.82 -16.99
CA ALA D 50 50.55 -0.18 -17.52
C ALA D 50 49.30 -0.71 -16.86
N LEU D 51 49.23 -2.04 -16.67
CA LEU D 51 48.08 -2.62 -16.00
C LEU D 51 47.96 -2.13 -14.55
N TYR D 52 49.09 -2.05 -13.86
CA TYR D 52 49.06 -1.57 -12.47
C TYR D 52 48.64 -0.10 -12.40
N ASN D 53 49.12 0.71 -13.35
CA ASN D 53 48.68 2.10 -13.39
C ASN D 53 47.20 2.20 -13.67
N SER D 54 46.69 1.33 -14.57
CA SER D 54 45.27 1.36 -14.90
C SER D 54 44.41 0.99 -13.70
N THR D 55 44.82 0.00 -12.92
CA THR D 55 44.04 -0.36 -11.75
C THR D 55 44.25 0.60 -10.59
N ARG D 56 45.35 1.35 -10.59
CA ARG D 56 45.66 2.22 -9.46
C ARG D 56 44.89 3.53 -9.52
N ASP D 57 44.76 4.12 -10.71
CA ASP D 57 44.16 5.44 -10.81
C ASP D 57 42.65 5.39 -10.54
N ARG D 58 42.07 6.57 -10.34
CA ARG D 58 40.66 6.69 -10.01
C ARG D 58 39.90 7.22 -11.22
N VAL D 59 38.65 6.79 -11.36
CA VAL D 59 37.85 7.00 -12.56
C VAL D 59 36.52 7.61 -12.16
N ALA D 60 36.02 8.53 -12.99
CA ALA D 60 34.82 9.28 -12.66
C ALA D 60 33.54 8.44 -12.66
N GLY D 61 33.60 7.21 -13.17
CA GLY D 61 32.41 6.37 -13.22
C GLY D 61 31.91 5.93 -11.86
N ASP D 73 19.61 10.46 9.65
CA ASP D 73 19.99 10.92 10.98
C ASP D 73 19.53 9.93 12.05
N TYR D 74 19.93 10.20 13.30
CA TYR D 74 19.57 9.29 14.38
C TYR D 74 18.09 9.41 14.76
N TYR D 75 17.58 10.63 14.88
CA TYR D 75 16.29 10.84 15.49
C TYR D 75 15.16 10.46 14.55
N ALA D 76 14.05 10.01 15.14
CA ALA D 76 12.92 9.51 14.38
C ALA D 76 12.27 10.64 13.58
N LYS D 77 11.53 10.26 12.55
CA LYS D 77 10.92 11.19 11.63
C LYS D 77 9.45 10.84 11.42
N GLU D 78 8.67 11.84 11.02
CA GLU D 78 7.23 11.69 10.86
C GLU D 78 6.87 11.58 9.39
N VAL D 79 5.97 10.66 9.08
CA VAL D 79 5.60 10.33 7.70
C VAL D 79 4.30 11.05 7.36
N THR D 80 4.22 11.59 6.15
CA THR D 80 3.04 12.26 5.65
C THR D 80 2.78 11.84 4.21
N ARG D 81 1.51 11.88 3.82
CA ARG D 81 1.07 11.44 2.51
C ARG D 81 0.33 12.56 1.81
N VAL D 82 0.62 12.76 0.53
CA VAL D 82 -0.02 13.78 -0.30
C VAL D 82 -0.44 13.14 -1.60
N LEU D 83 -1.72 13.21 -1.92
CA LEU D 83 -2.21 12.66 -3.17
C LEU D 83 -1.99 13.64 -4.31
N MET D 84 -2.06 13.13 -5.54
CA MET D 84 -1.93 13.99 -6.70
C MET D 84 -3.25 14.70 -6.98
N VAL D 85 -3.16 15.79 -7.74
CA VAL D 85 -4.36 16.51 -8.15
C VAL D 85 -5.10 15.68 -9.19
N GLU D 86 -6.38 15.42 -8.94
CA GLU D 86 -7.16 14.54 -9.78
C GLU D 86 -7.18 15.05 -11.21
N THR D 87 -7.50 14.14 -12.14
CA THR D 87 -7.54 14.50 -13.55
C THR D 87 -8.77 15.32 -13.92
N HIS D 88 -9.55 15.77 -12.93
CA HIS D 88 -10.76 16.51 -13.22
C HIS D 88 -10.49 17.96 -13.57
N ASN D 89 -9.29 18.47 -13.31
CA ASN D 89 -9.01 19.90 -13.49
C ASN D 89 -7.64 20.09 -14.13
N GLU D 90 -7.64 20.49 -15.39
CA GLU D 90 -6.45 20.96 -16.10
C GLU D 90 -5.38 19.89 -16.29
N ILE D 91 -5.62 18.67 -15.82
CA ILE D 91 -4.70 17.59 -16.10
C ILE D 91 -4.85 17.11 -17.54
N TYR D 92 -6.07 16.74 -17.92
CA TYR D 92 -6.33 16.34 -19.29
C TYR D 92 -6.58 17.53 -20.21
N ASP D 93 -6.84 18.71 -19.66
CA ASP D 93 -7.15 19.87 -20.49
C ASP D 93 -5.95 20.28 -21.33
N LYS D 94 -4.77 20.34 -20.73
CA LYS D 94 -3.58 20.82 -21.42
C LYS D 94 -2.57 19.72 -21.74
N PHE D 95 -2.68 18.55 -21.11
CA PHE D 95 -1.78 17.42 -21.38
C PHE D 95 -2.65 16.17 -21.47
N LYS D 96 -3.07 15.84 -22.68
CA LYS D 96 -3.82 14.61 -22.89
C LYS D 96 -2.95 13.41 -22.57
N GLN D 97 -3.56 12.37 -22.01
CA GLN D 97 -2.83 11.16 -21.69
C GLN D 97 -2.55 10.40 -22.99
N SER D 98 -1.62 10.90 -23.79
CA SER D 98 -1.30 10.26 -25.04
C SER D 98 -0.64 8.91 -24.80
N THR D 99 -0.63 8.08 -25.84
CA THR D 99 0.05 6.79 -25.75
C THR D 99 1.54 6.96 -25.49
N HIS D 100 2.07 8.16 -25.76
CA HIS D 100 3.48 8.42 -25.51
C HIS D 100 3.82 8.42 -24.03
N SER D 101 3.01 9.10 -23.21
CA SER D 101 3.39 9.31 -21.83
C SER D 101 2.17 9.56 -20.96
N ILE D 102 2.38 9.50 -19.65
CA ILE D 102 1.37 9.76 -18.64
C ILE D 102 1.87 10.87 -17.73
N TYR D 103 1.00 11.82 -17.41
CA TYR D 103 1.36 13.00 -16.65
C TYR D 103 0.77 12.95 -15.25
N MET D 104 1.51 13.50 -14.29
CA MET D 104 1.05 13.63 -12.91
C MET D 104 1.46 14.99 -12.38
N PHE D 105 0.51 15.70 -11.76
CA PHE D 105 0.75 17.02 -11.20
C PHE D 105 0.35 17.05 -9.73
N PHE D 106 1.06 17.85 -8.95
CA PHE D 106 0.82 17.97 -7.52
C PHE D 106 0.53 19.42 -7.14
N ASN D 107 0.08 19.61 -5.92
CA ASN D 107 -0.34 20.92 -5.40
C ASN D 107 0.74 21.41 -4.44
N THR D 108 1.51 22.41 -4.88
CA THR D 108 2.63 22.89 -4.08
C THR D 108 2.19 23.50 -2.76
N SER D 109 1.01 24.10 -2.72
CA SER D 109 0.49 24.62 -1.46
C SER D 109 0.32 23.50 -0.44
N GLU D 110 -0.24 22.37 -0.87
CA GLU D 110 -0.40 21.24 0.04
C GLU D 110 0.94 20.70 0.50
N LEU D 111 1.93 20.64 -0.41
CA LEU D 111 3.26 20.18 -0.01
C LEU D 111 3.85 21.10 1.05
N ARG D 112 3.79 22.42 0.83
CA ARG D 112 4.30 23.34 1.82
C ARG D 112 3.56 23.20 3.15
N GLU D 113 2.25 22.95 3.09
CA GLU D 113 1.48 22.72 4.30
C GLU D 113 1.94 21.46 5.03
N ALA D 114 2.26 20.41 4.29
CA ALA D 114 2.65 19.14 4.91
C ALA D 114 3.94 19.30 5.70
N VAL D 115 4.96 19.92 5.10
CA VAL D 115 6.21 20.22 5.78
C VAL D 115 6.56 21.68 5.52
N PRO D 116 6.49 22.55 6.53
CA PRO D 116 6.64 23.98 6.27
C PRO D 116 8.03 24.39 5.80
N GLU D 117 9.09 23.81 6.35
CA GLU D 117 10.43 24.25 6.02
C GLU D 117 11.14 23.22 5.15
N PRO D 118 11.75 23.65 4.04
CA PRO D 118 12.49 22.69 3.20
C PRO D 118 13.62 21.99 3.90
N VAL D 119 14.23 22.63 4.90
CA VAL D 119 15.31 21.98 5.64
C VAL D 119 14.82 20.76 6.40
N LEU D 120 13.53 20.72 6.73
CA LEU D 120 12.99 19.57 7.45
C LEU D 120 12.95 18.33 6.57
N LEU D 121 12.73 18.50 5.26
CA LEU D 121 12.55 17.35 4.38
C LEU D 121 13.81 16.53 4.27
N SER D 122 13.67 15.21 4.39
CA SER D 122 14.81 14.31 4.40
C SER D 122 14.70 13.23 3.34
N ARG D 123 13.47 12.83 3.02
CA ARG D 123 13.25 11.75 2.06
C ARG D 123 11.85 11.84 1.51
N ALA D 124 11.72 11.95 0.19
CA ALA D 124 10.44 12.01 -0.49
C ALA D 124 10.41 10.99 -1.61
N GLU D 125 9.37 10.16 -1.63
CA GLU D 125 9.20 9.15 -2.64
C GLU D 125 7.87 9.36 -3.35
N LEU D 126 7.80 8.92 -4.60
CA LEU D 126 6.58 8.99 -5.40
C LEU D 126 6.08 7.58 -5.66
N ARG D 127 4.87 7.28 -5.23
CA ARG D 127 4.33 5.93 -5.25
C ARG D 127 3.35 5.75 -6.40
N LEU D 128 3.64 4.79 -7.27
CA LEU D 128 2.78 4.45 -8.39
C LEU D 128 2.27 3.03 -8.20
N LEU D 129 1.02 2.79 -8.57
CA LEU D 129 0.40 1.48 -8.43
C LEU D 129 0.31 0.84 -9.81
N ARG D 130 1.15 -0.17 -10.05
CA ARG D 130 1.18 -0.86 -11.33
C ARG D 130 0.19 -2.01 -11.28
N LEU D 131 -0.86 -1.93 -12.09
CA LEU D 131 -1.83 -3.02 -12.14
C LEU D 131 -1.26 -4.23 -12.86
N LYS D 132 -0.87 -4.06 -14.12
CA LYS D 132 -0.35 -5.16 -14.93
C LYS D 132 0.87 -4.74 -15.73
N LYS D 134 2.56 -7.88 -16.98
CA LYS D 134 2.43 -9.11 -17.76
C LYS D 134 3.44 -9.13 -18.91
N VAL D 135 3.77 -7.93 -19.41
CA VAL D 135 4.69 -7.78 -20.53
C VAL D 135 5.85 -6.91 -20.09
N GLU D 136 7.06 -7.27 -20.51
CA GLU D 136 8.24 -6.49 -20.17
C GLU D 136 8.18 -5.12 -20.83
N GLN D 137 8.53 -4.09 -20.06
CA GLN D 137 8.48 -2.72 -20.56
C GLN D 137 9.50 -1.89 -19.80
N HIS D 138 10.01 -0.86 -20.46
CA HIS D 138 11.03 0.03 -19.89
C HIS D 138 10.52 1.46 -19.97
N VAL D 139 10.52 2.16 -18.83
CA VAL D 139 9.87 3.47 -18.72
C VAL D 139 10.83 4.46 -18.08
N GLU D 140 10.51 5.74 -18.23
CA GLU D 140 11.32 6.82 -17.70
C GLU D 140 10.45 7.82 -16.96
N LEU D 141 11.09 8.69 -16.18
CA LEU D 141 10.42 9.73 -15.41
C LEU D 141 11.09 11.07 -15.65
N TYR D 142 10.28 12.12 -15.77
CA TYR D 142 10.79 13.46 -16.07
C TYR D 142 10.22 14.49 -15.11
N GLN D 143 10.95 15.59 -14.96
CA GLN D 143 10.59 16.72 -14.11
C GLN D 143 10.27 17.93 -14.97
N LYS D 144 9.47 18.85 -14.43
CA LYS D 144 9.06 20.05 -15.13
C LYS D 144 9.89 21.23 -14.62
N TYR D 145 10.70 21.82 -15.52
CA TYR D 145 11.40 23.06 -15.22
C TYR D 145 10.60 24.28 -15.62
N SER D 146 10.24 24.38 -16.90
CA SER D 146 9.53 25.54 -17.43
C SER D 146 8.28 25.07 -18.17
N ASN D 147 7.59 26.02 -18.79
CA ASN D 147 6.42 25.69 -19.59
C ASN D 147 6.80 24.92 -20.85
N ASN D 148 8.09 24.85 -21.18
CA ASN D 148 8.59 24.20 -22.38
C ASN D 148 9.82 23.37 -22.06
N SER D 149 9.81 22.69 -20.91
CA SER D 149 10.98 21.95 -20.49
C SER D 149 10.57 20.68 -19.75
N TRP D 150 11.30 19.60 -20.01
CA TRP D 150 11.23 18.37 -19.25
C TRP D 150 12.64 17.92 -18.94
N ARG D 151 12.89 17.51 -17.70
CA ARG D 151 14.22 17.12 -17.25
C ARG D 151 14.20 15.67 -16.84
N TYR D 152 15.12 14.87 -17.38
CA TYR D 152 15.18 13.46 -17.05
C TYR D 152 15.55 13.28 -15.58
N LEU D 153 14.90 12.30 -14.94
CA LEU D 153 15.20 11.94 -13.56
C LEU D 153 15.76 10.54 -13.44
N SER D 154 15.03 9.53 -13.92
CA SER D 154 15.42 8.14 -13.75
C SER D 154 14.60 7.27 -14.69
N ASN D 155 15.05 6.04 -14.87
CA ASN D 155 14.31 5.04 -15.63
C ASN D 155 14.27 3.73 -14.85
N ARG D 156 13.26 2.92 -15.16
CA ARG D 156 13.06 1.67 -14.44
C ARG D 156 12.69 0.59 -15.44
N LEU D 157 13.01 -0.65 -15.07
CA LEU D 157 12.71 -1.82 -15.89
C LEU D 157 11.60 -2.59 -15.20
N LEU D 158 10.38 -2.45 -15.71
CA LEU D 158 9.21 -3.04 -15.07
C LEU D 158 9.10 -4.51 -15.45
N ALA D 159 9.44 -5.39 -14.52
CA ALA D 159 9.32 -6.82 -14.78
C ALA D 159 7.86 -7.19 -14.97
N PRO D 160 7.57 -8.11 -15.89
CA PRO D 160 6.18 -8.53 -16.11
C PRO D 160 5.57 -9.14 -14.86
N SER D 161 4.29 -8.84 -14.65
CA SER D 161 3.60 -9.32 -13.47
C SER D 161 2.14 -9.57 -13.80
N ASP D 162 1.56 -10.58 -13.16
CA ASP D 162 0.15 -10.91 -13.31
C ASP D 162 -0.69 -10.36 -12.17
N SER D 163 -0.12 -9.53 -11.31
CA SER D 163 -0.77 -9.03 -10.12
C SER D 163 -0.46 -7.55 -9.96
N PRO D 164 -1.28 -6.81 -9.23
CA PRO D 164 -0.95 -5.41 -8.93
C PRO D 164 0.32 -5.33 -8.09
N GLU D 165 1.09 -4.27 -8.34
CA GLU D 165 2.33 -4.04 -7.61
C GLU D 165 2.52 -2.55 -7.40
N TRP D 166 3.33 -2.22 -6.41
CA TRP D 166 3.64 -0.85 -6.05
C TRP D 166 5.09 -0.55 -6.39
N LEU D 167 5.32 0.50 -7.17
CA LEU D 167 6.65 0.94 -7.53
C LEU D 167 6.85 2.37 -7.06
N SER D 168 8.08 2.67 -6.63
CA SER D 168 8.41 3.95 -6.02
C SER D 168 9.69 4.50 -6.62
N PHE D 169 9.72 5.81 -6.79
CA PHE D 169 10.89 6.52 -7.29
C PHE D 169 11.36 7.48 -6.21
N ASP D 170 12.67 7.70 -6.15
CA ASP D 170 13.23 8.65 -5.20
C ASP D 170 13.28 10.03 -5.86
N VAL D 171 12.46 10.95 -5.38
CA VAL D 171 12.35 12.27 -5.97
C VAL D 171 12.59 13.33 -4.91
N THR D 172 13.40 13.00 -3.90
CA THR D 172 13.65 13.93 -2.80
C THR D 172 14.32 15.20 -3.30
N GLY D 173 15.30 15.09 -4.19
CA GLY D 173 15.97 16.26 -4.72
C GLY D 173 15.05 17.20 -5.47
N VAL D 174 13.94 16.70 -5.99
CA VAL D 174 12.99 17.55 -6.70
C VAL D 174 12.00 18.18 -5.73
N VAL D 175 11.51 17.41 -4.77
CA VAL D 175 10.54 17.95 -3.82
C VAL D 175 11.19 19.00 -2.92
N ARG D 176 12.49 18.85 -2.61
CA ARG D 176 13.17 19.88 -1.85
C ARG D 176 13.15 21.22 -2.59
N GLN D 177 13.44 21.19 -3.89
CA GLN D 177 13.39 22.41 -4.69
C GLN D 177 11.97 22.94 -4.79
N TRP D 178 10.99 22.05 -4.90
CA TRP D 178 9.60 22.49 -4.96
C TRP D 178 9.21 23.22 -3.68
N LEU D 179 9.62 22.69 -2.53
CA LEU D 179 9.31 23.35 -1.26
C LEU D 179 10.04 24.69 -1.15
N SER D 180 11.31 24.73 -1.55
CA SER D 180 12.07 25.97 -1.44
C SER D 180 11.52 27.06 -2.36
N ARG D 181 11.57 26.81 -3.67
CA ARG D 181 11.31 27.86 -4.66
C ARG D 181 10.39 27.38 -5.77
N GLY D 182 9.59 26.34 -5.51
CA GLY D 182 8.78 25.77 -6.55
C GLY D 182 7.67 26.68 -7.01
N GLY D 183 7.15 26.39 -8.20
CA GLY D 183 6.10 27.18 -8.79
C GLY D 183 4.76 26.91 -8.14
N GLU D 184 3.72 27.42 -8.80
CA GLU D 184 2.36 27.23 -8.30
C GLU D 184 1.96 25.76 -8.33
N ILE D 185 2.23 25.07 -9.44
CA ILE D 185 1.89 23.66 -9.59
C ILE D 185 2.97 23.02 -10.46
N GLU D 186 3.66 22.04 -9.89
CA GLU D 186 4.70 21.31 -10.60
C GLU D 186 4.41 19.82 -10.53
N GLY D 187 4.91 19.08 -11.50
CA GLY D 187 4.58 17.68 -11.59
C GLY D 187 5.67 16.87 -12.23
N PHE D 188 5.30 15.67 -12.66
CA PHE D 188 6.20 14.72 -13.29
C PHE D 188 5.61 14.23 -14.60
N ARG D 189 6.27 13.27 -15.22
CA ARG D 189 5.80 12.64 -16.45
C ARG D 189 6.46 11.29 -16.59
N LEU D 190 5.66 10.24 -16.67
CA LEU D 190 6.17 8.88 -16.88
C LEU D 190 6.07 8.58 -18.38
N SER D 191 7.21 8.27 -19.00
CA SER D 191 7.27 8.13 -20.44
C SER D 191 8.01 6.86 -20.81
N ALA D 192 7.73 6.36 -22.01
CA ALA D 192 8.36 5.14 -22.50
C ALA D 192 9.70 5.46 -23.17
N HIS D 193 10.63 4.53 -23.06
CA HIS D 193 11.96 4.73 -23.60
C HIS D 193 11.93 4.84 -25.12
N CYS D 194 12.82 5.67 -25.66
CA CYS D 194 12.89 5.90 -27.11
C CYS D 194 14.33 5.69 -27.57
N SER D 195 14.52 4.78 -28.51
CA SER D 195 15.84 4.57 -29.10
C SER D 195 16.14 5.65 -30.13
N CYS D 196 17.43 5.82 -30.43
CA CYS D 196 17.85 6.91 -31.30
C CYS D 196 17.62 6.65 -32.77
N ASP D 197 17.22 5.44 -33.15
CA ASP D 197 17.06 5.08 -34.56
C ASP D 197 15.70 5.56 -35.09
N SER D 198 15.41 6.84 -34.84
CA SER D 198 14.18 7.49 -35.29
C SER D 198 12.96 6.66 -34.93
N ARG D 199 12.95 6.14 -33.72
CA ARG D 199 11.95 5.18 -33.27
C ARG D 199 10.97 5.82 -32.30
N ASP D 200 9.70 5.46 -32.43
CA ASP D 200 8.68 5.83 -31.47
C ASP D 200 8.23 4.60 -30.68
N ASN D 201 7.73 4.84 -29.48
CA ASN D 201 7.30 3.77 -28.60
C ASN D 201 6.00 4.19 -27.91
N THR D 202 5.33 3.20 -27.32
CA THR D 202 4.07 3.43 -26.63
C THR D 202 4.20 2.93 -25.19
N LEU D 203 3.53 3.63 -24.27
CA LEU D 203 3.59 3.30 -22.86
C LEU D 203 2.56 2.22 -22.58
N GLN D 204 2.99 0.96 -22.56
CA GLN D 204 2.10 -0.18 -22.37
C GLN D 204 2.05 -0.58 -20.89
N VAL D 205 1.77 0.40 -20.04
CA VAL D 205 1.64 0.18 -18.60
C VAL D 205 0.37 0.86 -18.13
N ASP D 206 -0.41 0.17 -17.31
CA ASP D 206 -1.66 0.71 -16.77
C ASP D 206 -1.44 1.17 -15.33
N ILE D 207 -1.99 2.34 -15.02
CA ILE D 207 -1.81 2.96 -13.71
C ILE D 207 -3.17 3.42 -13.20
N ASN D 208 -3.47 3.05 -11.96
CA ASN D 208 -4.75 3.42 -11.35
C ASN D 208 -4.95 4.93 -11.39
N GLY D 209 -6.21 5.34 -11.42
CA GLY D 209 -6.55 6.75 -11.49
C GLY D 209 -6.43 7.37 -12.86
N PHE D 210 -6.08 6.57 -13.88
CA PHE D 210 -5.90 7.10 -15.23
C PHE D 210 -6.75 6.41 -16.27
N THR D 211 -7.52 5.39 -15.91
CA THR D 211 -8.44 4.80 -16.87
C THR D 211 -9.55 5.81 -17.21
N THR D 212 -10.40 5.40 -18.15
CA THR D 212 -11.42 6.30 -18.69
C THR D 212 -12.24 6.94 -17.56
N GLY D 213 -12.71 8.16 -17.82
CA GLY D 213 -13.49 8.88 -16.85
C GLY D 213 -14.71 8.09 -16.40
N ARG D 214 -14.68 7.63 -15.16
CA ARG D 214 -15.76 6.83 -14.60
C ARG D 214 -16.78 7.75 -13.94
N ARG D 215 -18.00 7.72 -14.45
CA ARG D 215 -19.13 8.35 -13.79
C ARG D 215 -20.02 7.24 -13.22
N GLY D 216 -21.15 7.62 -12.66
CA GLY D 216 -21.95 6.65 -11.95
C GLY D 216 -21.36 6.33 -10.58
N ASP D 217 -21.70 5.15 -10.08
CA ASP D 217 -21.37 4.80 -8.70
C ASP D 217 -19.87 4.66 -8.45
N LEU D 218 -19.06 4.48 -9.49
CA LEU D 218 -17.63 4.24 -9.30
C LEU D 218 -16.82 5.53 -9.29
N ALA D 219 -17.47 6.69 -9.41
CA ALA D 219 -16.71 7.93 -9.60
C ALA D 219 -15.85 8.25 -8.38
N THR D 220 -16.39 8.08 -7.18
CA THR D 220 -15.62 8.36 -5.98
C THR D 220 -14.46 7.38 -5.82
N ILE D 221 -14.73 6.08 -5.98
CA ILE D 221 -13.72 5.05 -5.79
C ILE D 221 -12.57 5.18 -6.77
N HIS D 222 -12.82 5.73 -7.95
CA HIS D 222 -11.79 5.88 -8.96
C HIS D 222 -10.60 6.69 -8.46
N GLY D 223 -10.81 7.57 -7.48
CA GLY D 223 -9.78 8.49 -7.03
C GLY D 223 -8.75 7.93 -6.09
N MET D 224 -9.05 6.85 -5.36
CA MET D 224 -8.06 6.34 -4.43
C MET D 224 -7.08 5.46 -5.16
N ASN D 225 -6.00 5.10 -4.46
CA ASN D 225 -4.82 4.47 -5.03
C ASN D 225 -4.23 5.29 -6.17
N ARG D 226 -4.63 6.55 -6.26
CA ARG D 226 -4.01 7.47 -7.19
C ARG D 226 -2.53 7.62 -6.85
N PRO D 227 -1.68 7.82 -7.85
CA PRO D 227 -0.27 8.03 -7.57
C PRO D 227 -0.07 9.20 -6.64
N PHE D 228 0.77 9.02 -5.63
CA PHE D 228 0.90 10.00 -4.56
C PHE D 228 2.35 10.11 -4.14
N LEU D 229 2.59 11.00 -3.18
CA LEU D 229 3.91 11.20 -2.60
C LEU D 229 3.94 10.67 -1.17
N LEU D 230 5.11 10.24 -0.74
CA LEU D 230 5.32 9.77 0.62
C LEU D 230 6.43 10.63 1.21
N LEU D 231 6.05 11.58 2.06
CA LEU D 231 6.98 12.54 2.62
C LEU D 231 7.44 12.08 4.00
N MET D 232 8.75 12.09 4.21
CA MET D 232 9.33 11.80 5.53
C MET D 232 10.25 12.96 5.92
N ALA D 233 9.80 13.78 6.85
CA ALA D 233 10.58 14.91 7.32
C ALA D 233 10.52 14.96 8.84
N THR D 234 11.46 15.69 9.43
CA THR D 234 11.47 15.87 10.87
C THR D 234 10.32 16.77 11.29
N PRO D 235 9.79 16.59 12.49
CA PRO D 235 8.76 17.51 12.98
C PRO D 235 9.34 18.89 13.23
N LEU D 236 8.47 19.90 13.14
CA LEU D 236 8.90 21.28 13.40
C LEU D 236 9.30 21.48 14.85
N GLU D 237 8.76 20.68 15.76
CA GLU D 237 8.98 20.89 17.19
C GLU D 237 10.20 20.14 17.73
N ARG D 238 10.96 19.47 16.87
CA ARG D 238 12.12 18.70 17.31
C ARG D 238 13.36 18.97 16.45
N ALA D 239 13.50 20.19 15.94
CA ALA D 239 14.62 20.49 15.04
C ALA D 239 15.96 20.30 15.73
N GLN D 240 16.24 21.12 16.74
CA GLN D 240 17.45 20.96 17.53
C GLN D 240 17.12 20.99 19.02
N LYS D 262 38.27 13.54 23.25
CA LYS D 262 38.47 12.70 22.06
C LYS D 262 37.25 11.81 21.79
N ASN D 263 36.95 11.57 20.51
CA ASN D 263 35.89 10.68 20.08
C ASN D 263 36.38 9.87 18.89
N CYS D 264 35.64 8.81 18.57
CA CYS D 264 36.02 7.87 17.53
C CYS D 264 36.33 8.59 16.23
N CYS D 265 37.58 8.49 15.78
CA CYS D 265 38.02 9.16 14.57
C CYS D 265 39.27 8.46 14.04
N VAL D 266 39.56 8.71 12.77
CA VAL D 266 40.64 8.04 12.05
C VAL D 266 41.96 8.74 12.35
N ARG D 267 43.02 7.94 12.46
CA ARG D 267 44.37 8.44 12.70
C ARG D 267 45.31 7.97 11.60
N GLN D 268 46.32 8.76 11.32
CA GLN D 268 47.28 8.44 10.26
C GLN D 268 48.19 7.31 10.70
N LEU D 269 48.50 6.41 9.77
CA LEU D 269 49.47 5.34 10.03
C LEU D 269 50.05 4.89 8.69
N TYR D 270 51.23 5.38 8.35
CA TYR D 270 51.90 4.94 7.14
C TYR D 270 52.69 3.69 7.44
N ILE D 271 52.51 2.67 6.60
CA ILE D 271 53.14 1.37 6.80
C ILE D 271 54.04 1.09 5.60
N ASP D 272 55.31 0.82 5.88
CA ASP D 272 56.30 0.51 4.86
C ASP D 272 56.67 -0.96 4.99
N PHE D 273 56.50 -1.71 3.90
CA PHE D 273 56.69 -3.15 3.96
C PHE D 273 58.13 -3.51 4.33
N ARG D 274 59.09 -2.80 3.77
CA ARG D 274 60.50 -3.16 3.95
C ARG D 274 60.99 -2.89 5.38
N LYS D 275 60.34 -2.00 6.11
CA LYS D 275 60.85 -1.54 7.40
C LYS D 275 60.31 -2.35 8.57
N ASP D 276 59.00 -2.36 8.77
CA ASP D 276 58.41 -2.99 9.95
C ASP D 276 57.94 -4.41 9.67
N LEU D 277 57.18 -4.60 8.60
CA LEU D 277 56.81 -5.95 8.20
C LEU D 277 58.04 -6.76 7.79
N GLY D 278 58.96 -6.14 7.05
CA GLY D 278 60.16 -6.83 6.63
C GLY D 278 60.03 -7.61 5.35
N TRP D 279 58.97 -7.37 4.58
CA TRP D 279 58.71 -8.12 3.36
C TRP D 279 59.49 -7.54 2.20
N LYS D 280 60.17 -8.41 1.45
CA LYS D 280 60.86 -8.04 0.24
C LYS D 280 60.16 -8.55 -1.01
N TRP D 281 59.05 -9.29 -0.85
CA TRP D 281 58.39 -9.97 -1.96
C TRP D 281 57.26 -9.16 -2.58
N ILE D 282 57.02 -7.94 -2.12
CA ILE D 282 56.04 -7.05 -2.72
C ILE D 282 56.80 -5.93 -3.42
N HIS D 283 56.67 -5.87 -4.74
CA HIS D 283 57.48 -4.94 -5.51
C HIS D 283 56.86 -3.55 -5.56
N GLU D 284 55.56 -3.46 -5.83
CA GLU D 284 54.83 -2.20 -5.78
C GLU D 284 53.50 -2.47 -5.09
N PRO D 285 53.01 -1.54 -4.27
CA PRO D 285 53.69 -0.32 -3.87
C PRO D 285 54.63 -0.55 -2.70
N LYS D 286 55.63 0.30 -2.53
CA LYS D 286 56.55 0.18 -1.41
C LYS D 286 56.00 0.91 -0.19
N GLY D 287 54.85 0.42 0.26
CA GLY D 287 54.16 1.01 1.40
C GLY D 287 52.91 1.76 0.99
N TYR D 288 51.94 1.78 1.89
CA TYR D 288 50.66 2.42 1.62
C TYR D 288 50.14 3.07 2.90
N HIS D 289 49.15 3.93 2.75
CA HIS D 289 48.64 4.71 3.87
C HIS D 289 47.43 4.01 4.49
N ALA D 290 47.71 2.96 5.25
CA ALA D 290 46.68 2.37 6.08
C ALA D 290 46.28 3.35 7.17
N ASN D 291 45.27 2.97 7.94
CA ASN D 291 44.81 3.80 9.04
C ASN D 291 44.20 2.90 10.10
N PHE D 292 43.77 3.51 11.19
CA PHE D 292 43.04 2.79 12.23
C PHE D 292 42.10 3.75 12.93
N CYS D 293 41.06 3.19 13.54
CA CYS D 293 40.06 3.96 14.24
C CYS D 293 40.26 3.80 15.74
N LEU D 294 40.23 4.91 16.47
CA LEU D 294 40.44 4.88 17.91
C LEU D 294 39.62 5.99 18.56
N GLY D 295 39.10 5.71 19.75
CA GLY D 295 38.32 6.66 20.49
C GLY D 295 37.12 6.01 21.14
N PRO D 296 36.72 6.50 22.33
CA PRO D 296 35.55 6.00 23.03
C PRO D 296 34.28 6.32 22.25
N CYS D 297 33.25 5.50 22.47
CA CYS D 297 31.92 5.72 21.90
C CYS D 297 30.90 5.69 23.03
N PRO D 298 30.73 6.80 23.76
CA PRO D 298 29.67 6.86 24.75
C PRO D 298 28.33 6.57 24.09
N TYR D 299 27.32 6.33 24.88
CA TYR D 299 25.94 6.32 24.42
C TYR D 299 25.49 7.76 24.15
N ILE D 300 24.64 7.92 23.12
CA ILE D 300 24.41 9.26 22.56
C ILE D 300 23.81 10.20 23.62
N TRP D 301 22.89 9.69 24.42
CA TRP D 301 22.26 10.52 25.44
C TRP D 301 23.19 10.72 26.63
N VAL D 310 29.75 15.83 15.16
CA VAL D 310 29.74 14.75 16.14
C VAL D 310 28.55 13.83 15.91
N LEU D 311 27.39 14.41 15.57
CA LEU D 311 26.20 13.59 15.36
C LEU D 311 26.30 12.71 14.14
N ALA D 312 27.13 13.07 13.15
CA ALA D 312 27.39 12.18 12.03
C ALA D 312 28.10 10.91 12.48
N LEU D 313 28.76 10.94 13.64
CA LEU D 313 29.42 9.75 14.17
C LEU D 313 28.41 8.71 14.61
N TYR D 314 27.19 9.14 14.96
CA TYR D 314 26.17 8.26 15.52
C TYR D 314 25.03 7.97 14.55
N ASN D 315 25.30 8.02 13.25
CA ASN D 315 24.24 7.77 12.28
C ASN D 315 23.76 6.32 12.33
N GLN D 316 24.64 5.39 12.69
CA GLN D 316 24.31 3.97 12.74
C GLN D 316 24.25 3.43 14.17
N HIS D 317 24.01 4.31 15.15
CA HIS D 317 24.03 3.90 16.55
C HIS D 317 22.79 3.08 16.87
N ASN D 318 23.00 1.81 17.23
CA ASN D 318 21.93 0.93 17.69
C ASN D 318 22.38 0.30 19.00
N PRO D 319 22.08 0.94 20.13
CA PRO D 319 22.53 0.41 21.43
C PRO D 319 22.00 -0.98 21.76
N GLY D 320 20.78 -1.31 21.35
CA GLY D 320 20.17 -2.57 21.76
C GLY D 320 20.54 -3.77 20.93
N ALA D 321 21.74 -3.76 20.36
CA ALA D 321 22.21 -4.85 19.52
C ALA D 321 23.57 -5.40 19.94
N SER D 322 24.47 -4.54 20.44
CA SER D 322 25.81 -4.97 20.82
C SER D 322 26.04 -4.81 22.33
N ALA D 323 25.30 -3.92 22.98
CA ALA D 323 25.36 -3.68 24.43
C ALA D 323 26.72 -3.06 24.76
N ALA D 324 27.61 -2.87 23.81
CA ALA D 324 28.87 -2.20 24.09
C ALA D 324 29.36 -1.53 22.81
N PRO D 325 29.03 -0.26 22.59
CA PRO D 325 29.44 0.39 21.34
C PRO D 325 30.96 0.41 21.18
N CYS D 326 31.38 0.22 19.94
CA CYS D 326 32.79 0.19 19.60
C CYS D 326 33.03 1.12 18.42
N CYS D 327 34.25 1.61 18.30
CA CYS D 327 34.62 2.51 17.22
C CYS D 327 35.15 1.67 16.06
N VAL D 328 34.42 1.68 14.94
CA VAL D 328 34.69 0.76 13.83
C VAL D 328 34.87 1.57 12.55
N PRO D 329 35.56 1.01 11.56
CA PRO D 329 35.66 1.69 10.27
C PRO D 329 34.30 1.84 9.61
N GLN D 330 34.12 2.94 8.89
CA GLN D 330 32.88 3.22 8.17
C GLN D 330 33.02 3.03 6.67
N ALA D 331 34.14 3.46 6.08
CA ALA D 331 34.37 3.30 4.65
C ALA D 331 35.81 2.89 4.44
N LEU D 332 36.02 1.89 3.59
CA LEU D 332 37.33 1.37 3.28
C LEU D 332 37.54 1.40 1.77
N GLU D 333 38.80 1.28 1.36
CA GLU D 333 39.19 1.32 -0.04
C GLU D 333 40.11 0.15 -0.34
N PRO D 334 40.17 -0.29 -1.59
CA PRO D 334 41.03 -1.42 -1.94
C PRO D 334 42.45 -0.96 -2.23
N LEU D 335 43.33 -1.93 -2.47
CA LEU D 335 44.74 -1.68 -2.69
C LEU D 335 45.31 -2.63 -3.74
N PRO D 336 45.80 -2.11 -4.86
CA PRO D 336 46.45 -2.98 -5.86
C PRO D 336 47.93 -3.16 -5.58
N ILE D 337 48.40 -4.41 -5.70
CA ILE D 337 49.79 -4.75 -5.44
C ILE D 337 50.34 -5.54 -6.62
N VAL D 338 51.67 -5.55 -6.71
CA VAL D 338 52.39 -6.33 -7.71
C VAL D 338 53.39 -7.22 -6.98
N TYR D 339 53.32 -8.53 -7.23
CA TYR D 339 54.19 -9.47 -6.54
C TYR D 339 54.49 -10.65 -7.45
N TYR D 340 55.70 -11.16 -7.36
CA TYR D 340 56.18 -12.24 -8.22
C TYR D 340 55.87 -13.59 -7.61
N VAL D 341 55.22 -14.46 -8.38
CA VAL D 341 55.06 -15.86 -8.01
C VAL D 341 56.15 -16.63 -8.77
N GLY D 342 57.33 -16.69 -8.17
CA GLY D 342 58.44 -17.39 -8.78
C GLY D 342 59.12 -16.56 -9.84
N ARG D 343 58.49 -16.46 -11.01
CA ARG D 343 58.99 -15.58 -12.07
C ARG D 343 57.88 -14.90 -12.87
N LYS D 344 56.62 -15.08 -12.52
CA LYS D 344 55.52 -14.50 -13.27
C LYS D 344 54.93 -13.34 -12.50
N PRO D 345 55.04 -12.11 -13.00
CA PRO D 345 54.40 -10.98 -12.31
C PRO D 345 52.90 -11.17 -12.23
N LYS D 346 52.34 -10.79 -11.09
CA LYS D 346 50.90 -10.86 -10.85
C LYS D 346 50.43 -9.54 -10.27
N VAL D 347 49.27 -9.07 -10.73
CA VAL D 347 48.69 -7.82 -10.26
C VAL D 347 47.38 -8.17 -9.56
N GLU D 348 47.34 -8.02 -8.24
CA GLU D 348 46.17 -8.38 -7.46
C GLU D 348 45.68 -7.16 -6.70
N GLN D 349 44.36 -7.12 -6.49
CA GLN D 349 43.69 -6.00 -5.83
C GLN D 349 43.03 -6.51 -4.56
N LEU D 350 43.60 -6.17 -3.41
CA LEU D 350 43.05 -6.58 -2.13
C LEU D 350 42.02 -5.57 -1.68
N SER D 351 40.95 -6.06 -1.06
CA SER D 351 39.80 -5.23 -0.71
C SER D 351 39.75 -4.96 0.79
N ASN D 352 39.19 -3.81 1.14
CA ASN D 352 39.07 -3.36 2.53
C ASN D 352 40.44 -3.26 3.20
N MET D 353 41.35 -2.55 2.55
CA MET D 353 42.72 -2.38 3.05
C MET D 353 42.89 -1.14 3.91
N ILE D 354 42.54 0.04 3.41
CA ILE D 354 42.78 1.29 4.13
C ILE D 354 41.47 1.75 4.75
N VAL D 355 41.57 2.68 5.69
CA VAL D 355 40.42 3.21 6.41
C VAL D 355 40.27 4.68 6.06
N ARG D 356 39.06 5.10 5.72
CA ARG D 356 38.79 6.49 5.39
C ARG D 356 37.94 7.23 6.41
N SER D 357 37.04 6.53 7.11
CA SER D 357 36.20 7.18 8.11
C SER D 357 35.76 6.13 9.12
N CYS D 358 35.38 6.61 10.30
CA CYS D 358 35.00 5.74 11.40
C CYS D 358 33.62 6.12 11.92
N LYS D 359 32.97 5.16 12.57
CA LYS D 359 31.65 5.36 13.12
C LYS D 359 31.54 4.60 14.43
N CYS D 360 30.59 5.01 15.27
CA CYS D 360 30.31 4.35 16.53
C CYS D 360 29.14 3.39 16.32
N SER D 361 29.37 2.10 16.57
CA SER D 361 28.34 1.10 16.38
C SER D 361 28.68 -0.16 17.16
N LEU E 1 41.99 -25.03 33.97
CA LEU E 1 41.96 -24.01 32.93
C LEU E 1 40.87 -24.29 31.90
N SER E 2 39.76 -24.87 32.35
CA SER E 2 38.67 -25.13 31.43
C SER E 2 38.11 -23.83 30.88
N THR E 3 38.14 -23.68 29.57
CA THR E 3 37.59 -22.49 28.93
C THR E 3 36.07 -22.45 29.09
N CYS E 4 35.54 -21.24 29.25
CA CYS E 4 34.10 -21.06 29.38
C CYS E 4 33.39 -21.55 28.13
N LYS E 5 32.35 -22.37 28.32
CA LYS E 5 31.62 -22.96 27.21
C LYS E 5 30.17 -22.49 27.14
N THR E 6 29.42 -22.63 28.23
CA THR E 6 28.00 -22.31 28.21
C THR E 6 27.78 -20.81 28.25
N ILE E 7 26.85 -20.34 27.41
CA ILE E 7 26.46 -18.93 27.35
C ILE E 7 25.00 -18.83 27.78
N ASP E 8 24.74 -18.04 28.81
CA ASP E 8 23.39 -17.81 29.29
C ASP E 8 22.91 -16.43 28.84
N MET E 9 21.75 -16.41 28.18
CA MET E 9 21.30 -15.23 27.46
C MET E 9 20.23 -14.42 28.20
N GLU E 10 19.76 -14.88 29.36
CA GLU E 10 18.72 -14.15 30.07
C GLU E 10 19.22 -12.77 30.50
N LEU E 11 20.42 -12.71 31.07
CA LEU E 11 21.01 -11.42 31.40
C LEU E 11 21.26 -10.61 30.13
N VAL E 12 21.71 -11.28 29.07
CA VAL E 12 21.95 -10.60 27.80
C VAL E 12 20.65 -10.01 27.26
N LYS E 13 19.57 -10.80 27.32
CA LYS E 13 18.29 -10.32 26.81
C LYS E 13 17.74 -9.18 27.67
N ARG E 14 17.91 -9.25 28.98
CA ARG E 14 17.46 -8.16 29.84
C ARG E 14 18.22 -6.87 29.53
N LYS E 15 19.54 -6.97 29.36
CA LYS E 15 20.32 -5.80 28.97
C LYS E 15 19.86 -5.24 27.63
N ARG E 16 19.59 -6.12 26.67
CA ARG E 16 19.11 -5.67 25.37
C ARG E 16 17.76 -4.97 25.51
N ILE E 17 16.88 -5.50 26.35
CA ILE E 17 15.56 -4.90 26.53
C ILE E 17 15.68 -3.50 27.09
N GLU E 18 16.51 -3.34 28.12
CA GLU E 18 16.67 -2.01 28.72
C GLU E 18 17.31 -1.05 27.73
N ALA E 19 18.30 -1.51 26.97
CA ALA E 19 18.92 -0.66 25.97
C ALA E 19 17.92 -0.24 24.90
N ILE E 20 17.03 -1.16 24.50
CA ILE E 20 16.04 -0.83 23.49
C ILE E 20 15.02 0.17 24.03
N ARG E 21 14.64 0.03 25.31
CA ARG E 21 13.75 1.02 25.91
C ARG E 21 14.39 2.41 25.88
N GLY E 22 15.65 2.49 26.27
CA GLY E 22 16.36 3.76 26.21
C GLY E 22 16.45 4.30 24.80
N GLN E 23 16.74 3.43 23.84
CA GLN E 23 16.85 3.86 22.45
C GLN E 23 15.52 4.39 21.93
N ILE E 24 14.44 3.69 22.21
CA ILE E 24 13.11 4.12 21.77
C ILE E 24 12.79 5.49 22.33
N LEU E 25 12.98 5.66 23.64
CA LEU E 25 12.65 6.96 24.24
C LEU E 25 13.56 8.07 23.75
N SER E 26 14.82 7.75 23.45
CA SER E 26 15.74 8.78 22.97
C SER E 26 15.41 9.21 21.55
N LYS E 27 15.16 8.25 20.66
CA LYS E 27 14.93 8.60 19.25
C LYS E 27 13.74 9.52 19.08
N LEU E 28 12.73 9.41 19.93
CA LEU E 28 11.53 10.23 19.83
C LEU E 28 11.69 11.59 20.49
N ARG E 29 12.81 11.84 21.17
CA ARG E 29 13.04 13.02 21.99
C ARG E 29 12.10 13.12 23.18
N LEU E 30 11.39 12.04 23.52
CA LEU E 30 10.55 12.00 24.72
C LEU E 30 11.41 11.57 25.90
N ALA E 31 11.64 12.49 26.83
CA ALA E 31 12.36 12.15 28.05
C ALA E 31 11.57 11.19 28.94
N SER E 32 10.26 11.09 28.72
CA SER E 32 9.38 10.18 29.44
C SER E 32 8.33 9.68 28.46
N PRO E 33 7.69 8.55 28.75
CA PRO E 33 6.62 8.10 27.89
C PRO E 33 5.52 9.14 27.81
N PRO E 34 4.93 9.33 26.63
CA PRO E 34 4.00 10.44 26.43
C PRO E 34 2.69 10.23 27.16
N SER E 35 1.98 11.33 27.36
CA SER E 35 0.67 11.28 27.98
C SER E 35 -0.27 10.42 27.14
N GLN E 36 -0.99 9.51 27.81
CA GLN E 36 -1.83 8.55 27.13
C GLN E 36 -3.30 8.64 27.49
N GLY E 37 -3.64 9.05 28.71
CA GLY E 37 -5.04 9.08 29.12
C GLY E 37 -5.90 10.04 28.32
N GLU E 38 -5.29 10.98 27.60
CA GLU E 38 -6.04 11.98 26.86
C GLU E 38 -6.66 11.43 25.58
N VAL E 39 -6.21 10.27 25.12
CA VAL E 39 -6.58 9.77 23.79
C VAL E 39 -8.09 9.57 23.72
N PRO E 40 -8.74 9.88 22.60
CA PRO E 40 -10.13 9.48 22.41
C PRO E 40 -10.22 7.97 22.27
N PRO E 41 -10.85 7.29 23.23
CA PRO E 41 -10.89 5.83 23.19
C PRO E 41 -11.70 5.31 22.01
N GLY E 42 -11.27 4.17 21.49
CA GLY E 42 -11.96 3.53 20.39
C GLY E 42 -11.05 3.25 19.21
N PRO E 43 -11.66 2.91 18.08
CA PRO E 43 -10.88 2.61 16.88
C PRO E 43 -10.20 3.85 16.31
N LEU E 44 -9.12 3.60 15.58
CA LEU E 44 -8.34 4.64 14.94
C LEU E 44 -8.97 5.04 13.61
N PRO E 45 -8.68 6.26 13.12
CA PRO E 45 -9.15 6.65 11.79
C PRO E 45 -8.61 5.71 10.71
N GLU E 46 -9.42 5.49 9.68
CA GLU E 46 -8.99 4.64 8.58
C GLU E 46 -7.87 5.28 7.78
N ALA E 47 -7.78 6.62 7.77
CA ALA E 47 -6.71 7.28 7.03
C ALA E 47 -5.35 7.04 7.66
N VAL E 48 -5.29 7.07 8.99
CA VAL E 48 -4.03 6.81 9.68
C VAL E 48 -3.57 5.39 9.43
N LEU E 49 -4.48 4.43 9.51
CA LEU E 49 -4.13 3.04 9.23
C LEU E 49 -3.70 2.88 7.78
N ALA E 50 -4.36 3.59 6.86
CA ALA E 50 -3.95 3.52 5.47
C ALA E 50 -2.52 4.02 5.30
N LEU E 51 -2.19 5.14 5.93
CA LEU E 51 -0.83 5.67 5.82
C LEU E 51 0.20 4.74 6.44
N TYR E 52 -0.12 4.18 7.61
CA TYR E 52 0.81 3.25 8.27
C TYR E 52 1.00 2.00 7.43
N ASN E 53 -0.08 1.48 6.86
CA ASN E 53 0.03 0.31 5.99
C ASN E 53 0.87 0.63 4.76
N SER E 54 0.71 1.83 4.20
CA SER E 54 1.49 2.22 3.03
C SER E 54 2.97 2.33 3.36
N THR E 55 3.31 2.92 4.51
CA THR E 55 4.72 3.05 4.85
C THR E 55 5.33 1.74 5.33
N ARG E 56 4.51 0.80 5.79
CA ARG E 56 5.03 -0.49 6.24
C ARG E 56 5.24 -1.47 5.09
N ASP E 57 4.69 -1.19 3.92
CA ASP E 57 4.76 -2.14 2.81
C ASP E 57 6.12 -2.09 2.13
N ARG E 58 6.33 -3.03 1.21
CA ARG E 58 7.57 -3.15 0.47
C ARG E 58 7.35 -2.79 -0.99
N VAL E 59 8.18 -1.89 -1.50
CA VAL E 59 8.04 -1.36 -2.86
C VAL E 59 9.40 -1.40 -3.54
N ALA E 60 9.38 -1.35 -4.87
CA ALA E 60 10.59 -1.36 -5.68
C ALA E 60 11.46 -2.59 -5.41
N ALA E 72 32.19 -14.53 -0.26
CA ALA E 72 33.58 -14.91 -0.49
C ALA E 72 34.32 -13.80 -1.23
N ASP E 73 34.00 -12.56 -0.90
CA ASP E 73 34.67 -11.40 -1.47
C ASP E 73 35.81 -10.89 -0.60
N TYR E 74 36.10 -11.58 0.51
CA TYR E 74 37.18 -11.15 1.39
C TYR E 74 38.53 -11.32 0.74
N TYR E 75 38.68 -12.31 -0.12
CA TYR E 75 39.98 -12.67 -0.68
C TYR E 75 40.35 -11.68 -1.79
N ALA E 76 41.46 -11.94 -2.48
CA ALA E 76 41.96 -11.04 -3.50
C ALA E 76 41.70 -11.60 -4.89
N LYS E 77 41.51 -10.71 -5.84
CA LYS E 77 41.16 -11.07 -7.21
C LYS E 77 42.27 -10.65 -8.15
N GLU E 78 42.74 -11.59 -8.95
CA GLU E 78 43.72 -11.28 -9.99
C GLU E 78 43.10 -10.36 -11.03
N VAL E 79 43.89 -9.42 -11.51
CA VAL E 79 43.43 -8.39 -12.43
C VAL E 79 44.01 -8.65 -13.81
N THR E 80 43.18 -8.54 -14.84
CA THR E 80 43.60 -8.69 -16.21
C THR E 80 42.88 -7.67 -17.06
N ARG E 81 43.55 -7.22 -18.12
CA ARG E 81 43.02 -6.17 -18.99
C ARG E 81 43.08 -6.63 -20.43
N VAL E 82 41.98 -6.46 -21.14
CA VAL E 82 41.88 -6.78 -22.57
C VAL E 82 41.41 -5.56 -23.32
N LEU E 83 42.08 -5.25 -24.42
CA LEU E 83 41.80 -4.04 -25.17
C LEU E 83 40.77 -4.30 -26.25
N MET E 84 40.03 -3.25 -26.59
CA MET E 84 39.09 -3.31 -27.70
C MET E 84 39.82 -3.61 -29.00
N VAL E 85 39.22 -4.46 -29.83
CA VAL E 85 39.81 -4.77 -31.13
C VAL E 85 39.87 -3.51 -31.96
N GLU E 86 40.89 -3.41 -32.81
CA GLU E 86 41.07 -2.23 -33.63
C GLU E 86 39.89 -2.10 -34.60
N THR E 87 39.65 -0.85 -35.04
CA THR E 87 38.50 -0.55 -35.87
C THR E 87 38.50 -1.31 -37.20
N HIS E 88 39.67 -1.74 -37.66
CA HIS E 88 39.83 -2.26 -39.02
C HIS E 88 39.42 -3.74 -39.16
N ASN E 89 38.72 -4.33 -38.20
CA ASN E 89 38.46 -5.76 -38.25
C ASN E 89 36.99 -6.09 -38.50
N GLU E 90 36.09 -5.62 -37.64
CA GLU E 90 34.66 -5.88 -37.79
C GLU E 90 33.92 -4.57 -37.61
N ILE E 91 34.54 -3.65 -36.87
CA ILE E 91 33.93 -2.37 -36.55
C ILE E 91 33.66 -1.55 -37.81
N TYR E 92 34.64 -1.50 -38.71
CA TYR E 92 34.66 -0.52 -39.78
C TYR E 92 33.58 -0.77 -40.84
N ASP E 93 33.19 -2.01 -41.09
CA ASP E 93 32.47 -2.35 -42.30
C ASP E 93 30.95 -2.27 -42.11
N LYS E 94 30.37 -3.09 -41.24
CA LYS E 94 28.93 -3.17 -41.14
C LYS E 94 28.36 -2.29 -40.02
N PHE E 95 29.12 -2.09 -38.95
CA PHE E 95 28.73 -1.25 -37.83
C PHE E 95 29.49 0.07 -37.84
N LYS E 96 29.65 0.66 -39.03
CA LYS E 96 30.41 1.90 -39.17
C LYS E 96 29.88 2.98 -38.24
N GLN E 97 30.82 3.67 -37.59
CA GLN E 97 30.48 4.75 -36.68
C GLN E 97 29.71 5.85 -37.39
N SER E 98 28.62 6.30 -36.76
CA SER E 98 27.82 7.41 -37.25
C SER E 98 27.70 8.46 -36.15
N THR E 99 26.94 9.51 -36.44
CA THR E 99 26.78 10.59 -35.47
C THR E 99 25.97 10.15 -34.26
N HIS E 100 25.08 9.16 -34.43
CA HIS E 100 24.25 8.70 -33.33
C HIS E 100 25.07 8.05 -32.24
N SER E 101 26.01 7.18 -32.61
CA SER E 101 26.59 6.26 -31.64
C SER E 101 28.03 5.93 -31.98
N ILE E 102 28.71 5.35 -31.00
CA ILE E 102 30.05 4.81 -31.13
C ILE E 102 30.00 3.32 -30.81
N TYR E 103 30.61 2.51 -31.66
CA TYR E 103 30.60 1.06 -31.51
C TYR E 103 31.96 0.58 -31.00
N MET E 104 31.93 -0.25 -29.96
CA MET E 104 33.12 -0.82 -29.35
C MET E 104 32.96 -2.33 -29.32
N PHE E 105 33.95 -3.05 -29.87
CA PHE E 105 33.85 -4.49 -30.03
C PHE E 105 35.08 -5.18 -29.42
N PHE E 106 34.85 -6.38 -28.88
CA PHE E 106 35.88 -7.13 -28.18
C PHE E 106 35.98 -8.54 -28.74
N ASN E 107 37.21 -9.08 -28.75
CA ASN E 107 37.45 -10.43 -29.24
C ASN E 107 37.30 -11.41 -28.08
N THR E 108 36.31 -12.30 -28.18
CA THR E 108 36.00 -13.20 -27.07
C THR E 108 37.08 -14.26 -26.87
N SER E 109 37.93 -14.50 -27.86
CA SER E 109 38.97 -15.51 -27.69
C SER E 109 39.95 -15.12 -26.59
N GLU E 110 40.51 -13.91 -26.68
CA GLU E 110 41.41 -13.47 -25.61
C GLU E 110 40.64 -13.17 -24.34
N LEU E 111 39.36 -12.87 -24.44
CA LEU E 111 38.53 -12.69 -23.25
C LEU E 111 38.46 -13.98 -22.44
N ARG E 112 38.17 -15.10 -23.11
CA ARG E 112 38.17 -16.39 -22.43
C ARG E 112 39.57 -16.82 -22.04
N GLU E 113 40.58 -16.38 -22.79
CA GLU E 113 41.95 -16.65 -22.41
C GLU E 113 42.29 -16.01 -21.08
N ALA E 114 41.80 -14.78 -20.86
CA ALA E 114 42.11 -14.07 -19.61
C ALA E 114 41.43 -14.73 -18.41
N VAL E 115 40.16 -15.10 -18.54
CA VAL E 115 39.41 -15.75 -17.49
C VAL E 115 38.94 -17.11 -18.01
N PRO E 116 39.61 -18.20 -17.61
CA PRO E 116 39.30 -19.51 -18.20
C PRO E 116 37.86 -19.96 -18.00
N GLU E 117 37.27 -19.72 -16.82
CA GLU E 117 35.91 -20.19 -16.58
C GLU E 117 35.01 -19.03 -16.18
N PRO E 118 33.76 -19.04 -16.63
CA PRO E 118 32.87 -17.90 -16.34
C PRO E 118 32.61 -17.70 -14.86
N VAL E 119 32.60 -18.75 -14.06
CA VAL E 119 32.24 -18.60 -12.66
C VAL E 119 33.35 -17.94 -11.86
N LEU E 120 34.55 -17.81 -12.45
CA LEU E 120 35.64 -17.14 -11.76
C LEU E 120 35.45 -15.64 -11.70
N LEU E 121 34.75 -15.07 -12.68
CA LEU E 121 34.65 -13.61 -12.78
C LEU E 121 33.96 -13.03 -11.55
N SER E 122 34.55 -11.97 -10.99
CA SER E 122 33.99 -11.27 -9.84
C SER E 122 33.48 -9.89 -10.19
N ARG E 123 34.19 -9.15 -11.03
CA ARG E 123 33.74 -7.86 -11.51
C ARG E 123 34.52 -7.50 -12.76
N ALA E 124 33.81 -6.97 -13.76
CA ALA E 124 34.43 -6.52 -14.99
C ALA E 124 33.81 -5.19 -15.37
N GLU E 125 34.65 -4.21 -15.67
CA GLU E 125 34.18 -2.88 -16.02
C GLU E 125 34.89 -2.38 -17.26
N LEU E 126 34.21 -1.52 -18.00
CA LEU E 126 34.65 -1.05 -19.31
C LEU E 126 35.06 0.42 -19.21
N ARG E 127 36.29 0.72 -19.62
CA ARG E 127 36.87 2.03 -19.43
C ARG E 127 36.89 2.83 -20.73
N LEU E 128 36.64 4.13 -20.61
CA LEU E 128 36.73 5.08 -21.71
C LEU E 128 37.54 6.28 -21.26
N LEU E 129 38.12 6.98 -22.23
CA LEU E 129 38.78 8.25 -21.98
C LEU E 129 38.14 9.30 -22.86
N ARG E 130 37.39 10.21 -22.25
CA ARG E 130 36.68 11.25 -22.98
C ARG E 130 37.60 12.43 -23.23
N LEU E 131 37.49 13.01 -24.42
CA LEU E 131 38.36 14.12 -24.82
C LEU E 131 37.68 15.48 -24.67
N LYS E 132 36.40 15.57 -25.03
CA LYS E 132 35.69 16.84 -24.97
C LYS E 132 35.57 17.32 -23.53
N LEU E 133 35.49 18.64 -23.36
CA LEU E 133 35.54 19.26 -22.05
C LEU E 133 34.24 19.95 -21.65
N LYS E 134 33.74 20.89 -22.46
CA LYS E 134 32.79 21.89 -22.00
C LYS E 134 31.34 21.47 -22.13
N VAL E 135 30.92 20.97 -23.30
CA VAL E 135 29.52 20.71 -23.54
C VAL E 135 29.03 19.60 -22.61
N GLU E 136 27.87 19.81 -22.00
CA GLU E 136 27.22 18.79 -21.21
C GLU E 136 26.39 17.89 -22.12
N GLN E 137 26.51 16.58 -21.93
CA GLN E 137 25.79 15.63 -22.75
C GLN E 137 25.35 14.45 -21.90
N HIS E 138 24.25 13.82 -22.29
CA HIS E 138 23.68 12.67 -21.60
C HIS E 138 23.76 11.48 -22.54
N VAL E 139 24.39 10.40 -22.09
CA VAL E 139 24.75 9.28 -22.96
C VAL E 139 24.31 7.98 -22.30
N GLU E 140 24.09 6.95 -23.13
CA GLU E 140 23.62 5.67 -22.66
C GLU E 140 24.38 4.55 -23.36
N LEU E 141 24.49 3.42 -22.67
CA LEU E 141 25.26 2.27 -23.15
C LEU E 141 24.31 1.12 -23.48
N TYR E 142 24.51 0.51 -24.64
CA TYR E 142 23.75 -0.66 -25.06
C TYR E 142 24.68 -1.87 -25.16
N GLN E 143 24.08 -3.04 -25.30
CA GLN E 143 24.82 -4.27 -25.55
C GLN E 143 24.32 -4.89 -26.85
N LYS E 144 25.26 -5.39 -27.66
CA LYS E 144 24.89 -6.12 -28.86
C LYS E 144 24.29 -7.46 -28.47
N TYR E 145 23.12 -7.78 -29.01
CA TYR E 145 22.40 -8.98 -28.62
C TYR E 145 22.36 -10.04 -29.71
N SER E 146 22.47 -9.65 -30.97
CA SER E 146 22.55 -10.57 -32.09
C SER E 146 23.23 -9.84 -33.24
N ASN E 147 23.15 -10.40 -34.44
CA ASN E 147 23.74 -9.76 -35.60
C ASN E 147 23.03 -8.46 -35.98
N ASN E 148 21.86 -8.19 -35.41
CA ASN E 148 21.08 -7.03 -35.82
C ASN E 148 20.50 -6.21 -34.67
N SER E 149 20.33 -6.78 -33.48
CA SER E 149 19.57 -6.14 -32.42
C SER E 149 20.49 -5.52 -31.37
N TRP E 150 19.90 -4.74 -30.49
CA TRP E 150 20.58 -4.15 -29.34
C TRP E 150 19.65 -4.21 -28.14
N ARG E 151 20.24 -4.16 -26.95
CA ARG E 151 19.44 -4.07 -25.74
C ARG E 151 20.11 -3.11 -24.77
N TYR E 152 19.34 -2.68 -23.77
CA TYR E 152 19.74 -1.61 -22.86
C TYR E 152 20.51 -2.16 -21.68
N LEU E 153 21.57 -1.45 -21.28
CA LEU E 153 22.33 -1.78 -20.09
C LEU E 153 22.26 -0.69 -19.03
N SER E 154 22.67 0.54 -19.35
CA SER E 154 22.71 1.62 -18.37
C SER E 154 23.09 2.90 -19.11
N ASN E 155 22.91 4.02 -18.42
CA ASN E 155 23.22 5.33 -18.97
C ASN E 155 24.01 6.14 -17.94
N ARG E 156 24.82 7.07 -18.43
CA ARG E 156 25.62 7.93 -17.60
C ARG E 156 25.34 9.38 -17.98
N LEU E 157 25.28 10.25 -16.98
CA LEU E 157 25.06 11.68 -17.21
C LEU E 157 26.42 12.35 -17.09
N LEU E 158 27.09 12.50 -18.23
CA LEU E 158 28.44 13.03 -18.24
C LEU E 158 28.49 14.46 -17.70
N ALA E 159 29.55 14.77 -17.00
CA ALA E 159 29.67 16.12 -16.46
C ALA E 159 30.66 16.95 -17.27
N PRO E 160 30.41 18.24 -17.42
CA PRO E 160 31.38 19.10 -18.10
C PRO E 160 32.66 19.23 -17.28
N SER E 161 33.76 19.44 -17.98
CA SER E 161 35.05 19.52 -17.32
C SER E 161 35.99 20.37 -18.16
N ASP E 162 37.24 20.45 -17.71
CA ASP E 162 38.30 21.17 -18.41
C ASP E 162 39.50 20.29 -18.72
N SER E 163 39.49 19.03 -18.31
CA SER E 163 40.60 18.11 -18.49
C SER E 163 40.05 16.75 -18.91
N PRO E 164 40.86 15.94 -19.59
CA PRO E 164 40.42 14.58 -19.92
C PRO E 164 40.13 13.78 -18.67
N GLU E 165 39.08 12.97 -18.74
CA GLU E 165 38.65 12.12 -17.63
C GLU E 165 38.36 10.73 -18.15
N TRP E 166 38.64 9.73 -17.32
CA TRP E 166 38.28 8.36 -17.64
C TRP E 166 36.83 8.09 -17.26
N LEU E 167 36.30 7.00 -17.81
CA LEU E 167 34.91 6.63 -17.59
C LEU E 167 34.82 5.15 -17.26
N SER E 168 33.89 4.80 -16.39
CA SER E 168 33.72 3.41 -15.96
C SER E 168 32.26 3.01 -16.10
N PHE E 169 32.03 1.89 -16.78
CA PHE E 169 30.71 1.28 -16.87
C PHE E 169 30.82 -0.14 -16.34
N ASP E 170 29.84 -0.55 -15.53
CA ASP E 170 29.83 -1.89 -14.96
C ASP E 170 29.14 -2.84 -15.94
N VAL E 171 29.91 -3.77 -16.50
CA VAL E 171 29.39 -4.69 -17.50
C VAL E 171 29.63 -6.14 -17.10
N THR E 172 29.59 -6.43 -15.81
CA THR E 172 29.94 -7.77 -15.34
C THR E 172 29.01 -8.84 -15.92
N GLY E 173 27.71 -8.58 -15.92
CA GLY E 173 26.76 -9.60 -16.36
C GLY E 173 26.95 -9.97 -17.82
N VAL E 174 27.13 -8.97 -18.67
CA VAL E 174 27.24 -9.26 -20.10
C VAL E 174 28.53 -9.99 -20.39
N VAL E 175 29.60 -9.71 -19.64
CA VAL E 175 30.85 -10.42 -19.86
C VAL E 175 30.73 -11.87 -19.40
N ARG E 176 30.07 -12.11 -18.27
CA ARG E 176 29.83 -13.48 -17.85
C ARG E 176 28.99 -14.23 -18.88
N GLN E 177 28.02 -13.55 -19.48
CA GLN E 177 27.20 -14.20 -20.49
C GLN E 177 28.00 -14.49 -21.75
N TRP E 178 28.92 -13.59 -22.11
CA TRP E 178 29.76 -13.82 -23.29
C TRP E 178 30.69 -14.99 -23.07
N LEU E 179 31.27 -15.10 -21.87
CA LEU E 179 32.21 -16.19 -21.60
C LEU E 179 31.54 -17.55 -21.75
N SER E 180 30.22 -17.61 -21.53
CA SER E 180 29.50 -18.88 -21.58
C SER E 180 28.88 -19.14 -22.96
N ARG E 181 28.02 -18.23 -23.41
CA ARG E 181 27.23 -18.45 -24.63
C ARG E 181 27.65 -17.57 -25.79
N GLY E 182 28.72 -16.78 -25.65
CA GLY E 182 29.01 -15.74 -26.60
C GLY E 182 29.69 -16.24 -27.85
N GLY E 183 29.58 -15.45 -28.91
CA GLY E 183 30.27 -15.71 -30.16
C GLY E 183 31.70 -15.23 -30.12
N GLU E 184 32.31 -15.19 -31.31
CA GLU E 184 33.73 -14.84 -31.38
C GLU E 184 33.95 -13.35 -31.15
N ILE E 185 33.11 -12.50 -31.73
CA ILE E 185 33.22 -11.05 -31.58
C ILE E 185 31.94 -10.53 -30.96
N GLU E 186 32.07 -9.75 -29.89
CA GLU E 186 30.94 -9.13 -29.22
C GLU E 186 31.28 -7.68 -28.94
N GLY E 187 30.24 -6.86 -28.76
CA GLY E 187 30.52 -5.44 -28.61
C GLY E 187 29.38 -4.69 -27.95
N PHE E 188 29.65 -3.42 -27.67
CA PHE E 188 28.72 -2.49 -27.06
C PHE E 188 28.42 -1.36 -28.05
N ARG E 189 27.54 -0.46 -27.62
CA ARG E 189 27.21 0.73 -28.39
C ARG E 189 27.03 1.89 -27.42
N LEU E 190 27.65 3.02 -27.72
CA LEU E 190 27.56 4.21 -26.89
C LEU E 190 26.87 5.30 -27.71
N SER E 191 25.60 5.53 -27.43
CA SER E 191 24.80 6.47 -28.19
C SER E 191 24.24 7.54 -27.26
N ALA E 192 23.99 8.71 -27.83
CA ALA E 192 23.38 9.80 -27.06
C ALA E 192 21.96 9.41 -26.65
N HIS E 193 21.39 10.22 -25.77
CA HIS E 193 20.07 9.93 -25.21
C HIS E 193 19.00 10.63 -26.03
N CYS E 194 18.12 9.85 -26.65
CA CYS E 194 17.09 10.37 -27.54
C CYS E 194 15.73 10.21 -26.86
N SER E 195 15.18 11.31 -26.38
CA SER E 195 13.77 11.33 -26.03
C SER E 195 12.94 11.42 -27.30
N CYS E 196 11.72 10.88 -27.25
CA CYS E 196 10.89 10.88 -28.44
C CYS E 196 10.58 12.30 -28.90
N ASP E 197 10.47 13.24 -27.97
CA ASP E 197 10.28 14.64 -28.34
C ASP E 197 11.54 15.24 -28.95
N SER E 198 12.71 14.63 -28.73
CA SER E 198 13.96 15.11 -29.30
C SER E 198 14.10 14.50 -30.68
N ARG E 199 13.72 15.26 -31.70
CA ARG E 199 13.79 14.77 -33.07
C ARG E 199 15.23 14.49 -33.49
N ASP E 200 16.13 15.41 -33.18
CA ASP E 200 17.53 15.30 -33.58
C ASP E 200 18.41 15.28 -32.33
N ASN E 201 19.23 14.25 -32.21
CA ASN E 201 20.20 14.16 -31.13
C ASN E 201 21.48 13.57 -31.68
N THR E 202 22.62 14.09 -31.20
CA THR E 202 23.92 13.67 -31.71
C THR E 202 24.87 13.44 -30.54
N LEU E 203 25.91 12.65 -30.80
CA LEU E 203 26.90 12.32 -29.78
C LEU E 203 28.02 13.34 -29.87
N GLN E 204 27.92 14.39 -29.06
CA GLN E 204 28.85 15.51 -29.12
C GLN E 204 30.13 15.27 -28.32
N VAL E 205 30.20 14.22 -27.52
CA VAL E 205 31.37 13.93 -26.71
C VAL E 205 32.36 13.14 -27.53
N ASP E 206 33.64 13.46 -27.37
CA ASP E 206 34.71 12.84 -28.14
C ASP E 206 35.56 11.96 -27.23
N ILE E 207 35.82 10.73 -27.68
CA ILE E 207 36.65 9.79 -26.95
C ILE E 207 37.77 9.32 -27.88
N ASN E 208 38.82 8.78 -27.27
CA ASN E 208 39.99 8.36 -28.03
C ASN E 208 39.68 7.15 -28.89
N GLY E 209 40.61 6.84 -29.78
CA GLY E 209 40.48 5.70 -30.69
C GLY E 209 39.61 5.97 -31.88
N PHE E 210 38.69 6.92 -31.77
CA PHE E 210 37.73 7.20 -32.84
C PHE E 210 37.97 8.56 -33.46
N MET E 224 46.58 3.95 -28.59
CA MET E 224 46.66 5.13 -27.73
C MET E 224 45.41 5.25 -26.86
N ASN E 225 45.32 4.39 -25.85
CA ASN E 225 44.23 4.40 -24.87
C ASN E 225 42.87 4.14 -25.54
N ARG E 226 42.79 3.02 -26.25
CA ARG E 226 41.49 2.54 -26.68
C ARG E 226 40.69 2.07 -25.47
N PRO E 227 39.37 2.02 -25.59
CA PRO E 227 38.57 1.46 -24.49
C PRO E 227 38.94 0.01 -24.23
N PHE E 228 38.80 -0.42 -22.98
CA PHE E 228 39.21 -1.76 -22.60
C PHE E 228 38.36 -2.23 -21.43
N LEU E 229 38.39 -3.53 -21.19
CA LEU E 229 37.77 -4.14 -20.03
C LEU E 229 38.82 -4.32 -18.95
N LEU E 230 38.39 -4.22 -17.70
CA LEU E 230 39.29 -4.41 -16.56
C LEU E 230 38.73 -5.58 -15.75
N LEU E 231 39.11 -6.78 -16.15
CA LEU E 231 38.57 -8.00 -15.57
C LEU E 231 39.21 -8.28 -14.22
N MET E 232 38.38 -8.62 -13.23
CA MET E 232 38.84 -9.08 -11.93
C MET E 232 38.20 -10.43 -11.65
N ALA E 233 39.03 -11.47 -11.54
CA ALA E 233 38.53 -12.81 -11.31
C ALA E 233 39.49 -13.54 -10.38
N THR E 234 38.93 -14.38 -9.51
CA THR E 234 39.77 -15.19 -8.65
C THR E 234 40.60 -16.14 -9.50
N PRO E 235 41.89 -16.31 -9.19
CA PRO E 235 42.75 -17.11 -10.05
C PRO E 235 42.33 -18.58 -10.04
N LEU E 236 42.63 -19.26 -11.15
CA LEU E 236 42.26 -20.67 -11.27
C LEU E 236 42.99 -21.51 -10.24
N GLU E 237 44.25 -21.19 -9.97
CA GLU E 237 45.02 -21.94 -8.98
C GLU E 237 44.42 -21.80 -7.59
N ARG E 238 43.73 -20.71 -7.32
CA ARG E 238 43.09 -20.44 -6.03
C ARG E 238 41.59 -20.64 -6.10
N ALA E 239 41.14 -21.63 -6.87
CA ALA E 239 39.70 -21.82 -7.10
C ALA E 239 38.97 -22.16 -5.81
N GLN E 240 39.57 -23.00 -4.98
CA GLN E 240 38.96 -23.40 -3.72
C GLN E 240 39.97 -24.00 -2.77
N GLU E 261 28.54 -22.87 18.15
CA GLU E 261 27.71 -21.67 18.16
C GLU E 261 28.19 -20.69 19.22
N LYS E 262 29.38 -20.11 19.00
CA LYS E 262 29.92 -19.14 19.92
C LYS E 262 30.48 -17.90 19.24
N ASN E 263 30.76 -17.94 17.94
CA ASN E 263 31.25 -16.77 17.22
C ASN E 263 30.12 -15.77 17.00
N CYS E 264 30.51 -14.55 16.63
CA CYS E 264 29.56 -13.44 16.45
C CYS E 264 28.53 -13.77 15.37
N CYS E 265 27.27 -13.90 15.77
CA CYS E 265 26.20 -14.22 14.86
C CYS E 265 24.91 -13.65 15.41
N VAL E 266 24.04 -13.18 14.52
CA VAL E 266 22.78 -12.57 14.95
C VAL E 266 21.93 -13.60 15.67
N ARG E 267 21.34 -13.19 16.79
CA ARG E 267 20.52 -14.07 17.62
C ARG E 267 19.13 -13.49 17.74
N GLN E 268 18.12 -14.37 17.69
CA GLN E 268 16.74 -13.94 17.69
C GLN E 268 16.34 -13.37 19.04
N LEU E 269 15.54 -12.30 19.01
CA LEU E 269 14.96 -11.71 20.22
C LEU E 269 13.68 -10.99 19.81
N TYR E 270 12.56 -11.41 20.39
CA TYR E 270 11.26 -10.82 20.09
C TYR E 270 10.85 -9.95 21.27
N ILE E 271 10.60 -8.68 21.01
CA ILE E 271 10.24 -7.72 22.03
C ILE E 271 8.77 -7.36 21.86
N ASP E 272 8.02 -7.37 22.96
CA ASP E 272 6.61 -7.05 22.96
C ASP E 272 6.40 -5.84 23.87
N PHE E 273 5.79 -4.79 23.34
CA PHE E 273 5.54 -3.61 24.15
C PHE E 273 4.59 -3.91 25.30
N ARG E 274 3.56 -4.72 25.04
CA ARG E 274 2.55 -4.99 26.05
C ARG E 274 3.12 -5.80 27.21
N LYS E 275 3.85 -6.88 26.90
CA LYS E 275 4.34 -7.80 27.92
C LYS E 275 5.75 -7.46 28.39
N ASP E 276 6.71 -7.46 27.46
CA ASP E 276 8.11 -7.28 27.84
C ASP E 276 8.33 -5.90 28.46
N LEU E 277 7.72 -4.87 27.90
CA LEU E 277 7.97 -3.50 28.34
C LEU E 277 6.80 -2.91 29.11
N GLY E 278 5.59 -3.44 28.96
CA GLY E 278 4.44 -2.87 29.62
C GLY E 278 4.10 -1.47 29.14
N TRP E 279 4.09 -1.27 27.83
CA TRP E 279 3.74 0.02 27.23
C TRP E 279 2.41 -0.09 26.49
N LYS E 280 1.52 0.86 26.73
CA LYS E 280 0.20 0.88 26.11
C LYS E 280 0.01 2.07 25.19
N TRP E 281 1.00 2.95 25.08
CA TRP E 281 0.88 4.18 24.30
C TRP E 281 1.33 4.01 22.86
N ILE E 282 1.67 2.81 22.43
CA ILE E 282 1.96 2.50 21.04
C ILE E 282 0.86 1.58 20.54
N HIS E 283 0.14 2.00 19.51
CA HIS E 283 -1.04 1.25 19.10
C HIS E 283 -0.70 0.20 18.06
N GLU E 284 0.22 0.51 17.14
CA GLU E 284 0.69 -0.45 16.15
C GLU E 284 2.16 -0.17 15.92
N PRO E 285 2.99 -1.21 15.75
CA PRO E 285 2.63 -2.62 15.86
C PRO E 285 2.66 -3.12 17.29
N LYS E 286 2.03 -4.27 17.55
CA LYS E 286 2.01 -4.82 18.91
C LYS E 286 3.41 -5.21 19.38
N GLY E 287 4.29 -5.58 18.46
CA GLY E 287 5.65 -5.94 18.81
C GLY E 287 6.42 -6.27 17.56
N TYR E 288 7.74 -6.15 17.68
CA TYR E 288 8.62 -6.32 16.52
C TYR E 288 9.82 -7.17 16.92
N HIS E 289 10.52 -7.66 15.90
CA HIS E 289 11.66 -8.55 16.09
C HIS E 289 12.93 -7.71 16.16
N ALA E 290 13.34 -7.34 17.36
CA ALA E 290 14.57 -6.59 17.58
C ALA E 290 15.72 -7.53 17.93
N ASN E 291 16.01 -8.45 17.02
CA ASN E 291 17.08 -9.41 17.26
C ASN E 291 18.42 -8.70 17.40
N PHE E 292 19.35 -9.37 18.09
CA PHE E 292 20.58 -8.72 18.54
C PHE E 292 21.78 -9.57 18.19
N CYS E 293 22.96 -8.94 18.23
CA CYS E 293 24.24 -9.58 17.97
C CYS E 293 24.86 -10.07 19.27
N LEU E 294 25.45 -11.26 19.23
CA LEU E 294 26.21 -11.78 20.36
C LEU E 294 27.34 -12.65 19.85
N GLY E 295 28.52 -12.49 20.44
CA GLY E 295 29.67 -13.30 20.10
C GLY E 295 30.96 -12.52 20.18
N PRO E 296 32.00 -13.16 20.72
CA PRO E 296 33.31 -12.50 20.77
C PRO E 296 34.07 -12.71 19.47
N CYS E 297 34.90 -11.73 19.15
CA CYS E 297 35.73 -11.73 17.94
C CYS E 297 37.17 -11.62 18.39
N PRO E 298 37.80 -12.75 18.74
CA PRO E 298 39.15 -12.70 19.30
C PRO E 298 40.17 -12.22 18.29
N TYR E 299 41.17 -11.50 18.78
CA TYR E 299 42.28 -11.07 17.93
C TYR E 299 43.11 -12.29 17.54
N ILE E 300 43.70 -12.23 16.34
CA ILE E 300 44.49 -13.33 15.81
C ILE E 300 45.91 -12.82 15.65
N TRP E 301 46.82 -13.31 16.51
CA TRP E 301 48.21 -12.87 16.47
C TRP E 301 48.88 -13.53 15.27
N SER E 302 49.24 -12.72 14.28
CA SER E 302 49.68 -13.24 13.01
C SER E 302 51.12 -13.74 13.08
N LEU E 303 51.48 -14.55 12.08
CA LEU E 303 52.84 -15.03 11.89
C LEU E 303 53.17 -14.95 10.41
N ASP E 304 54.44 -15.17 10.10
CA ASP E 304 54.85 -15.16 8.69
C ASP E 304 54.58 -16.48 8.01
N THR E 305 54.30 -17.54 8.77
CA THR E 305 54.01 -18.86 8.21
C THR E 305 52.99 -19.55 9.09
N GLN E 306 51.84 -19.89 8.53
CA GLN E 306 50.76 -20.52 9.29
C GLN E 306 50.15 -21.63 8.45
N TYR E 307 49.40 -22.50 9.11
CA TYR E 307 48.75 -23.62 8.42
C TYR E 307 47.72 -23.11 7.42
N SER E 308 47.44 -23.93 6.41
CA SER E 308 46.50 -23.53 5.37
C SER E 308 45.11 -23.28 5.95
N LYS E 309 44.63 -24.18 6.81
CA LYS E 309 43.25 -24.06 7.30
C LYS E 309 43.08 -22.87 8.22
N VAL E 310 44.08 -22.56 9.05
CA VAL E 310 43.95 -21.51 10.05
C VAL E 310 43.84 -20.12 9.43
N LEU E 311 44.20 -19.96 8.15
CA LEU E 311 43.95 -18.70 7.48
C LEU E 311 42.46 -18.40 7.34
N ALA E 312 41.62 -19.44 7.36
CA ALA E 312 40.19 -19.19 7.28
C ALA E 312 39.62 -18.60 8.56
N LEU E 313 40.40 -18.58 9.64
CA LEU E 313 39.92 -17.95 10.88
C LEU E 313 40.00 -16.43 10.79
N TYR E 314 40.97 -15.90 10.04
CA TYR E 314 41.05 -14.45 9.85
C TYR E 314 39.77 -13.91 9.20
N ASN E 315 39.26 -14.63 8.20
CA ASN E 315 38.11 -14.15 7.44
C ASN E 315 36.86 -14.00 8.29
N GLN E 316 36.72 -14.79 9.35
CA GLN E 316 35.51 -14.73 10.16
C GLN E 316 35.74 -14.21 11.58
N HIS E 317 36.98 -13.90 11.96
CA HIS E 317 37.24 -13.39 13.29
C HIS E 317 37.90 -12.02 13.31
N ASN E 318 38.47 -11.56 12.20
CA ASN E 318 39.06 -10.23 12.16
C ASN E 318 39.22 -9.78 10.71
N PRO E 319 38.13 -9.61 9.97
CA PRO E 319 38.26 -9.26 8.54
C PRO E 319 38.90 -7.91 8.31
N GLY E 320 38.63 -6.93 9.16
CA GLY E 320 39.14 -5.59 8.99
C GLY E 320 40.53 -5.36 9.52
N ALA E 321 41.14 -6.37 10.13
CA ALA E 321 42.49 -6.27 10.70
C ALA E 321 42.57 -5.11 11.69
N SER E 322 41.52 -4.95 12.50
CA SER E 322 41.53 -3.92 13.52
C SER E 322 42.34 -4.37 14.72
N ALA E 323 42.64 -3.41 15.59
CA ALA E 323 43.44 -3.70 16.77
C ALA E 323 42.62 -4.30 17.90
N ALA E 324 41.29 -4.26 17.81
CA ALA E 324 40.42 -4.83 18.84
C ALA E 324 39.05 -5.07 18.23
N PRO E 325 38.89 -6.16 17.47
CA PRO E 325 37.63 -6.40 16.76
C PRO E 325 36.46 -6.52 17.73
N CYS E 326 35.31 -6.03 17.27
CA CYS E 326 34.11 -5.91 18.09
C CYS E 326 32.92 -6.35 17.24
N CYS E 327 32.06 -7.21 17.80
CA CYS E 327 30.95 -7.75 17.03
C CYS E 327 29.85 -6.69 16.92
N VAL E 328 29.68 -6.13 15.72
CA VAL E 328 28.75 -5.02 15.51
C VAL E 328 27.79 -5.40 14.39
N PRO E 329 26.59 -4.82 14.39
CA PRO E 329 25.61 -5.13 13.34
C PRO E 329 26.10 -4.65 11.98
N GLN E 330 25.66 -5.35 10.94
CA GLN E 330 26.08 -5.08 9.58
C GLN E 330 24.98 -4.51 8.69
N ALA E 331 23.72 -4.86 8.96
CA ALA E 331 22.61 -4.42 8.11
C ALA E 331 21.40 -4.16 9.00
N LEU E 332 20.96 -2.91 9.05
CA LEU E 332 19.85 -2.50 9.89
C LEU E 332 18.67 -2.07 9.03
N GLU E 333 17.46 -2.35 9.53
CA GLU E 333 16.23 -1.98 8.87
C GLU E 333 15.33 -1.20 9.82
N PRO E 334 14.58 -0.24 9.31
CA PRO E 334 13.82 0.66 10.18
C PRO E 334 12.45 0.12 10.55
N LEU E 335 11.86 0.75 11.56
CA LEU E 335 10.54 0.37 12.08
C LEU E 335 9.65 1.59 12.18
N PRO E 336 8.48 1.61 11.54
CA PRO E 336 7.50 2.67 11.79
C PRO E 336 6.48 2.27 12.85
N ILE E 337 6.13 3.24 13.70
CA ILE E 337 5.16 3.03 14.76
C ILE E 337 4.09 4.11 14.67
N VAL E 338 2.94 3.84 15.28
CA VAL E 338 1.82 4.77 15.33
C VAL E 338 1.49 5.04 16.79
N TYR E 339 1.82 6.23 17.27
CA TYR E 339 1.58 6.58 18.66
C TYR E 339 0.93 7.94 18.74
N TYR E 340 0.18 8.14 19.82
CA TYR E 340 -0.53 9.38 20.10
C TYR E 340 0.33 10.37 20.86
N VAL E 341 0.12 11.65 20.54
CA VAL E 341 0.61 12.76 21.34
C VAL E 341 -0.60 13.63 21.67
N GLY E 342 -0.94 13.70 22.95
CA GLY E 342 -2.13 14.44 23.35
C GLY E 342 -3.39 13.92 22.68
N ARG E 343 -3.91 14.71 21.75
CA ARG E 343 -5.14 14.40 21.03
C ARG E 343 -4.89 13.95 19.60
N LYS E 344 -3.67 14.10 19.09
CA LYS E 344 -3.37 13.77 17.71
C LYS E 344 -2.63 12.45 17.59
N PRO E 345 -3.02 11.59 16.66
CA PRO E 345 -2.25 10.39 16.37
C PRO E 345 -1.15 10.68 15.36
N LYS E 346 -0.05 9.95 15.50
CA LYS E 346 1.13 10.16 14.69
C LYS E 346 1.61 8.84 14.10
N VAL E 347 2.18 8.93 12.90
CA VAL E 347 2.83 7.80 12.25
C VAL E 347 4.27 8.20 12.03
N GLU E 348 5.19 7.57 12.77
CA GLU E 348 6.59 7.94 12.73
C GLU E 348 7.44 6.71 12.43
N GLN E 349 8.50 6.91 11.67
CA GLN E 349 9.43 5.85 11.29
C GLN E 349 10.69 5.99 12.12
N LEU E 350 10.95 5.00 12.98
CA LEU E 350 12.20 4.94 13.73
C LEU E 350 13.21 4.15 12.92
N SER E 351 14.37 4.75 12.67
CA SER E 351 15.33 4.20 11.73
C SER E 351 16.36 3.32 12.43
N ASN E 352 16.89 2.36 11.67
CA ASN E 352 17.99 1.50 12.10
C ASN E 352 17.67 0.79 13.42
N MET E 353 16.68 -0.08 13.37
CA MET E 353 16.23 -0.78 14.57
C MET E 353 16.27 -2.30 14.46
N ILE E 354 16.07 -2.87 13.28
CA ILE E 354 16.08 -4.32 13.10
C ILE E 354 17.47 -4.74 12.64
N VAL E 355 18.03 -5.74 13.30
CA VAL E 355 19.35 -6.25 12.95
C VAL E 355 19.20 -7.45 12.04
N ARG E 356 19.88 -7.41 10.89
CA ARG E 356 19.83 -8.50 9.94
C ARG E 356 21.10 -9.33 9.88
N SER E 357 22.28 -8.71 10.00
CA SER E 357 23.53 -9.43 9.98
C SER E 357 24.50 -8.79 10.96
N CYS E 358 25.38 -9.61 11.53
CA CYS E 358 26.39 -9.15 12.45
C CYS E 358 27.77 -9.53 11.89
N LYS E 359 28.71 -8.61 11.95
CA LYS E 359 30.05 -8.83 11.42
C LYS E 359 31.08 -8.32 12.41
N CYS E 360 32.16 -9.07 12.58
CA CYS E 360 33.20 -8.67 13.52
C CYS E 360 33.93 -7.43 13.03
N SER E 361 33.81 -6.35 13.80
CA SER E 361 34.41 -5.06 13.48
C SER E 361 34.03 -4.61 12.08
C1 NAG F . -35.68 19.55 -25.76
C2 NAG F . -34.95 20.73 -26.36
C3 NAG F . -33.47 20.38 -26.58
C4 NAG F . -32.84 19.84 -25.30
C5 NAG F . -33.70 18.72 -24.72
C6 NAG F . -33.22 18.26 -23.36
C7 NAG F . -36.64 21.94 -27.66
C8 NAG F . -37.13 22.28 -29.03
N2 NAG F . -35.56 21.15 -27.61
O3 NAG F . -32.77 21.53 -27.02
O4 NAG F . -31.55 19.32 -25.60
O5 NAG F . -35.05 19.15 -24.55
O6 NAG F . -33.62 19.17 -22.35
O7 NAG F . -37.19 22.35 -26.65
C1 NAG F . -30.53 20.05 -24.88
C2 NAG F . -29.35 19.11 -24.65
C3 NAG F . -28.23 19.85 -23.94
C4 NAG F . -27.85 21.13 -24.68
C5 NAG F . -29.11 21.96 -24.97
C6 NAG F . -28.86 23.14 -25.86
C7 NAG F . -30.03 16.77 -24.45
C8 NAG F . -30.44 15.66 -23.52
N2 NAG F . -29.76 17.94 -23.89
O3 NAG F . -27.09 19.00 -23.84
O4 NAG F . -26.98 21.88 -23.86
O5 NAG F . -30.10 21.16 -25.63
O6 NAG F . -28.61 22.72 -27.20
O7 NAG F . -29.94 16.59 -25.67
C1 BMA F . -25.69 22.35 -24.41
C2 BMA F . -24.79 21.18 -24.98
C3 BMA F . -23.45 21.81 -25.33
C4 BMA F . -23.65 22.93 -26.37
C5 BMA F . -24.65 23.97 -25.82
C6 BMA F . -24.95 25.07 -26.81
O2 BMA F . -25.28 20.66 -26.19
O3 BMA F . -22.46 20.86 -25.78
O4 BMA F . -22.42 23.55 -26.66
O5 BMA F . -25.87 23.31 -25.46
O6 BMA F . -23.86 25.98 -26.78
C1 MAN F . -21.61 20.57 -24.66
C2 MAN F . -20.29 21.39 -24.79
C3 MAN F . -19.38 20.80 -25.85
C4 MAN F . -19.14 19.33 -25.55
C5 MAN F . -20.48 18.60 -25.58
C6 MAN F . -20.34 17.12 -25.27
O2 MAN F . -19.52 21.30 -23.58
O3 MAN F . -18.14 21.48 -25.95
O4 MAN F . -18.28 18.76 -26.51
O5 MAN F . -21.34 19.15 -24.57
O6 MAN F . -20.01 17.00 -23.89
C1 MAN F . -19.83 22.42 -22.71
C2 MAN F . -18.54 23.23 -22.54
C3 MAN F . -17.54 22.37 -21.78
C4 MAN F . -18.13 21.88 -20.45
C5 MAN F . -19.42 21.11 -20.73
C6 MAN F . -20.15 20.71 -19.45
O2 MAN F . -18.77 24.37 -21.71
O3 MAN F . -16.33 23.09 -21.54
O4 MAN F . -17.20 21.03 -19.81
O5 MAN F . -20.33 21.95 -21.48
O6 MAN F . -19.22 20.03 -18.61
C1 MAN F . -24.32 27.34 -26.85
C2 MAN F . -23.06 28.23 -26.68
C3 MAN F . -22.58 28.14 -25.25
C4 MAN F . -23.68 28.59 -24.29
C5 MAN F . -24.89 27.65 -24.46
C6 MAN F . -26.08 28.08 -23.63
O2 MAN F . -23.37 29.60 -26.91
O3 MAN F . -21.41 28.93 -25.03
O4 MAN F . -23.23 28.50 -22.96
O5 MAN F . -25.32 27.64 -25.86
O6 MAN F . -25.60 28.72 -22.46
C1 NAG G . -35.03 -24.42 -21.68
C2 NAG G . -35.96 -24.15 -20.51
C3 NAG G . -35.16 -24.06 -19.22
C4 NAG G . -34.25 -25.28 -19.06
C5 NAG G . -33.46 -25.55 -20.33
C6 NAG G . -32.67 -26.83 -20.30
C7 NAG G . -38.04 -22.87 -20.74
C8 NAG G . -38.64 -21.51 -20.98
N2 NAG G . -36.71 -22.91 -20.73
O3 NAG G . -36.08 -23.97 -18.13
O4 NAG G . -33.31 -25.05 -18.01
O5 NAG G . -34.34 -25.62 -21.45
O6 NAG G . -32.09 -27.12 -21.56
O7 NAG G . -38.74 -23.86 -20.57
C1 NAG G . -33.80 -25.48 -16.72
C2 NAG G . -33.08 -26.76 -16.29
C3 NAG G . -33.50 -27.15 -14.87
C4 NAG G . -33.33 -25.98 -13.91
C5 NAG G . -34.06 -24.76 -14.46
C6 NAG G . -33.85 -23.52 -13.61
C7 NAG G . -32.49 -28.82 -17.46
C8 NAG G . -32.95 -29.88 -18.43
N2 NAG G . -33.36 -27.85 -17.21
O3 NAG G . -32.69 -28.25 -14.43
O4 NAG G . -33.85 -26.31 -12.64
O5 NAG G . -33.56 -24.45 -15.76
O6 NAG G . -32.95 -22.61 -14.23
O7 NAG G . -31.38 -28.87 -16.95
C1 NAG H . -23.53 -5.81 24.97
C2 NAG H . -23.46 -6.85 26.06
C3 NAG H . -22.01 -7.06 26.48
C4 NAG H . -21.14 -7.36 25.27
C5 NAG H . -21.36 -6.33 24.16
C6 NAG H . -20.67 -6.69 22.87
C7 NAG H . -24.82 -7.37 28.03
C8 NAG H . -25.64 -6.81 29.15
N2 NAG H . -24.27 -6.48 27.20
O3 NAG H . -21.94 -8.15 27.40
O4 NAG H . -19.77 -7.31 25.66
O5 NAG H . -22.76 -6.22 23.86
O6 NAG H . -20.95 -5.75 21.85
O7 NAG H . -24.66 -8.57 27.88
C1 NAG H . -19.15 -8.58 25.46
C2 NAG H . -17.66 -8.37 25.22
C3 NAG H . -16.96 -9.71 25.05
C4 NAG H . -17.25 -10.62 26.23
C5 NAG H . -18.76 -10.74 26.44
C6 NAG H . -19.13 -11.54 27.66
C7 NAG H . -17.01 -6.25 24.16
C8 NAG H . -16.84 -5.53 22.86
N2 NAG H . -17.44 -7.52 24.07
O3 NAG H . -15.55 -9.50 24.93
O4 NAG H . -16.71 -11.91 26.00
O5 NAG H . -19.33 -9.44 26.60
O6 NAG H . -20.48 -11.97 27.62
O7 NAG H . -16.79 -5.73 25.24
C1 NAG I . -68.26 19.96 14.07
C2 NAG I . -68.56 21.40 14.46
C3 NAG I . -70.06 21.60 14.63
C4 NAG I . -70.80 21.17 13.38
C5 NAG I . -70.42 19.73 13.01
C6 NAG I . -71.02 19.27 11.71
C7 NAG I . -66.73 22.48 15.68
C8 NAG I . -66.12 22.77 17.03
N2 NAG I . -67.85 21.76 15.68
O3 NAG I . -70.32 22.97 14.91
O4 NAG I . -72.20 21.24 13.57
O5 NAG I . -68.99 19.64 12.88
O6 NAG I . -70.84 17.87 11.53
O7 NAG I . -66.22 22.89 14.64
C1 NAG I . -72.74 22.36 12.83
C2 NAG I . -74.23 22.13 12.58
C3 NAG I . -74.84 23.33 11.86
C4 NAG I . -74.54 24.61 12.62
C5 NAG I . -73.03 24.74 12.85
C6 NAG I . -72.66 25.94 13.70
C7 NAG I . -74.05 20.69 10.58
C8 NAG I . -74.41 19.36 9.98
N2 NAG I . -74.47 20.90 11.83
O3 NAG I . -76.24 23.16 11.74
O4 NAG I . -74.99 25.74 11.89
O5 NAG I . -72.55 23.57 13.55
O6 NAG I . -73.78 26.43 14.42
O7 NAG I . -73.41 21.52 9.94
C1 NAG J . -49.41 1.93 21.79
C2 NAG J . -49.77 0.52 22.26
C3 NAG J . -50.15 0.53 23.73
C4 NAG J . -49.05 1.18 24.56
C5 NAG J . -48.75 2.58 24.02
C6 NAG J . -47.61 3.25 24.73
C7 NAG J . -50.67 -1.03 20.60
C8 NAG J . -51.90 -1.48 19.85
N2 NAG J . -50.85 -0.03 21.46
O3 NAG J . -50.37 -0.81 24.17
O4 NAG J . -49.45 1.29 25.92
O5 NAG J . -48.38 2.47 22.63
O6 NAG J . -46.49 3.40 23.87
O7 NAG J . -49.58 -1.57 20.43
C1 NAG J . -48.74 0.31 26.71
C2 NAG J . -48.75 0.76 28.17
C3 NAG J . -48.07 -0.28 29.06
C4 NAG J . -48.68 -1.66 28.83
C5 NAG J . -48.64 -2.00 27.35
C6 NAG J . -49.32 -3.32 27.04
C7 NAG J . -48.78 3.21 28.42
C8 NAG J . -47.94 4.44 28.56
N2 NAG J . -48.10 2.06 28.31
O3 NAG J . -48.21 0.10 30.42
O4 NAG J . -47.95 -2.64 29.57
O5 NAG J . -49.33 -0.99 26.60
O6 NAG J . -49.70 -3.39 25.67
O7 NAG J . -50.00 3.24 28.41
C1 NAG K . -32.85 19.92 -40.38
C2 NAG K . -32.16 21.24 -40.14
C3 NAG K . -33.18 22.34 -39.87
C4 NAG K . -34.20 22.40 -41.01
C5 NAG K . -34.82 21.02 -41.22
C6 NAG K . -35.75 20.97 -42.41
C7 NAG K . -29.89 21.07 -39.21
C8 NAG K . -29.06 20.98 -37.98
N2 NAG K . -31.22 21.14 -39.04
O3 NAG K . -32.52 23.60 -39.74
O4 NAG K . -35.22 23.34 -40.70
O5 NAG K . -33.78 20.05 -41.45
O6 NAG K . -36.14 22.28 -42.81
O7 NAG K . -29.39 21.10 -40.34
CA CA L . -54.82 15.73 -35.81
CA CA M . -63.60 5.71 -35.90
CA CA N . -61.80 -7.80 -39.74
CA CA O . -40.99 15.63 -40.76
C1 NAG P . -67.11 18.79 3.68
C2 NAG P . -67.98 18.85 2.42
C3 NAG P . -67.72 20.15 1.65
C4 NAG P . -67.91 21.35 2.58
C5 NAG P . -67.06 21.20 3.83
C6 NAG P . -67.31 22.29 4.85
C7 NAG P . -68.42 16.56 1.66
C8 NAG P . -68.04 15.48 0.70
N2 NAG P . -67.74 17.70 1.56
O3 NAG P . -68.60 20.24 0.54
O4 NAG P . -67.54 22.54 1.90
O5 NAG P . -67.37 19.95 4.48
O6 NAG P . -67.27 21.77 6.18
O7 NAG P . -69.31 16.40 2.49
C1 NAG Q . -45.86 26.44 18.34
C2 NAG Q . -46.05 27.88 17.88
C3 NAG Q . -45.18 28.82 18.72
C4 NAG Q . -45.46 28.62 20.20
C5 NAG Q . -45.29 27.14 20.58
C6 NAG Q . -45.69 26.85 21.99
C7 NAG Q . -46.52 28.73 15.64
C8 NAG Q . -46.08 28.78 14.21
N2 NAG Q . -45.75 28.04 16.47
O3 NAG Q . -45.45 30.17 18.36
O4 NAG Q . -44.55 29.40 20.99
O5 NAG Q . -46.14 26.34 19.74
O6 NAG Q . -47.10 26.84 22.14
O7 NAG Q . -47.54 29.31 16.02
CA CA R . -27.38 1.30 -7.86
MG MG S . -24.02 5.20 -4.62
#